data_6XS4
#
_entry.id   6XS4
#
_cell.length_a   283.101
_cell.length_b   60.974
_cell.length_c   118.951
_cell.angle_alpha   90.000
_cell.angle_beta   107.653
_cell.angle_gamma   90.000
#
_symmetry.space_group_name_H-M   'C 1 2 1'
#
loop_
_entity.id
_entity.type
_entity.pdbx_description
1 polymer 'Formate C-acetyltransferase'
2 non-polymer DI(HYDROXYETHYL)ETHER
3 non-polymer 1,2-ETHANEDIOL
4 water water
#
_entity_poly.entity_id   1
_entity_poly.type   'polypeptide(L)'
_entity_poly.pdbx_seq_one_letter_code
;GMTTLNLNTLSERIKAHKMALVHIVKPPVCTERAQHYTEMYQQHMDKPIPVRRALALAHHLAQRTIWIKHDELIVGNQAS
EVRAAPIFPEYTVSWIEKEIDDLADRPGAGFAVSEENKRVLHEICPWWRGQTVQDRCYGMFTDEQKSLLETGIIKAEGNM
TSGDAHLAVNFPLVLEKGLDGLRAKVAERRSRINLTVLDDLHGDQFLKAIDIVLEAVSLHIERFAALAREMAATESRVSR
RDELLAIAENCDAIAHEPPKTFWQALQLCYFIQLILQIESNGHSVSFARMDQYLYPYYRRDVELNQSLDREHVIELLHSC
WLKLLEVNKIRSGSHSKASAGSPLYQNVTIGGQKLVNGEPMDAVNPLSYAILESCGRLRSTQPNLSVRYHAGMSNDFLDA
CVQVIRCGFGMPAFNNDEIVIPEFIKLGVEKEDAYDYAAIGCIETAVGGKWGYRCTGMSFINFARVMLAALEGGRDATSG
KVFLPQEKALSAGNFGNFDEVMTAWDTQIRYYTRKSIEIEYVVDTMLEENVHDILCSALVDDCIERAKSIKQGGAKYDWV
SGLQVGIANLGNSLAAVKKLVFEQGVIGQQQLAAALADDFDGLTHEQLRQRLINGAPKYGNDDDSVDMLLTRAYQTYIDE
LKQYHNPRYGRGPIGGNYYAGTSSISANVPFGAATMATPDGRKAHTPLAEGASPASGTDHLGPTAVIGSVGKLPTEAILG
GVLLNQKLNPSTLENDSDRQKLMVLLRTFFEVHKGWHIQYNIVSRETLLDAKKHPDQYRDLVVRVAGYSAFFTALSPDAQ
DDIIARTEHTL
;
_entity_poly.pdbx_strand_id   A,B
#
loop_
_chem_comp.id
_chem_comp.type
_chem_comp.name
_chem_comp.formula
EDO non-polymer 1,2-ETHANEDIOL 'C2 H6 O2'
PEG non-polymer DI(HYDROXYETHYL)ETHER 'C4 H10 O3'
#
# COMPACT_ATOMS: atom_id res chain seq x y z
N MET A 2 51.43 32.47 -7.08
CA MET A 2 50.40 31.49 -6.68
C MET A 2 49.15 32.22 -6.18
N THR A 3 48.23 31.51 -5.54
CA THR A 3 47.01 32.13 -5.05
C THR A 3 47.07 32.22 -3.52
N THR A 4 46.95 33.43 -2.99
CA THR A 4 46.87 33.68 -1.55
C THR A 4 45.48 34.22 -1.25
N LEU A 5 44.76 33.54 -0.35
CA LEU A 5 43.40 33.90 0.00
C LEU A 5 43.38 34.76 1.26
N ASN A 6 42.39 35.65 1.33
CA ASN A 6 42.17 36.50 2.50
C ASN A 6 41.10 35.83 3.35
N LEU A 7 41.52 35.18 4.43
CA LEU A 7 40.66 34.33 5.23
C LEU A 7 40.18 35.00 6.51
N ASN A 8 40.27 36.33 6.57
CA ASN A 8 39.89 37.04 7.83
C ASN A 8 38.80 38.10 7.65
N THR A 9 38.51 38.51 6.44
CA THR A 9 37.55 39.59 6.24
C THR A 9 36.13 39.05 6.31
N LEU A 10 35.27 39.74 7.06
CA LEU A 10 33.84 39.51 7.04
C LEU A 10 33.14 40.86 7.12
N SER A 11 32.05 41.01 6.37
CA SER A 11 31.27 42.23 6.44
C SER A 11 30.55 42.32 7.79
N GLU A 12 30.21 43.54 8.19
CA GLU A 12 29.55 43.75 9.49
C GLU A 12 28.25 42.97 9.48
N ARG A 13 27.60 42.91 8.34
CA ARG A 13 26.32 42.21 8.16
C ARG A 13 26.50 40.73 8.49
N ILE A 14 27.54 40.11 7.95
CA ILE A 14 27.75 38.66 8.19
C ILE A 14 28.22 38.44 9.63
N LYS A 15 29.14 39.26 10.14
CA LYS A 15 29.63 39.14 11.50
C LYS A 15 28.48 39.10 12.49
N ALA A 16 27.63 40.13 12.49
CA ALA A 16 26.52 40.18 13.42
C ALA A 16 25.62 38.96 13.27
N HIS A 17 25.41 38.51 12.02
CA HIS A 17 24.53 37.37 11.79
C HIS A 17 25.12 36.10 12.38
N LYS A 18 26.40 35.82 12.08
CA LYS A 18 27.05 34.65 12.65
C LYS A 18 27.04 34.69 14.17
N MET A 19 27.29 35.86 14.75
CA MET A 19 27.28 35.97 16.21
C MET A 19 25.91 35.63 16.77
N ALA A 20 24.84 36.02 16.06
CA ALA A 20 23.50 35.77 16.57
C ALA A 20 23.20 34.28 16.63
N LEU A 21 23.67 33.51 15.63
CA LEU A 21 23.38 32.08 15.60
C LEU A 21 24.22 31.30 16.59
N VAL A 22 25.52 31.63 16.69
CA VAL A 22 26.43 30.84 17.52
C VAL A 22 26.14 31.02 19.00
N HIS A 23 25.49 32.10 19.40
CA HIS A 23 25.16 32.34 20.79
C HIS A 23 23.78 31.84 21.17
N ILE A 24 23.16 31.03 20.31
CA ILE A 24 21.94 30.30 20.65
C ILE A 24 22.40 28.97 21.26
N VAL A 25 22.38 28.91 22.59
CA VAL A 25 22.91 27.75 23.30
C VAL A 25 21.85 26.68 23.51
N LYS A 26 20.61 27.08 23.80
CA LYS A 26 19.51 26.16 24.06
C LYS A 26 18.41 26.47 23.05
N PRO A 27 18.50 25.94 21.83
CA PRO A 27 17.58 26.35 20.77
C PRO A 27 16.15 25.99 21.12
N PRO A 28 15.19 26.71 20.57
CA PRO A 28 13.77 26.42 20.85
C PRO A 28 13.25 25.31 19.94
N VAL A 29 11.97 24.98 20.13
CA VAL A 29 11.27 24.03 19.29
C VAL A 29 10.05 24.73 18.68
N CYS A 30 9.69 24.29 17.48
CA CYS A 30 8.55 24.83 16.75
C CYS A 30 7.55 23.71 16.50
N THR A 31 6.27 23.97 16.74
CA THR A 31 5.21 22.99 16.55
C THR A 31 4.32 23.30 15.36
N GLU A 32 4.61 24.35 14.60
CA GLU A 32 3.72 24.74 13.51
C GLU A 32 3.56 23.60 12.50
N ARG A 33 4.67 23.05 12.01
CA ARG A 33 4.58 21.95 11.04
C ARG A 33 3.79 20.79 11.62
N ALA A 34 4.08 20.41 12.87
CA ALA A 34 3.35 19.32 13.49
C ALA A 34 1.86 19.63 13.56
N GLN A 35 1.51 20.85 13.93
CA GLN A 35 0.10 21.23 14.02
C GLN A 35 -0.57 21.17 12.65
N HIS A 36 0.08 21.75 11.63
CA HIS A 36 -0.53 21.84 10.32
C HIS A 36 -0.59 20.48 9.62
N TYR A 37 0.42 19.63 9.84
CA TYR A 37 0.38 18.29 9.24
C TYR A 37 -0.72 17.45 9.86
N THR A 38 -0.91 17.56 11.17
CA THR A 38 -1.99 16.84 11.83
C THR A 38 -3.35 17.29 11.30
N GLU A 39 -3.54 18.61 11.17
CA GLU A 39 -4.80 19.13 10.67
C GLU A 39 -5.14 18.54 9.31
N MET A 40 -4.19 18.57 8.38
CA MET A 40 -4.45 18.05 7.03
C MET A 40 -4.53 16.53 7.02
N TYR A 41 -3.75 15.84 7.85
CA TYR A 41 -3.87 14.40 7.94
C TYR A 41 -5.27 14.00 8.40
N GLN A 42 -5.86 14.78 9.30
CA GLN A 42 -7.18 14.46 9.82
C GLN A 42 -8.28 14.82 8.83
N GLN A 43 -8.12 15.92 8.11
CA GLN A 43 -9.14 16.40 7.18
C GLN A 43 -9.01 15.80 5.79
N HIS A 44 -7.98 14.98 5.56
CA HIS A 44 -7.79 14.34 4.26
C HIS A 44 -7.43 12.87 4.40
N MET A 45 -7.96 12.19 5.43
CA MET A 45 -7.79 10.75 5.56
C MET A 45 -8.26 10.02 4.32
N ASP A 46 -9.16 10.61 3.55
CA ASP A 46 -9.71 9.96 2.37
C ASP A 46 -8.76 9.96 1.18
N LYS A 47 -7.76 10.84 1.18
CA LYS A 47 -6.85 10.93 0.05
C LYS A 47 -5.78 9.86 0.14
N PRO A 48 -5.19 9.46 -0.99
CA PRO A 48 -3.99 8.62 -0.94
C PRO A 48 -2.91 9.31 -0.13
N ILE A 49 -2.07 8.50 0.52
CA ILE A 49 -1.05 9.05 1.41
C ILE A 49 -0.16 10.06 0.70
N PRO A 50 0.34 9.79 -0.52
CA PRO A 50 1.16 10.81 -1.19
C PRO A 50 0.45 12.15 -1.37
N VAL A 51 -0.84 12.13 -1.69
CA VAL A 51 -1.58 13.37 -1.85
C VAL A 51 -1.87 14.01 -0.51
N ARG A 52 -2.17 13.20 0.51
CA ARG A 52 -2.36 13.71 1.86
C ARG A 52 -1.13 14.47 2.32
N ARG A 53 0.07 13.97 2.01
CA ARG A 53 1.28 14.65 2.42
C ARG A 53 1.51 15.93 1.63
N ALA A 54 1.09 15.96 0.37
CA ALA A 54 1.27 17.18 -0.43
C ALA A 54 0.40 18.31 0.09
N LEU A 55 -0.82 18.00 0.52
CA LEU A 55 -1.69 19.04 1.08
C LEU A 55 -1.17 19.52 2.43
N ALA A 56 -0.64 18.60 3.24
CA ALA A 56 -0.06 19.00 4.52
C ALA A 56 1.02 20.05 4.32
N LEU A 57 1.89 19.85 3.33
CA LEU A 57 2.94 20.83 3.06
C LEU A 57 2.37 22.15 2.56
N ALA A 58 1.45 22.08 1.59
CA ALA A 58 0.86 23.30 1.06
C ALA A 58 0.11 24.07 2.13
N HIS A 59 -0.58 23.36 3.02
CA HIS A 59 -1.25 24.00 4.14
C HIS A 59 -0.22 24.59 5.11
N HIS A 60 0.87 23.88 5.36
CA HIS A 60 1.91 24.38 6.25
C HIS A 60 2.57 25.62 5.67
N LEU A 61 3.05 25.53 4.43
CA LEU A 61 3.74 26.67 3.83
C LEU A 61 2.84 27.90 3.79
N ALA A 62 1.55 27.72 3.54
CA ALA A 62 0.65 28.85 3.42
C ALA A 62 0.41 29.52 4.78
N GLN A 63 0.34 28.71 5.84
CA GLN A 63 -0.05 29.21 7.15
C GLN A 63 1.11 29.47 8.09
N ARG A 64 2.27 28.85 7.86
CA ARG A 64 3.34 28.90 8.85
C ARG A 64 3.88 30.32 9.00
N THR A 65 4.66 30.53 10.05
CA THR A 65 5.30 31.80 10.30
C THR A 65 6.54 31.94 9.43
N ILE A 66 6.63 33.03 8.69
CA ILE A 66 7.84 33.36 7.94
C ILE A 66 8.32 34.74 8.38
N TRP A 67 9.60 34.99 8.12
CA TRP A 67 10.19 36.28 8.46
C TRP A 67 11.51 36.45 7.73
N ILE A 68 12.01 37.68 7.75
CA ILE A 68 13.34 38.02 7.25
C ILE A 68 14.06 38.79 8.35
N LYS A 69 15.26 38.33 8.71
CA LYS A 69 16.00 38.88 9.83
C LYS A 69 17.46 39.07 9.46
N HIS A 70 18.20 39.74 10.34
CA HIS A 70 19.65 39.84 10.26
C HIS A 70 20.11 40.49 8.96
N ASP A 71 19.28 41.34 8.37
CA ASP A 71 19.60 42.00 7.09
C ASP A 71 20.13 41.00 6.08
N GLU A 72 19.56 39.79 6.09
CA GLU A 72 20.04 38.72 5.23
C GLU A 72 19.72 39.02 3.76
N LEU A 73 20.64 38.63 2.89
CA LEU A 73 20.45 38.74 1.45
C LEU A 73 19.83 37.49 0.83
N ILE A 74 19.79 36.39 1.58
CA ILE A 74 19.18 35.15 1.14
C ILE A 74 18.12 34.80 2.17
N VAL A 75 16.86 34.69 1.72
CA VAL A 75 15.72 34.65 2.62
C VAL A 75 15.09 33.27 2.59
N GLY A 76 14.30 32.99 3.62
CA GLY A 76 13.68 31.69 3.81
C GLY A 76 14.02 31.11 5.17
N ASN A 77 13.03 31.04 6.06
CA ASN A 77 13.22 30.52 7.41
C ASN A 77 12.60 29.12 7.51
N GLN A 78 13.24 28.25 8.30
CA GLN A 78 12.74 26.89 8.44
C GLN A 78 11.56 26.82 9.40
N ALA A 79 11.61 27.58 10.49
CA ALA A 79 10.59 27.50 11.54
C ALA A 79 10.30 28.90 12.05
N SER A 80 9.41 28.96 13.05
CA SER A 80 8.89 30.24 13.50
C SER A 80 9.95 31.08 14.21
N GLU A 81 10.89 30.43 14.90
CA GLU A 81 11.94 31.13 15.63
C GLU A 81 13.30 30.74 15.06
N VAL A 82 14.32 31.48 15.49
CA VAL A 82 15.66 31.34 14.93
C VAL A 82 16.30 30.07 15.47
N ARG A 83 16.87 29.26 14.57
CA ARG A 83 17.46 27.97 14.91
C ARG A 83 16.48 27.06 15.65
N ALA A 84 15.18 27.30 15.49
CA ALA A 84 14.19 26.43 16.10
C ALA A 84 14.13 25.10 15.35
N ALA A 85 13.98 24.02 16.09
CA ALA A 85 13.84 22.70 15.49
C ALA A 85 12.35 22.39 15.32
N PRO A 86 11.88 22.07 14.12
CA PRO A 86 10.47 21.67 13.98
C PRO A 86 10.26 20.25 14.46
N ILE A 87 9.00 19.93 14.71
CA ILE A 87 8.58 18.59 15.13
C ILE A 87 7.96 17.89 13.93
N PHE A 88 8.29 16.61 13.75
CA PHE A 88 7.83 15.81 12.62
C PHE A 88 7.18 14.55 13.18
N PRO A 89 5.86 14.61 13.47
CA PRO A 89 5.24 13.51 14.23
C PRO A 89 4.98 12.25 13.43
N GLU A 90 5.00 12.31 12.10
CA GLU A 90 4.67 11.12 11.31
C GLU A 90 5.73 10.04 11.42
N TYR A 91 6.96 10.39 11.77
CA TYR A 91 8.02 9.39 11.88
C TYR A 91 7.99 8.71 13.24
N THR A 92 7.81 9.48 14.30
CA THR A 92 7.68 8.93 15.64
C THR A 92 7.25 10.02 16.59
N VAL A 93 6.52 9.63 17.63
CA VAL A 93 6.26 10.47 18.80
C VAL A 93 6.75 9.82 20.08
N SER A 94 7.36 8.64 20.00
CA SER A 94 7.72 7.89 21.20
C SER A 94 8.69 8.69 22.07
N TRP A 95 9.89 8.98 21.54
CA TRP A 95 10.86 9.72 22.34
C TRP A 95 10.34 11.10 22.71
N ILE A 96 9.40 11.66 21.94
CA ILE A 96 8.83 12.95 22.30
C ILE A 96 8.01 12.84 23.57
N GLU A 97 7.20 11.79 23.70
CA GLU A 97 6.37 11.64 24.88
C GLU A 97 7.20 11.30 26.12
N LYS A 98 8.34 10.63 25.92
CA LYS A 98 9.17 10.24 27.06
C LYS A 98 10.00 11.41 27.60
N GLU A 99 10.56 12.23 26.70
CA GLU A 99 11.55 13.22 27.07
C GLU A 99 11.00 14.65 27.08
N ILE A 100 9.68 14.80 27.14
CA ILE A 100 9.09 16.11 26.87
C ILE A 100 9.52 17.13 27.92
N ASP A 101 9.63 16.71 29.18
CA ASP A 101 10.04 17.60 30.26
C ASP A 101 11.55 17.61 30.48
N ASP A 102 12.29 16.69 29.83
CA ASP A 102 13.71 16.54 30.10
C ASP A 102 14.53 16.81 28.84
N LEU A 103 14.22 17.90 28.14
CA LEU A 103 14.96 18.28 26.93
C LEU A 103 16.00 19.37 27.19
N ALA A 104 15.87 20.13 28.27
CA ALA A 104 16.73 21.30 28.46
C ALA A 104 18.15 20.89 28.86
N ASP A 105 18.29 19.85 29.68
CA ASP A 105 19.57 19.52 30.28
C ASP A 105 20.26 18.32 29.63
N ARG A 106 19.81 17.91 28.45
CA ARG A 106 20.48 16.83 27.76
C ARG A 106 21.88 17.27 27.35
N PRO A 107 22.93 16.55 27.75
CA PRO A 107 24.31 17.02 27.49
C PRO A 107 24.61 17.12 26.00
N GLY A 108 24.87 18.33 25.54
CA GLY A 108 25.18 18.55 24.15
C GLY A 108 24.01 18.45 23.20
N ALA A 109 22.79 18.40 23.71
CA ALA A 109 21.60 18.29 22.86
C ALA A 109 20.41 18.90 23.59
N GLY A 110 20.60 20.10 24.15
CA GLY A 110 19.58 20.75 24.93
C GLY A 110 18.68 21.64 24.08
N PHE A 111 17.38 21.54 24.32
CA PHE A 111 16.38 22.38 23.66
C PHE A 111 15.45 22.98 24.69
N ALA A 112 14.92 24.15 24.38
CA ALA A 112 13.96 24.84 25.24
C ALA A 112 12.55 24.62 24.72
N VAL A 113 11.66 24.16 25.59
CA VAL A 113 10.28 23.86 25.24
C VAL A 113 9.37 24.73 26.11
N SER A 114 8.73 25.70 25.48
CA SER A 114 7.81 26.55 26.22
C SER A 114 6.58 25.77 26.64
N GLU A 115 5.93 26.22 27.73
CA GLU A 115 4.73 25.55 28.22
C GLU A 115 3.64 25.53 27.16
N GLU A 116 3.61 26.53 26.28
CA GLU A 116 2.67 26.50 25.17
C GLU A 116 2.96 25.34 24.23
N ASN A 117 4.23 25.09 23.95
CA ASN A 117 4.60 23.99 23.07
C ASN A 117 4.31 22.63 23.71
N LYS A 118 4.59 22.50 25.01
CA LYS A 118 4.21 21.29 25.72
C LYS A 118 2.71 21.04 25.61
N ARG A 119 1.93 22.12 25.61
CA ARG A 119 0.47 21.99 25.54
C ARG A 119 0.01 21.60 24.14
N VAL A 120 0.67 22.14 23.12
CA VAL A 120 0.31 21.82 21.74
C VAL A 120 0.61 20.35 21.45
N LEU A 121 1.79 19.89 21.86
CA LEU A 121 2.19 18.51 21.56
C LEU A 121 1.36 17.49 22.35
N HIS A 122 0.79 17.88 23.49
CA HIS A 122 -0.07 16.96 24.21
C HIS A 122 -1.40 16.74 23.50
N GLU A 123 -1.83 17.71 22.68
CA GLU A 123 -3.01 17.50 21.84
C GLU A 123 -2.67 16.70 20.58
N ILE A 124 -1.44 16.86 20.07
CA ILE A 124 -1.07 16.32 18.76
C ILE A 124 -0.63 14.87 18.87
N CYS A 125 0.38 14.62 19.71
CA CYS A 125 1.02 13.31 19.75
C CYS A 125 0.06 12.14 19.90
N PRO A 126 -0.89 12.15 20.84
CA PRO A 126 -1.73 10.94 21.00
C PRO A 126 -2.46 10.52 19.74
N TRP A 127 -2.84 11.46 18.87
CA TRP A 127 -3.52 11.07 17.64
C TRP A 127 -2.61 10.23 16.74
N TRP A 128 -1.30 10.47 16.80
CA TRP A 128 -0.37 9.77 15.93
C TRP A 128 0.02 8.39 16.45
N ARG A 129 -0.32 8.05 17.69
CA ARG A 129 0.02 6.73 18.21
C ARG A 129 -0.53 5.64 17.30
N GLY A 130 0.34 4.71 16.90
CA GLY A 130 -0.03 3.63 16.02
C GLY A 130 0.22 3.90 14.55
N GLN A 131 0.23 5.18 14.14
CA GLN A 131 0.37 5.53 12.73
C GLN A 131 1.78 5.95 12.33
N THR A 132 2.68 6.12 13.29
CA THR A 132 4.01 6.61 12.97
C THR A 132 4.84 5.51 12.30
N VAL A 133 5.90 5.93 11.62
CA VAL A 133 6.81 4.98 10.99
C VAL A 133 7.37 4.02 12.04
N GLN A 134 7.80 4.55 13.18
CA GLN A 134 8.42 3.71 14.19
C GLN A 134 7.45 2.68 14.74
N ASP A 135 6.21 3.11 15.05
CA ASP A 135 5.24 2.19 15.61
C ASP A 135 4.93 1.05 14.63
N ARG A 136 4.88 1.35 13.34
CA ARG A 136 4.54 0.34 12.35
C ARG A 136 5.73 -0.54 12.00
N CYS A 137 6.96 -0.07 12.18
CA CYS A 137 8.11 -0.96 12.19
C CYS A 137 7.95 -2.02 13.27
N TYR A 138 7.62 -1.59 14.49
CA TYR A 138 7.43 -2.53 15.58
C TYR A 138 6.12 -3.30 15.48
N GLY A 139 5.26 -2.96 14.52
CA GLY A 139 4.15 -3.82 14.17
C GLY A 139 4.51 -4.97 13.26
N MET A 140 5.75 -4.99 12.76
CA MET A 140 6.22 -6.03 11.86
C MET A 140 7.45 -6.79 12.36
N PHE A 141 8.26 -6.19 13.24
CA PHE A 141 9.47 -6.86 13.69
C PHE A 141 9.16 -8.20 14.35
N THR A 142 9.96 -9.21 14.04
CA THR A 142 9.95 -10.43 14.82
C THR A 142 10.50 -10.14 16.22
N ASP A 143 10.18 -11.02 17.16
CA ASP A 143 10.67 -10.84 18.53
C ASP A 143 12.19 -10.81 18.56
N GLU A 144 12.83 -11.63 17.72
CA GLU A 144 14.29 -11.61 17.65
C GLU A 144 14.81 -10.26 17.18
N GLN A 145 14.15 -9.67 16.18
CA GLN A 145 14.59 -8.38 15.68
C GLN A 145 14.34 -7.27 16.70
N LYS A 146 13.29 -7.38 17.51
CA LYS A 146 13.09 -6.42 18.58
C LYS A 146 14.17 -6.55 19.64
N SER A 147 14.56 -7.78 19.99
CA SER A 147 15.58 -7.99 21.02
C SER A 147 16.93 -7.49 20.55
N LEU A 148 17.28 -7.75 19.29
CA LEU A 148 18.55 -7.27 18.75
C LEU A 148 18.64 -5.75 18.86
N LEU A 149 17.57 -5.04 18.49
CA LEU A 149 17.57 -3.59 18.59
C LEU A 149 17.58 -3.12 20.03
N GLU A 150 16.90 -3.86 20.92
CA GLU A 150 16.86 -3.46 22.33
C GLU A 150 18.25 -3.49 22.95
N THR A 151 19.07 -4.49 22.59
CA THR A 151 20.42 -4.57 23.13
C THR A 151 21.34 -3.52 22.51
N GLY A 152 21.06 -3.11 21.28
CA GLY A 152 21.89 -2.15 20.59
C GLY A 152 23.02 -2.74 19.78
N ILE A 153 23.19 -4.06 19.79
CA ILE A 153 24.23 -4.68 18.98
C ILE A 153 24.00 -4.37 17.51
N ILE A 154 22.73 -4.25 17.10
CA ILE A 154 22.34 -3.68 15.83
C ILE A 154 21.43 -2.50 16.12
N LYS A 155 21.65 -1.37 15.44
CA LYS A 155 20.87 -0.16 15.65
C LYS A 155 20.43 0.42 14.32
N ALA A 156 19.22 1.00 14.33
CA ALA A 156 18.70 1.70 13.16
C ALA A 156 17.78 2.83 13.62
N GLU A 157 18.17 3.51 14.70
CA GLU A 157 17.30 4.51 15.31
C GLU A 157 17.09 5.71 14.37
N GLY A 158 18.12 6.10 13.64
CA GLY A 158 18.01 7.24 12.74
C GLY A 158 17.05 7.02 11.59
N ASN A 159 16.79 5.76 11.23
CA ASN A 159 15.88 5.46 10.12
C ASN A 159 14.43 5.42 10.55
N MET A 160 14.14 5.01 11.79
CA MET A 160 12.76 4.88 12.25
C MET A 160 12.19 6.19 12.78
N THR A 161 13.03 7.18 13.03
CA THR A 161 12.60 8.42 13.69
C THR A 161 12.71 9.63 12.77
N SER A 162 13.05 9.42 11.50
CA SER A 162 13.30 10.55 10.61
C SER A 162 13.17 10.11 9.16
N GLY A 163 12.98 11.09 8.29
CA GLY A 163 13.09 10.85 6.86
C GLY A 163 14.51 10.45 6.49
N ASP A 164 14.66 10.03 5.24
CA ASP A 164 15.93 9.47 4.79
C ASP A 164 16.91 10.57 4.39
N ALA A 165 16.53 11.42 3.44
CA ALA A 165 17.42 12.42 2.84
C ALA A 165 18.72 11.71 2.44
N HIS A 166 19.88 12.20 2.87
CA HIS A 166 21.16 11.60 2.48
C HIS A 166 21.30 11.54 0.96
N LEU A 167 21.12 12.69 0.31
CA LEU A 167 21.25 12.77 -1.13
C LEU A 167 21.29 14.24 -1.54
N ALA A 168 21.55 14.45 -2.83
CA ALA A 168 21.43 15.77 -3.46
C ALA A 168 20.37 15.68 -4.55
N VAL A 169 19.51 16.69 -4.63
CA VAL A 169 18.50 16.74 -5.67
C VAL A 169 19.13 17.30 -6.93
N ASN A 170 18.37 17.29 -8.03
CA ASN A 170 18.89 17.70 -9.34
C ASN A 170 18.76 19.22 -9.47
N PHE A 171 19.72 19.92 -8.86
CA PHE A 171 19.73 21.38 -8.94
C PHE A 171 19.86 21.89 -10.36
N PRO A 172 20.65 21.29 -11.25
CA PRO A 172 20.67 21.76 -12.64
C PRO A 172 19.29 21.75 -13.28
N LEU A 173 18.48 20.73 -12.98
CA LEU A 173 17.13 20.66 -13.54
C LEU A 173 16.27 21.80 -13.01
N VAL A 174 16.37 22.11 -11.72
CA VAL A 174 15.61 23.21 -11.16
C VAL A 174 16.02 24.53 -11.81
N LEU A 175 17.33 24.73 -12.01
CA LEU A 175 17.82 25.97 -12.58
C LEU A 175 17.47 26.08 -14.06
N GLU A 176 17.53 24.97 -14.80
CA GLU A 176 17.31 25.01 -16.23
C GLU A 176 15.83 25.19 -16.57
N LYS A 177 14.96 24.50 -15.84
CA LYS A 177 13.53 24.53 -16.14
C LYS A 177 12.78 25.62 -15.41
N GLY A 178 13.22 26.00 -14.22
CA GLY A 178 12.42 26.83 -13.35
C GLY A 178 11.19 26.07 -12.87
N LEU A 179 10.40 26.73 -12.03
CA LEU A 179 9.27 26.04 -11.42
C LEU A 179 8.14 25.82 -12.42
N ASP A 180 7.81 26.85 -13.22
CA ASP A 180 6.80 26.66 -14.24
C ASP A 180 7.18 25.52 -15.19
N GLY A 181 8.47 25.45 -15.57
CA GLY A 181 8.91 24.36 -16.41
C GLY A 181 8.71 23.00 -15.77
N LEU A 182 8.84 22.93 -14.44
CA LEU A 182 8.65 21.67 -13.75
C LEU A 182 7.19 21.24 -13.74
N ARG A 183 6.28 22.19 -13.48
CA ARG A 183 4.85 21.89 -13.55
C ARG A 183 4.48 21.42 -14.95
N ALA A 184 5.10 22.00 -15.97
CA ALA A 184 4.83 21.56 -17.35
C ALA A 184 5.33 20.15 -17.59
N LYS A 185 6.52 19.82 -17.07
CA LYS A 185 7.02 18.46 -17.20
C LYS A 185 6.05 17.46 -16.56
N VAL A 186 5.44 17.85 -15.43
CA VAL A 186 4.47 16.98 -14.78
C VAL A 186 3.20 16.88 -15.60
N ALA A 187 2.73 18.00 -16.15
CA ALA A 187 1.51 17.98 -16.96
C ALA A 187 1.67 17.07 -18.17
N GLU A 188 2.78 17.20 -18.89
CA GLU A 188 3.00 16.35 -20.05
C GLU A 188 3.02 14.88 -19.65
N ARG A 189 3.54 14.57 -18.46
CA ARG A 189 3.58 13.20 -18.01
C ARG A 189 2.20 12.71 -17.62
N ARG A 190 1.39 13.57 -16.98
CA ARG A 190 0.03 13.18 -16.64
C ARG A 190 -0.82 12.98 -17.88
N SER A 191 -0.51 13.69 -18.97
CA SER A 191 -1.25 13.51 -20.21
C SER A 191 -1.07 12.12 -20.80
N ARG A 192 -0.05 11.39 -20.36
CA ARG A 192 0.18 10.03 -20.80
C ARG A 192 -0.32 8.99 -19.81
N ILE A 193 -1.13 9.40 -18.84
CA ILE A 193 -1.69 8.48 -17.85
C ILE A 193 -2.91 7.80 -18.45
N ASN A 194 -2.99 6.48 -18.30
CA ASN A 194 -4.16 5.69 -18.68
C ASN A 194 -4.78 5.17 -17.39
N LEU A 195 -5.96 5.70 -17.04
CA LEU A 195 -6.60 5.38 -15.77
C LEU A 195 -7.24 3.99 -15.76
N THR A 196 -7.07 3.21 -16.84
CA THR A 196 -7.45 1.81 -16.85
C THR A 196 -6.23 0.89 -16.76
N VAL A 197 -5.08 1.44 -16.38
CA VAL A 197 -3.85 0.69 -16.17
C VAL A 197 -3.45 0.89 -14.72
N LEU A 198 -3.26 -0.22 -13.99
CA LEU A 198 -3.11 -0.13 -12.54
C LEU A 198 -1.96 0.80 -12.14
N ASP A 199 -0.77 0.56 -12.68
CA ASP A 199 0.38 1.36 -12.30
C ASP A 199 0.17 2.83 -12.61
N ASP A 200 -0.61 3.14 -13.64
CA ASP A 200 -0.90 4.53 -13.99
C ASP A 200 -1.90 5.17 -13.03
N LEU A 201 -2.78 4.37 -12.43
CA LEU A 201 -3.71 4.91 -11.45
C LEU A 201 -2.96 5.37 -10.21
N HIS A 202 -2.08 4.53 -9.67
CA HIS A 202 -1.22 4.97 -8.57
C HIS A 202 -0.30 6.08 -9.02
N GLY A 203 0.27 5.96 -10.22
CA GLY A 203 1.18 6.98 -10.73
C GLY A 203 0.53 8.36 -10.79
N ASP A 204 -0.73 8.41 -11.23
CA ASP A 204 -1.40 9.69 -11.39
C ASP A 204 -1.58 10.39 -10.04
N GLN A 205 -1.81 9.62 -8.98
CA GLN A 205 -1.94 10.22 -7.66
C GLN A 205 -0.60 10.81 -7.20
N PHE A 206 0.50 10.16 -7.53
CA PHE A 206 1.81 10.70 -7.15
C PHE A 206 2.12 11.96 -7.94
N LEU A 207 1.73 12.00 -9.22
CA LEU A 207 1.95 13.20 -10.02
C LEU A 207 1.08 14.35 -9.52
N LYS A 208 -0.16 14.06 -9.14
CA LYS A 208 -1.02 15.08 -8.55
C LYS A 208 -0.36 15.67 -7.31
N ALA A 209 0.19 14.82 -6.44
CA ALA A 209 0.89 15.30 -5.26
C ALA A 209 2.05 16.22 -5.64
N ILE A 210 2.87 15.79 -6.59
CA ILE A 210 4.01 16.61 -7.03
C ILE A 210 3.53 17.99 -7.46
N ASP A 211 2.44 18.04 -8.24
CA ASP A 211 1.97 19.31 -8.75
C ASP A 211 1.40 20.18 -7.65
N ILE A 212 0.70 19.58 -6.68
CA ILE A 212 0.25 20.33 -5.51
C ILE A 212 1.43 21.01 -4.84
N VAL A 213 2.56 20.31 -4.72
CA VAL A 213 3.71 20.83 -4.00
C VAL A 213 4.42 21.90 -4.80
N LEU A 214 4.64 21.63 -6.09
CA LEU A 214 5.28 22.64 -6.95
C LEU A 214 4.47 23.93 -6.93
N GLU A 215 3.14 23.83 -7.00
CA GLU A 215 2.29 25.02 -6.91
C GLU A 215 2.50 25.73 -5.57
N ALA A 216 2.60 24.96 -4.48
CA ALA A 216 2.77 25.56 -3.17
C ALA A 216 4.13 26.21 -3.02
N VAL A 217 5.16 25.63 -3.63
CA VAL A 217 6.50 26.22 -3.57
C VAL A 217 6.50 27.58 -4.24
N SER A 218 5.91 27.66 -5.44
CA SER A 218 5.84 28.94 -6.14
C SER A 218 5.06 29.96 -5.32
N LEU A 219 3.92 29.55 -4.76
CA LEU A 219 3.14 30.46 -3.93
C LEU A 219 3.92 30.88 -2.69
N HIS A 220 4.79 30.00 -2.17
CA HIS A 220 5.55 30.33 -0.98
C HIS A 220 6.67 31.32 -1.28
N ILE A 221 7.30 31.19 -2.45
CA ILE A 221 8.32 32.16 -2.85
C ILE A 221 7.68 33.53 -3.06
N GLU A 222 6.51 33.58 -3.70
CA GLU A 222 5.79 34.84 -3.82
C GLU A 222 5.38 35.38 -2.46
N ARG A 223 5.07 34.48 -1.51
CA ARG A 223 4.78 34.92 -0.16
C ARG A 223 5.96 35.67 0.45
N PHE A 224 7.18 35.24 0.13
CA PHE A 224 8.36 35.95 0.62
C PHE A 224 8.59 37.24 -0.16
N ALA A 225 8.33 37.24 -1.47
CA ALA A 225 8.45 38.45 -2.25
C ALA A 225 7.55 39.55 -1.70
N ALA A 226 6.32 39.20 -1.32
CA ALA A 226 5.42 40.18 -0.75
C ALA A 226 5.95 40.70 0.58
N LEU A 227 6.45 39.80 1.44
CA LEU A 227 6.98 40.22 2.72
C LEU A 227 8.12 41.22 2.57
N ALA A 228 9.04 40.94 1.64
CA ALA A 228 10.15 41.86 1.42
C ALA A 228 9.66 43.24 1.01
N ARG A 229 8.66 43.29 0.13
CA ARG A 229 8.07 44.59 -0.24
C ARG A 229 7.41 45.25 0.97
N GLU A 230 6.75 44.46 1.82
CA GLU A 230 6.12 45.01 3.00
C GLU A 230 7.15 45.62 3.94
N MET A 231 8.28 44.92 4.15
CA MET A 231 9.32 45.43 5.05
C MET A 231 10.05 46.60 4.42
N ALA A 232 10.28 46.55 3.10
CA ALA A 232 10.92 47.69 2.43
C ALA A 232 10.12 48.97 2.63
N ALA A 233 8.81 48.86 2.82
CA ALA A 233 7.99 50.05 3.02
C ALA A 233 8.26 50.68 4.38
N THR A 234 8.45 49.85 5.42
CA THR A 234 8.77 50.34 6.74
C THR A 234 10.26 50.62 6.94
N GLU A 235 11.09 50.20 5.99
CA GLU A 235 12.54 50.33 6.13
C GLU A 235 12.95 51.78 5.89
N SER A 236 13.78 52.31 6.80
CA SER A 236 14.27 53.68 6.69
C SER A 236 15.67 53.77 6.11
N ARG A 237 16.49 52.74 6.28
CA ARG A 237 17.81 52.70 5.65
C ARG A 237 17.64 52.54 4.15
N VAL A 238 18.11 53.51 3.38
CA VAL A 238 18.01 53.41 1.92
C VAL A 238 18.78 52.20 1.43
N SER A 239 19.92 51.89 2.06
CA SER A 239 20.70 50.73 1.68
C SER A 239 19.87 49.46 1.79
N ARG A 240 19.35 49.18 2.99
CA ARG A 240 18.60 47.93 3.19
C ARG A 240 17.26 47.95 2.47
N ARG A 241 16.61 49.11 2.38
CA ARG A 241 15.35 49.19 1.64
C ARG A 241 15.53 48.69 0.21
N ASP A 242 16.54 49.20 -0.48
CA ASP A 242 16.78 48.77 -1.85
C ASP A 242 17.18 47.30 -1.92
N GLU A 243 17.90 46.81 -0.91
CA GLU A 243 18.22 45.39 -0.87
C GLU A 243 16.94 44.54 -0.82
N LEU A 244 15.96 44.98 -0.03
CA LEU A 244 14.70 44.24 0.07
C LEU A 244 13.93 44.29 -1.25
N LEU A 245 13.98 45.42 -1.95
CA LEU A 245 13.36 45.50 -3.27
C LEU A 245 14.01 44.52 -4.24
N ALA A 246 15.34 44.42 -4.21
CA ALA A 246 16.03 43.48 -5.07
C ALA A 246 15.68 42.04 -4.71
N ILE A 247 15.46 41.76 -3.43
CA ILE A 247 15.03 40.42 -3.03
C ILE A 247 13.62 40.15 -3.56
N ALA A 248 12.71 41.10 -3.39
CA ALA A 248 11.36 40.94 -3.90
C ALA A 248 11.37 40.65 -5.39
N GLU A 249 12.18 41.42 -6.15
CA GLU A 249 12.26 41.19 -7.58
C GLU A 249 12.82 39.80 -7.88
N ASN A 250 13.83 39.36 -7.14
CA ASN A 250 14.44 38.06 -7.41
C ASN A 250 13.52 36.92 -7.00
N CYS A 251 12.81 37.07 -5.88
CA CYS A 251 11.78 36.09 -5.53
C CYS A 251 10.71 36.04 -6.61
N ASP A 252 10.30 37.21 -7.11
CA ASP A 252 9.32 37.24 -8.21
C ASP A 252 9.81 36.42 -9.39
N ALA A 253 11.08 36.62 -9.79
CA ALA A 253 11.60 35.94 -10.97
C ALA A 253 11.61 34.43 -10.78
N ILE A 254 12.17 33.96 -9.67
CA ILE A 254 12.37 32.53 -9.47
C ILE A 254 11.12 31.82 -8.96
N ALA A 255 10.05 32.55 -8.65
CA ALA A 255 8.80 31.91 -8.29
C ALA A 255 8.21 31.12 -9.45
N HIS A 256 8.60 31.43 -10.69
CA HIS A 256 8.06 30.75 -11.86
C HIS A 256 9.12 30.50 -12.92
N GLU A 257 9.89 31.52 -13.27
CA GLU A 257 10.80 31.43 -14.39
C GLU A 257 12.14 30.86 -13.97
N PRO A 258 12.96 30.41 -14.94
CA PRO A 258 14.34 30.05 -14.62
C PRO A 258 15.14 31.28 -14.23
N PRO A 259 15.99 31.20 -13.22
CA PRO A 259 16.73 32.38 -12.79
C PRO A 259 17.73 32.81 -13.86
N LYS A 260 18.02 34.12 -13.87
CA LYS A 260 18.94 34.69 -14.84
C LYS A 260 20.24 35.20 -14.24
N THR A 261 20.28 35.45 -12.94
CA THR A 261 21.44 36.02 -12.27
C THR A 261 21.96 35.05 -11.21
N PHE A 262 23.20 35.30 -10.77
CA PHE A 262 23.78 34.46 -9.73
C PHE A 262 22.99 34.56 -8.43
N TRP A 263 22.59 35.78 -8.05
CA TRP A 263 21.79 35.94 -6.84
C TRP A 263 20.48 35.17 -6.95
N GLN A 264 19.83 35.24 -8.11
CA GLN A 264 18.60 34.48 -8.31
C GLN A 264 18.85 32.98 -8.23
N ALA A 265 19.90 32.51 -8.92
CA ALA A 265 20.18 31.08 -8.93
C ALA A 265 20.53 30.55 -7.55
N LEU A 266 21.27 31.35 -6.76
CA LEU A 266 21.60 30.93 -5.40
C LEU A 266 20.35 30.94 -4.53
N GLN A 267 19.55 32.01 -4.61
CA GLN A 267 18.34 32.09 -3.81
C GLN A 267 17.41 30.91 -4.09
N LEU A 268 17.23 30.55 -5.37
CA LEU A 268 16.36 29.44 -5.70
C LEU A 268 16.92 28.11 -5.19
N CYS A 269 18.22 27.89 -5.38
CA CYS A 269 18.84 26.67 -4.85
C CYS A 269 18.61 26.56 -3.35
N TYR A 270 18.63 27.69 -2.64
CA TYR A 270 18.41 27.65 -1.20
C TYR A 270 16.95 27.37 -0.87
N PHE A 271 16.02 28.01 -1.58
CA PHE A 271 14.60 27.73 -1.36
C PHE A 271 14.32 26.24 -1.43
N ILE A 272 14.92 25.54 -2.39
CA ILE A 272 14.75 24.11 -2.49
C ILE A 272 15.37 23.42 -1.29
N GLN A 273 16.64 23.73 -0.99
CA GLN A 273 17.33 23.14 0.15
C GLN A 273 16.53 23.34 1.43
N LEU A 274 15.94 24.53 1.61
CA LEU A 274 15.16 24.80 2.80
C LEU A 274 13.89 23.96 2.83
N ILE A 275 13.07 24.03 1.77
CA ILE A 275 11.77 23.37 1.79
C ILE A 275 11.93 21.86 1.84
N LEU A 276 13.00 21.32 1.25
CA LEU A 276 13.27 19.90 1.40
C LEU A 276 13.30 19.51 2.86
N GLN A 277 13.89 20.36 3.69
CA GLN A 277 14.04 20.09 5.12
C GLN A 277 12.89 20.66 5.94
N ILE A 278 11.86 21.19 5.29
CA ILE A 278 10.59 21.44 5.96
C ILE A 278 9.62 20.28 5.75
N GLU A 279 9.64 19.67 4.57
CA GLU A 279 8.76 18.52 4.32
C GLU A 279 9.28 17.26 4.98
N SER A 280 10.60 17.18 5.20
CA SER A 280 11.22 15.99 5.78
C SER A 280 12.32 16.44 6.74
N ASN A 281 12.42 15.73 7.87
CA ASN A 281 13.50 15.98 8.83
C ASN A 281 14.75 15.16 8.51
N GLY A 282 14.76 14.44 7.41
CA GLY A 282 15.97 13.79 6.98
C GLY A 282 17.11 14.78 6.92
N HIS A 283 18.31 14.37 7.30
CA HIS A 283 19.47 15.24 7.26
C HIS A 283 20.43 14.76 6.18
N SER A 284 21.58 15.42 6.10
CA SER A 284 22.56 15.21 5.03
C SER A 284 22.01 15.64 3.68
N VAL A 285 21.05 16.56 3.67
CA VAL A 285 20.59 17.18 2.43
C VAL A 285 21.74 18.01 1.88
N SER A 286 22.17 17.71 0.66
CA SER A 286 23.41 18.23 0.12
C SER A 286 23.17 18.99 -1.18
N PHE A 287 24.09 19.93 -1.46
CA PHE A 287 24.03 20.73 -2.66
C PHE A 287 24.74 20.10 -3.85
N ALA A 288 25.57 19.10 -3.62
CA ALA A 288 26.35 18.48 -4.71
C ALA A 288 27.35 19.52 -5.26
N ARG A 289 27.51 19.56 -6.57
CA ARG A 289 28.60 20.33 -7.18
C ARG A 289 28.13 21.77 -7.48
N MET A 290 28.02 22.55 -6.41
CA MET A 290 27.58 23.94 -6.57
C MET A 290 28.55 24.74 -7.42
N ASP A 291 29.86 24.55 -7.23
CA ASP A 291 30.83 25.31 -7.99
C ASP A 291 30.73 25.07 -9.49
N GLN A 292 30.01 24.02 -9.91
CA GLN A 292 29.81 23.73 -11.33
C GLN A 292 28.50 24.31 -11.87
N TYR A 293 27.37 24.02 -11.25
CA TYR A 293 26.10 24.42 -11.84
C TYR A 293 25.71 25.86 -11.55
N LEU A 294 26.49 26.57 -10.72
CA LEU A 294 26.29 28.00 -10.53
C LEU A 294 27.35 28.85 -11.22
N TYR A 295 28.30 28.23 -11.90
CA TYR A 295 29.38 28.98 -12.53
C TYR A 295 28.88 29.81 -13.71
N PRO A 296 27.96 29.28 -14.55
CA PRO A 296 27.46 30.11 -15.66
C PRO A 296 26.95 31.46 -15.21
N TYR A 297 26.33 31.53 -14.03
CA TYR A 297 25.86 32.82 -13.51
C TYR A 297 27.02 33.64 -12.96
N TYR A 298 27.93 33.01 -12.21
CA TYR A 298 29.11 33.72 -11.73
C TYR A 298 29.89 34.33 -12.90
N ARG A 299 30.13 33.53 -13.95
CA ARG A 299 30.84 34.05 -15.12
C ARG A 299 30.08 35.19 -15.76
N ARG A 300 28.78 35.04 -15.94
CA ARG A 300 28.00 36.11 -16.59
C ARG A 300 28.03 37.37 -15.73
N ASP A 301 27.77 37.27 -14.44
CA ASP A 301 27.62 38.45 -13.60
C ASP A 301 28.95 39.05 -13.14
N VAL A 302 29.98 38.22 -12.97
CA VAL A 302 31.26 38.70 -12.44
C VAL A 302 32.23 39.03 -13.57
N GLU A 303 32.45 38.09 -14.49
CA GLU A 303 33.56 38.18 -15.44
C GLU A 303 33.15 38.81 -16.77
N LEU A 304 32.02 38.42 -17.36
CA LEU A 304 31.60 38.93 -18.69
C LEU A 304 30.94 40.30 -18.56
N ASN A 305 29.99 40.48 -17.65
CA ASN A 305 29.23 41.72 -17.57
C ASN A 305 29.63 42.61 -16.41
N GLN A 306 30.29 42.08 -15.38
CA GLN A 306 30.72 42.86 -14.22
C GLN A 306 29.53 43.58 -13.59
N SER A 307 28.44 42.84 -13.41
CA SER A 307 27.26 43.39 -12.73
C SER A 307 27.40 43.33 -11.22
N LEU A 308 28.24 42.42 -10.72
CA LEU A 308 28.55 42.43 -9.28
C LEU A 308 30.00 42.00 -9.05
N ASP A 309 30.62 42.59 -8.04
CA ASP A 309 32.01 42.29 -7.72
C ASP A 309 32.13 40.89 -7.11
N ARG A 310 33.30 40.28 -7.32
CA ARG A 310 33.56 38.96 -6.74
C ARG A 310 33.32 38.95 -5.23
N GLU A 311 33.65 40.06 -4.56
CA GLU A 311 33.45 40.14 -3.12
C GLU A 311 31.97 40.07 -2.76
N HIS A 312 31.09 40.64 -3.59
CA HIS A 312 29.65 40.54 -3.33
C HIS A 312 29.19 39.09 -3.42
N VAL A 313 29.76 38.34 -4.36
CA VAL A 313 29.46 36.91 -4.43
C VAL A 313 29.84 36.21 -3.14
N ILE A 314 30.99 36.61 -2.56
CA ILE A 314 31.42 36.02 -1.30
C ILE A 314 30.37 36.27 -0.22
N GLU A 315 29.88 37.52 -0.13
CA GLU A 315 28.90 37.84 0.89
C GLU A 315 27.60 37.07 0.68
N LEU A 316 27.20 36.90 -0.59
CA LEU A 316 26.00 36.12 -0.88
C LEU A 316 26.16 34.68 -0.44
N LEU A 317 27.32 34.07 -0.73
CA LEU A 317 27.57 32.73 -0.25
C LEU A 317 27.56 32.68 1.27
N HIS A 318 28.14 33.69 1.92
CA HIS A 318 28.04 33.79 3.38
C HIS A 318 26.59 33.80 3.82
N SER A 319 25.75 34.57 3.13
CA SER A 319 24.33 34.62 3.48
C SER A 319 23.71 33.23 3.41
N CYS A 320 24.00 32.48 2.34
CA CYS A 320 23.48 31.13 2.22
C CYS A 320 24.04 30.23 3.32
N TRP A 321 25.36 30.28 3.53
CA TRP A 321 25.98 29.42 4.54
C TRP A 321 25.32 29.61 5.90
N LEU A 322 25.00 30.85 6.28
CA LEU A 322 24.41 31.10 7.58
C LEU A 322 22.96 30.60 7.63
N LYS A 323 22.22 30.77 6.52
CA LYS A 323 20.88 30.18 6.46
C LYS A 323 20.95 28.67 6.65
N LEU A 324 21.99 28.04 6.11
CA LEU A 324 22.17 26.61 6.33
C LEU A 324 22.38 26.31 7.80
N LEU A 325 23.13 27.17 8.50
CA LEU A 325 23.34 26.96 9.93
C LEU A 325 22.05 27.17 10.72
N GLU A 326 21.15 28.02 10.23
CA GLU A 326 19.88 28.23 10.92
C GLU A 326 19.04 26.96 10.95
N VAL A 327 19.25 26.05 10.00
CA VAL A 327 18.50 24.80 10.00
C VAL A 327 18.86 24.02 11.25
N ASN A 328 17.86 23.39 11.86
CA ASN A 328 18.07 22.63 13.08
C ASN A 328 17.22 21.37 13.05
N LYS A 329 17.58 20.43 13.92
CA LYS A 329 16.90 19.13 14.00
C LYS A 329 17.07 18.59 15.41
N ILE A 330 16.00 18.09 15.99
CA ILE A 330 16.00 17.54 17.33
C ILE A 330 15.89 16.03 17.25
N ARG A 331 16.69 15.33 18.06
CA ARG A 331 16.71 13.88 18.12
C ARG A 331 16.45 13.43 19.55
N SER A 332 16.23 12.13 19.72
CA SER A 332 16.08 11.58 21.06
C SER A 332 17.38 11.71 21.84
N GLY A 333 17.30 11.46 23.14
CA GLY A 333 18.49 11.52 23.97
C GLY A 333 19.55 10.51 23.55
N SER A 334 19.12 9.28 23.25
CA SER A 334 20.06 8.24 22.87
C SER A 334 20.68 8.52 21.51
N HIS A 335 19.86 8.88 20.53
CA HIS A 335 20.36 9.08 19.17
C HIS A 335 21.22 10.34 19.07
N SER A 336 20.96 11.34 19.92
CA SER A 336 21.78 12.54 19.90
C SER A 336 23.22 12.23 20.27
N LYS A 337 23.44 11.20 21.09
CA LYS A 337 24.80 10.84 21.48
C LYS A 337 25.61 10.35 20.29
N ALA A 338 24.97 9.74 19.30
CA ALA A 338 25.63 9.36 18.06
C ALA A 338 25.74 10.52 17.09
N SER A 339 25.07 11.64 17.38
CA SER A 339 25.05 12.81 16.50
C SER A 339 25.49 14.03 17.31
N ALA A 340 26.66 13.94 17.92
CA ALA A 340 27.15 15.02 18.77
C ALA A 340 27.28 16.32 17.99
N GLY A 341 26.74 17.39 18.54
CA GLY A 341 26.85 18.70 17.96
C GLY A 341 25.64 19.19 17.17
N SER A 342 24.52 18.48 17.25
CA SER A 342 23.32 18.84 16.50
C SER A 342 23.64 19.12 15.04
N PRO A 343 24.26 18.18 14.32
CA PRO A 343 24.64 18.43 12.93
C PRO A 343 23.50 18.20 11.96
N LEU A 344 23.66 18.77 10.77
CA LEU A 344 22.78 18.50 9.64
C LEU A 344 23.51 18.06 8.39
N TYR A 345 24.85 18.15 8.36
CA TYR A 345 25.66 17.54 7.33
C TYR A 345 25.33 18.08 5.93
N GLN A 346 25.00 19.35 5.83
CA GLN A 346 24.64 19.94 4.54
C GLN A 346 25.92 20.17 3.75
N ASN A 347 26.20 19.27 2.80
CA ASN A 347 27.46 19.18 2.10
C ASN A 347 27.46 20.03 0.83
N VAL A 348 28.61 20.60 0.52
CA VAL A 348 28.85 21.30 -0.75
C VAL A 348 30.13 20.74 -1.34
N THR A 349 30.06 20.23 -2.57
CA THR A 349 31.20 19.61 -3.24
C THR A 349 31.77 20.57 -4.27
N ILE A 350 33.10 20.72 -4.25
CA ILE A 350 33.82 21.52 -5.22
C ILE A 350 35.03 20.71 -5.72
N GLY A 351 35.54 21.11 -6.87
CA GLY A 351 36.71 20.46 -7.44
C GLY A 351 36.34 19.34 -8.39
N GLY A 352 37.12 18.27 -8.36
CA GLY A 352 36.86 17.12 -9.20
C GLY A 352 37.23 17.37 -10.65
N GLN A 353 36.60 16.60 -11.53
CA GLN A 353 36.85 16.67 -12.96
C GLN A 353 35.53 16.84 -13.71
N LYS A 354 35.63 17.05 -15.01
CA LYS A 354 34.47 17.15 -15.88
C LYS A 354 34.84 16.62 -17.25
N LEU A 355 33.83 16.16 -17.97
CA LEU A 355 34.01 15.61 -19.32
C LEU A 355 33.65 16.68 -20.34
N VAL A 356 34.63 17.06 -21.15
CA VAL A 356 34.46 18.02 -22.23
C VAL A 356 34.53 17.24 -23.53
N ASN A 357 33.37 16.88 -24.08
CA ASN A 357 33.31 16.02 -25.25
C ASN A 357 33.86 14.63 -24.94
N GLY A 358 33.61 14.16 -23.72
CA GLY A 358 34.08 12.87 -23.27
C GLY A 358 35.53 12.84 -22.81
N GLU A 359 36.21 13.98 -22.78
CA GLU A 359 37.61 14.03 -22.37
C GLU A 359 37.72 14.57 -20.96
N PRO A 360 38.37 13.85 -20.03
CA PRO A 360 38.53 14.38 -18.67
C PRO A 360 39.24 15.73 -18.68
N MET A 361 38.78 16.63 -17.81
CA MET A 361 39.41 17.93 -17.64
C MET A 361 39.19 18.39 -16.21
N ASP A 362 40.16 19.15 -15.70
CA ASP A 362 40.01 19.75 -14.39
C ASP A 362 38.79 20.66 -14.36
N ALA A 363 37.92 20.47 -13.37
CA ALA A 363 36.69 21.23 -13.26
C ALA A 363 36.83 22.44 -12.36
N VAL A 364 37.98 22.63 -11.70
CA VAL A 364 38.17 23.77 -10.81
C VAL A 364 38.06 25.05 -11.63
N ASN A 365 37.30 26.02 -11.11
CA ASN A 365 37.04 27.27 -11.80
C ASN A 365 37.03 28.42 -10.78
N PRO A 366 36.94 29.68 -11.23
CA PRO A 366 36.92 30.78 -10.25
C PRO A 366 35.90 30.61 -9.15
N LEU A 367 34.68 30.15 -9.46
CA LEU A 367 33.68 29.96 -8.42
C LEU A 367 34.14 28.93 -7.39
N SER A 368 34.86 27.90 -7.85
CA SER A 368 35.45 26.93 -6.92
C SER A 368 36.31 27.66 -5.88
N TYR A 369 37.16 28.58 -6.34
CA TYR A 369 37.99 29.35 -5.43
C TYR A 369 37.14 30.21 -4.50
N ALA A 370 36.12 30.88 -5.06
CA ALA A 370 35.31 31.79 -4.26
C ALA A 370 34.53 31.05 -3.18
N ILE A 371 34.08 29.84 -3.47
CA ILE A 371 33.39 29.04 -2.46
C ILE A 371 34.38 28.59 -1.39
N LEU A 372 35.55 28.11 -1.80
CA LEU A 372 36.57 27.73 -0.84
C LEU A 372 36.95 28.92 0.04
N GLU A 373 37.16 30.08 -0.57
CA GLU A 373 37.54 31.26 0.20
C GLU A 373 36.42 31.71 1.12
N SER A 374 35.17 31.66 0.65
CA SER A 374 34.04 32.10 1.46
C SER A 374 33.92 31.27 2.73
N CYS A 375 34.16 29.95 2.63
CA CYS A 375 34.09 29.10 3.81
C CYS A 375 35.25 29.35 4.76
N GLY A 376 36.42 29.68 4.23
CA GLY A 376 37.56 29.95 5.09
C GLY A 376 37.35 31.17 5.98
N ARG A 377 36.72 32.22 5.42
CA ARG A 377 36.49 33.43 6.21
C ARG A 377 35.45 33.20 7.29
N LEU A 378 34.40 32.43 6.99
CA LEU A 378 33.28 32.27 7.92
C LEU A 378 33.60 31.24 9.00
N ARG A 379 34.28 30.16 8.65
CA ARG A 379 34.69 29.13 9.61
C ARG A 379 33.48 28.61 10.39
N SER A 380 32.44 28.23 9.67
CA SER A 380 31.20 27.71 10.23
C SER A 380 31.08 26.21 9.98
N THR A 381 30.17 25.57 10.73
CA THR A 381 29.95 24.15 10.56
C THR A 381 29.18 23.83 9.28
N GLN A 382 28.48 24.81 8.71
CA GLN A 382 27.75 24.63 7.47
C GLN A 382 28.23 25.63 6.43
N PRO A 383 28.47 25.21 5.18
CA PRO A 383 28.32 23.85 4.65
C PRO A 383 29.45 22.91 5.02
N ASN A 384 29.18 21.61 4.95
CA ASN A 384 30.23 20.59 5.09
C ASN A 384 30.99 20.54 3.76
N LEU A 385 32.11 21.23 3.69
CA LEU A 385 32.80 21.44 2.43
C LEU A 385 33.71 20.24 2.13
N SER A 386 33.50 19.63 0.97
CA SER A 386 34.31 18.52 0.48
C SER A 386 34.93 18.88 -0.85
N VAL A 387 36.22 18.58 -1.00
CA VAL A 387 36.96 18.81 -2.23
C VAL A 387 37.21 17.47 -2.90
N ARG A 388 36.89 17.39 -4.19
CA ARG A 388 37.18 16.20 -4.99
C ARG A 388 38.61 16.28 -5.49
N TYR A 389 39.48 15.45 -4.92
CA TYR A 389 40.86 15.42 -5.36
C TYR A 389 40.99 14.57 -6.62
N HIS A 390 41.92 14.98 -7.49
CA HIS A 390 42.33 14.16 -8.62
C HIS A 390 43.76 14.57 -8.98
N ALA A 391 44.50 13.62 -9.55
CA ALA A 391 45.92 13.83 -9.82
C ALA A 391 46.17 15.15 -10.54
N GLY A 392 45.26 15.54 -11.44
CA GLY A 392 45.46 16.73 -12.23
C GLY A 392 45.18 18.04 -11.54
N MET A 393 44.70 18.01 -10.30
CA MET A 393 44.42 19.25 -9.58
C MET A 393 45.72 19.98 -9.32
N SER A 394 45.70 21.30 -9.52
CA SER A 394 46.92 22.09 -9.51
C SER A 394 47.45 22.27 -8.10
N ASN A 395 48.77 22.42 -8.00
CA ASN A 395 49.38 22.73 -6.70
C ASN A 395 48.80 24.01 -6.12
N ASP A 396 48.46 24.98 -6.97
CA ASP A 396 47.93 26.25 -6.47
C ASP A 396 46.63 26.04 -5.71
N PHE A 397 45.70 25.28 -6.28
CA PHE A 397 44.42 25.06 -5.60
C PHE A 397 44.58 24.19 -4.37
N LEU A 398 45.47 23.18 -4.44
CA LEU A 398 45.68 22.31 -3.29
C LEU A 398 46.25 23.09 -2.12
N ASP A 399 47.11 24.07 -2.39
CA ASP A 399 47.63 24.91 -1.31
C ASP A 399 46.54 25.82 -0.77
N ALA A 400 45.69 26.34 -1.64
CA ALA A 400 44.54 27.11 -1.18
C ALA A 400 43.68 26.29 -0.22
N CYS A 401 43.56 24.98 -0.47
CA CYS A 401 42.82 24.13 0.44
C CYS A 401 43.52 24.00 1.78
N VAL A 402 44.84 23.83 1.77
CA VAL A 402 45.60 23.75 3.02
C VAL A 402 45.53 25.08 3.76
N GLN A 403 45.51 26.21 3.03
CA GLN A 403 45.29 27.49 3.68
C GLN A 403 44.01 27.48 4.51
N VAL A 404 42.94 26.87 3.98
CA VAL A 404 41.67 26.85 4.68
C VAL A 404 41.68 25.83 5.80
N ILE A 405 42.36 24.69 5.61
CA ILE A 405 42.50 23.71 6.68
C ILE A 405 43.15 24.35 7.89
N ARG A 406 44.05 25.31 7.68
CA ARG A 406 44.75 25.98 8.77
C ARG A 406 43.89 27.00 9.49
N CYS A 407 42.68 27.26 9.01
CA CYS A 407 41.73 28.10 9.75
C CYS A 407 41.14 27.36 10.95
N GLY A 408 41.35 26.06 11.06
CA GLY A 408 41.03 25.35 12.28
C GLY A 408 39.56 25.06 12.50
N PHE A 409 38.79 24.84 11.44
CA PHE A 409 37.39 24.43 11.58
C PHE A 409 37.11 23.13 10.82
N GLY A 410 38.16 22.40 10.45
CA GLY A 410 38.02 21.04 9.97
C GLY A 410 37.72 20.87 8.50
N MET A 411 37.81 21.92 7.70
CA MET A 411 37.46 21.89 6.30
C MET A 411 38.52 22.59 5.47
N PRO A 412 38.61 22.27 4.17
CA PRO A 412 37.82 21.23 3.49
C PRO A 412 38.32 19.81 3.76
N ALA A 413 37.40 18.85 3.71
CA ALA A 413 37.77 17.45 3.66
C ALA A 413 37.95 17.04 2.20
N PHE A 414 38.50 15.84 1.99
CA PHE A 414 38.92 15.40 0.67
C PHE A 414 38.26 14.07 0.31
N ASN A 415 37.64 14.03 -0.87
CA ASN A 415 37.29 12.79 -1.56
C ASN A 415 38.25 12.61 -2.73
N ASN A 416 38.32 11.39 -3.25
CA ASN A 416 39.38 10.98 -4.17
C ASN A 416 38.78 10.43 -5.45
N ASP A 417 38.74 11.26 -6.51
CA ASP A 417 38.29 10.80 -7.81
C ASP A 417 39.03 9.53 -8.24
N GLU A 418 40.27 9.36 -7.80
CA GLU A 418 41.11 8.27 -8.30
C GLU A 418 40.62 6.90 -7.89
N ILE A 419 39.69 6.79 -6.93
CA ILE A 419 39.08 5.53 -6.56
C ILE A 419 37.57 5.54 -6.79
N VAL A 420 36.91 6.67 -6.54
CA VAL A 420 35.46 6.73 -6.69
C VAL A 420 35.07 6.45 -8.15
N ILE A 421 35.62 7.24 -9.08
CA ILE A 421 35.19 7.14 -10.47
C ILE A 421 35.42 5.74 -11.04
N PRO A 422 36.60 5.12 -10.90
CA PRO A 422 36.76 3.75 -11.41
C PRO A 422 35.78 2.76 -10.80
N GLU A 423 35.52 2.87 -9.49
CA GLU A 423 34.69 1.87 -8.82
C GLU A 423 33.20 2.13 -9.04
N PHE A 424 32.79 3.39 -9.17
CA PHE A 424 31.42 3.68 -9.60
C PHE A 424 31.16 3.11 -10.98
N ILE A 425 32.09 3.31 -11.91
CA ILE A 425 31.96 2.73 -13.24
C ILE A 425 31.87 1.21 -13.14
N LYS A 426 32.68 0.61 -12.28
CA LYS A 426 32.62 -0.83 -12.08
C LYS A 426 31.25 -1.26 -11.60
N LEU A 427 30.64 -0.50 -10.68
CA LEU A 427 29.32 -0.84 -10.18
C LEU A 427 28.27 -0.83 -11.30
N GLY A 428 28.41 0.07 -12.26
CA GLY A 428 27.44 0.21 -13.32
C GLY A 428 26.96 1.64 -13.50
N VAL A 429 27.60 2.58 -12.82
CA VAL A 429 27.29 3.99 -13.03
C VAL A 429 27.84 4.41 -14.40
N GLU A 430 27.03 5.13 -15.16
CA GLU A 430 27.45 5.57 -16.48
C GLU A 430 28.58 6.59 -16.37
N LYS A 431 29.54 6.48 -17.29
CA LYS A 431 30.75 7.32 -17.22
C LYS A 431 30.40 8.79 -17.05
N GLU A 432 29.46 9.30 -17.83
CA GLU A 432 29.07 10.69 -17.72
C GLU A 432 28.66 11.03 -16.30
N ASP A 433 27.94 10.11 -15.64
CA ASP A 433 27.45 10.38 -14.29
C ASP A 433 28.54 10.19 -13.24
N ALA A 434 29.38 9.17 -13.40
CA ALA A 434 30.42 8.92 -12.42
C ALA A 434 31.35 10.12 -12.30
N TYR A 435 31.74 10.72 -13.42
CA TYR A 435 32.59 11.91 -13.38
C TYR A 435 31.89 13.10 -12.74
N ASP A 436 30.57 13.05 -12.60
CA ASP A 436 29.81 14.11 -11.97
C ASP A 436 29.39 13.76 -10.55
N TYR A 437 30.09 12.84 -9.90
CA TYR A 437 29.72 12.44 -8.54
C TYR A 437 30.02 13.58 -7.57
N ALA A 438 29.44 13.46 -6.38
CA ALA A 438 29.66 14.44 -5.32
C ALA A 438 29.63 13.72 -3.99
N ALA A 439 30.14 14.40 -2.97
CA ALA A 439 29.99 13.94 -1.60
C ALA A 439 28.59 14.27 -1.10
N ILE A 440 28.02 13.39 -0.30
CA ILE A 440 26.73 13.59 0.34
C ILE A 440 26.94 13.50 1.85
N GLY A 441 26.40 14.47 2.58
CA GLY A 441 26.52 14.46 4.03
C GLY A 441 27.96 14.56 4.49
N CYS A 442 28.55 13.43 4.88
CA CYS A 442 29.91 13.42 5.41
C CYS A 442 30.91 13.02 4.33
N ILE A 443 31.21 11.72 4.25
CA ILE A 443 32.21 11.23 3.32
C ILE A 443 31.63 10.39 2.19
N GLU A 444 30.40 9.90 2.34
CA GLU A 444 29.80 9.05 1.30
C GLU A 444 29.65 9.83 0.00
N THR A 445 29.60 9.09 -1.11
CA THR A 445 29.54 9.68 -2.44
C THR A 445 28.39 9.09 -3.24
N ALA A 446 27.83 9.93 -4.10
CA ALA A 446 26.74 9.52 -4.98
C ALA A 446 26.74 10.46 -6.18
N VAL A 447 25.79 10.24 -7.10
CA VAL A 447 25.59 11.10 -8.24
C VAL A 447 24.41 12.01 -7.91
N GLY A 448 24.69 13.29 -7.68
CA GLY A 448 23.65 14.24 -7.33
C GLY A 448 22.53 14.29 -8.36
N GLY A 449 21.28 14.24 -7.88
CA GLY A 449 20.13 14.36 -8.75
C GLY A 449 19.72 13.09 -9.47
N LYS A 450 20.43 11.98 -9.25
CA LYS A 450 20.11 10.74 -9.94
C LYS A 450 20.13 9.53 -9.02
N TRP A 451 20.24 9.72 -7.70
CA TRP A 451 20.55 8.66 -6.76
C TRP A 451 19.48 8.59 -5.69
N GLY A 452 19.21 7.38 -5.20
CA GLY A 452 18.29 7.18 -4.12
C GLY A 452 18.85 7.66 -2.79
N TYR A 453 18.09 7.39 -1.73
CA TYR A 453 18.49 7.83 -0.41
C TYR A 453 19.67 7.02 0.12
N ARG A 454 20.43 7.66 1.02
CA ARG A 454 21.34 6.98 1.93
C ARG A 454 22.35 6.08 1.21
N CYS A 455 23.13 6.71 0.31
CA CYS A 455 24.32 6.03 -0.19
C CYS A 455 25.13 5.46 0.97
N THR A 456 25.10 6.12 2.12
CA THR A 456 25.38 5.49 3.40
C THR A 456 24.34 5.98 4.39
N GLY A 457 24.34 5.40 5.58
CA GLY A 457 23.43 5.78 6.62
C GLY A 457 22.38 4.76 6.99
N MET A 458 22.58 3.48 6.65
CA MET A 458 21.64 2.43 7.04
C MET A 458 22.00 1.91 8.43
N SER A 459 21.74 0.63 8.69
CA SER A 459 21.82 0.13 10.05
C SER A 459 23.27 0.09 10.54
N PHE A 460 23.42 0.23 11.86
CA PHE A 460 24.72 0.19 12.52
C PHE A 460 24.93 -1.19 13.15
N ILE A 461 26.05 -1.82 12.84
CA ILE A 461 26.46 -3.06 13.48
C ILE A 461 27.67 -2.77 14.35
N ASN A 462 27.62 -3.20 15.62
CA ASN A 462 28.71 -3.02 16.56
C ASN A 462 29.67 -4.20 16.41
N PHE A 463 30.75 -3.99 15.64
CA PHE A 463 31.69 -5.07 15.38
C PHE A 463 32.34 -5.58 16.65
N ALA A 464 32.62 -4.70 17.60
CA ALA A 464 33.35 -5.11 18.80
C ALA A 464 32.51 -6.04 19.66
N ARG A 465 31.21 -5.75 19.80
CA ARG A 465 30.33 -6.62 20.58
C ARG A 465 30.15 -7.97 19.90
N VAL A 466 30.01 -7.97 18.57
CA VAL A 466 29.94 -9.24 17.84
C VAL A 466 31.23 -10.03 18.04
N MET A 467 32.37 -9.35 17.97
CA MET A 467 33.65 -10.01 18.18
C MET A 467 33.73 -10.64 19.57
N LEU A 468 33.30 -9.91 20.59
CA LEU A 468 33.28 -10.47 21.95
C LEU A 468 32.42 -11.73 22.01
N ALA A 469 31.27 -11.72 21.32
CA ALA A 469 30.42 -12.90 21.31
C ALA A 469 31.09 -14.06 20.60
N ALA A 470 31.83 -13.77 19.51
CA ALA A 470 32.55 -14.83 18.82
C ALA A 470 33.62 -15.46 19.70
N LEU A 471 34.11 -14.73 20.69
CA LEU A 471 35.13 -15.25 21.60
C LEU A 471 34.54 -15.94 22.82
N GLU A 472 33.21 -15.94 22.99
CA GLU A 472 32.60 -16.43 24.22
C GLU A 472 31.21 -16.98 23.93
N GLY A 473 31.16 -18.11 23.23
CA GLY A 473 29.92 -18.85 23.06
C GLY A 473 28.79 -18.08 22.43
N GLY A 474 29.09 -17.03 21.66
CA GLY A 474 28.05 -16.23 21.07
C GLY A 474 27.32 -15.34 22.04
N ARG A 475 27.85 -15.14 23.24
CA ARG A 475 27.20 -14.33 24.25
C ARG A 475 27.62 -12.87 24.12
N ASP A 476 26.65 -11.97 24.08
CA ASP A 476 26.92 -10.54 24.16
C ASP A 476 27.22 -10.20 25.63
N ALA A 477 28.44 -9.73 25.89
CA ALA A 477 28.85 -9.47 27.26
C ALA A 477 27.96 -8.42 27.93
N THR A 478 27.39 -7.51 27.16
CA THR A 478 26.65 -6.39 27.74
C THR A 478 25.27 -6.82 28.22
N SER A 479 24.54 -7.56 27.40
CA SER A 479 23.16 -7.92 27.70
C SER A 479 23.00 -9.33 28.24
N GLY A 480 24.00 -10.19 28.07
CA GLY A 480 23.88 -11.58 28.43
C GLY A 480 23.20 -12.46 27.40
N LYS A 481 22.56 -11.87 26.39
CA LYS A 481 21.86 -12.65 25.38
C LYS A 481 22.84 -13.43 24.52
N VAL A 482 22.45 -14.65 24.13
CA VAL A 482 23.20 -15.45 23.16
C VAL A 482 22.34 -15.59 21.91
N PHE A 483 22.51 -14.67 20.96
CA PHE A 483 21.64 -14.68 19.79
C PHE A 483 21.99 -15.82 18.83
N LEU A 484 23.27 -16.12 18.68
CA LEU A 484 23.73 -17.25 17.86
C LEU A 484 24.64 -18.12 18.72
N PRO A 485 24.15 -19.25 19.23
CA PRO A 485 25.00 -20.07 20.10
C PRO A 485 26.15 -20.71 19.33
N GLN A 486 27.23 -20.95 20.05
CA GLN A 486 28.37 -21.69 19.51
C GLN A 486 29.08 -22.37 20.67
N GLU A 487 29.87 -23.39 20.34
CA GLU A 487 30.47 -24.22 21.38
C GLU A 487 31.77 -23.63 21.91
N LYS A 488 32.55 -22.96 21.07
CA LYS A 488 33.89 -22.54 21.45
C LYS A 488 33.87 -21.17 22.12
N ALA A 489 34.62 -21.06 23.20
CA ALA A 489 34.62 -19.87 24.05
C ALA A 489 35.92 -19.83 24.84
N LEU A 490 36.39 -18.60 25.10
CA LEU A 490 37.62 -18.46 25.88
C LEU A 490 37.44 -18.96 27.31
N SER A 491 36.25 -18.77 27.88
CA SER A 491 35.98 -19.27 29.23
C SER A 491 36.23 -20.77 29.31
N ALA A 492 35.89 -21.50 28.26
CA ALA A 492 36.10 -22.95 28.24
C ALA A 492 37.51 -23.33 27.77
N GLY A 493 38.25 -22.38 27.19
CA GLY A 493 39.57 -22.70 26.68
C GLY A 493 39.57 -23.78 25.62
N ASN A 494 38.48 -23.92 24.88
CA ASN A 494 38.35 -24.98 23.89
C ASN A 494 38.61 -24.51 22.46
N PHE A 495 39.14 -23.29 22.29
CA PHE A 495 39.69 -22.90 21.00
C PHE A 495 40.98 -23.67 20.76
N GLY A 496 41.01 -24.47 19.69
CA GLY A 496 42.19 -25.26 19.41
C GLY A 496 43.33 -24.49 18.76
N ASN A 497 43.02 -23.37 18.13
CA ASN A 497 44.01 -22.52 17.46
C ASN A 497 43.30 -21.23 17.10
N PHE A 498 44.02 -20.31 16.46
CA PHE A 498 43.43 -19.03 16.13
C PHE A 498 42.54 -19.09 14.88
N ASP A 499 42.78 -20.05 13.99
CA ASP A 499 41.87 -20.21 12.85
C ASP A 499 40.45 -20.50 13.32
N GLU A 500 40.31 -21.25 14.42
CA GLU A 500 38.99 -21.49 14.98
C GLU A 500 38.38 -20.21 15.54
N VAL A 501 39.22 -19.29 16.03
CA VAL A 501 38.71 -17.99 16.47
C VAL A 501 38.10 -17.25 15.30
N MET A 502 38.82 -17.20 14.17
CA MET A 502 38.31 -16.47 13.00
C MET A 502 37.06 -17.13 12.45
N THR A 503 37.01 -18.46 12.43
CA THR A 503 35.79 -19.15 12.01
C THR A 503 34.59 -18.69 12.83
N ALA A 504 34.78 -18.53 14.14
CA ALA A 504 33.70 -18.03 14.99
C ALA A 504 33.28 -16.62 14.56
N TRP A 505 34.26 -15.73 14.36
CA TRP A 505 33.94 -14.39 13.89
C TRP A 505 33.16 -14.44 12.58
N ASP A 506 33.62 -15.23 11.62
CA ASP A 506 32.92 -15.35 10.35
C ASP A 506 31.48 -15.79 10.55
N THR A 507 31.28 -16.82 11.38
CA THR A 507 29.93 -17.35 11.58
C THR A 507 29.03 -16.34 12.27
N GLN A 508 29.55 -15.62 13.26
CA GLN A 508 28.73 -14.67 14.00
C GLN A 508 28.38 -13.46 13.14
N ILE A 509 29.36 -12.91 12.43
CA ILE A 509 29.12 -11.67 11.70
C ILE A 509 28.16 -11.90 10.53
N ARG A 510 28.22 -13.08 9.92
CA ARG A 510 27.23 -13.40 8.88
C ARG A 510 25.82 -13.36 9.45
N TYR A 511 25.63 -13.94 10.64
CA TYR A 511 24.32 -13.94 11.28
C TYR A 511 23.84 -12.50 11.52
N TYR A 512 24.68 -11.67 12.13
CA TYR A 512 24.26 -10.31 12.44
C TYR A 512 24.11 -9.47 11.18
N THR A 513 24.83 -9.81 10.11
CA THR A 513 24.63 -9.10 8.84
C THR A 513 23.24 -9.37 8.29
N ARG A 514 22.86 -10.65 8.16
CA ARG A 514 21.52 -10.99 7.69
C ARG A 514 20.45 -10.30 8.52
N LYS A 515 20.63 -10.30 9.84
CA LYS A 515 19.60 -9.70 10.71
C LYS A 515 19.56 -8.19 10.54
N SER A 516 20.70 -7.54 10.29
CA SER A 516 20.67 -6.11 10.04
C SER A 516 19.85 -5.78 8.80
N ILE A 517 19.93 -6.62 7.78
CA ILE A 517 19.21 -6.35 6.53
C ILE A 517 17.74 -6.71 6.67
N GLU A 518 17.43 -7.80 7.39
CA GLU A 518 16.04 -8.07 7.74
C GLU A 518 15.41 -6.87 8.42
N ILE A 519 16.17 -6.21 9.31
CA ILE A 519 15.65 -5.03 10.01
C ILE A 519 15.49 -3.86 9.05
N GLU A 520 16.47 -3.66 8.16
CA GLU A 520 16.38 -2.57 7.19
C GLU A 520 15.17 -2.75 6.27
N TYR A 521 14.87 -3.99 5.90
CA TYR A 521 13.75 -4.24 4.99
C TYR A 521 12.44 -3.79 5.62
N VAL A 522 12.25 -4.05 6.92
CA VAL A 522 11.05 -3.59 7.59
C VAL A 522 11.01 -2.06 7.60
N VAL A 523 12.12 -1.42 7.99
CA VAL A 523 12.12 0.03 8.15
C VAL A 523 11.97 0.73 6.81
N ASP A 524 12.78 0.32 5.81
CA ASP A 524 12.65 0.90 4.49
C ASP A 524 11.22 0.78 3.97
N THR A 525 10.58 -0.37 4.18
CA THR A 525 9.24 -0.59 3.65
C THR A 525 8.22 0.28 4.39
N MET A 526 8.41 0.52 5.68
CA MET A 526 7.51 1.39 6.41
C MET A 526 7.69 2.85 6.02
N LEU A 527 8.92 3.24 5.64
CA LEU A 527 9.13 4.59 5.11
C LEU A 527 8.48 4.73 3.74
N GLU A 528 8.60 3.71 2.89
CA GLU A 528 8.02 3.78 1.55
C GLU A 528 6.50 3.97 1.62
N GLU A 529 5.83 3.23 2.50
CA GLU A 529 4.37 3.20 2.48
C GLU A 529 3.73 4.37 3.21
N ASN A 530 4.46 5.08 4.08
CA ASN A 530 3.84 6.05 4.97
C ASN A 530 4.34 7.48 4.81
N VAL A 531 5.58 7.70 4.36
CA VAL A 531 6.15 9.04 4.36
C VAL A 531 6.86 9.34 3.04
N HIS A 532 6.10 9.39 1.95
CA HIS A 532 6.64 9.79 0.66
C HIS A 532 7.20 11.21 0.74
N ASP A 533 8.37 11.43 0.14
CA ASP A 533 8.95 12.76 -0.01
C ASP A 533 8.55 13.28 -1.40
N ILE A 534 7.61 14.23 -1.43
CA ILE A 534 7.01 14.65 -2.70
C ILE A 534 7.96 15.57 -3.47
N LEU A 535 8.46 16.62 -2.81
CA LEU A 535 9.38 17.53 -3.49
C LEU A 535 10.69 16.84 -3.81
N CYS A 536 11.25 16.10 -2.84
CA CYS A 536 12.51 15.42 -3.07
C CYS A 536 12.42 14.49 -4.27
N SER A 537 11.43 13.59 -4.26
CA SER A 537 11.24 12.69 -5.40
C SER A 537 11.11 13.48 -6.70
N ALA A 538 10.35 14.57 -6.69
CA ALA A 538 10.14 15.36 -7.89
C ALA A 538 11.45 15.83 -8.51
N LEU A 539 12.46 16.10 -7.69
CA LEU A 539 13.71 16.70 -8.14
C LEU A 539 14.84 15.70 -8.27
N VAL A 540 14.53 14.40 -8.31
CA VAL A 540 15.50 13.34 -8.52
C VAL A 540 15.09 12.54 -9.74
N ASP A 541 16.05 12.32 -10.65
CA ASP A 541 15.82 11.45 -11.80
C ASP A 541 15.70 10.01 -11.32
N ASP A 542 14.65 9.32 -11.73
CA ASP A 542 13.67 9.68 -12.78
C ASP A 542 12.28 9.45 -12.19
N CYS A 543 11.97 10.16 -11.12
CA CYS A 543 10.74 9.87 -10.39
C CYS A 543 9.50 10.37 -11.12
N ILE A 544 9.58 11.57 -11.71
CA ILE A 544 8.42 12.12 -12.41
C ILE A 544 8.05 11.21 -13.59
N GLU A 545 9.04 10.82 -14.39
CA GLU A 545 8.76 9.95 -15.52
C GLU A 545 8.20 8.61 -15.06
N ARG A 546 8.70 8.10 -13.94
CA ARG A 546 8.20 6.85 -13.38
C ARG A 546 6.97 7.04 -12.48
N ALA A 547 6.60 8.28 -12.18
CA ALA A 547 5.42 8.58 -11.38
C ALA A 547 5.42 7.79 -10.07
N LYS A 548 6.53 7.90 -9.34
CA LYS A 548 6.64 7.24 -8.04
C LYS A 548 7.83 7.81 -7.31
N SER A 549 7.87 7.57 -5.99
CA SER A 549 8.84 8.20 -5.12
C SER A 549 10.21 7.51 -5.23
N ILE A 550 11.21 8.17 -4.67
CA ILE A 550 12.55 7.59 -4.61
C ILE A 550 12.50 6.25 -3.89
N LYS A 551 11.78 6.20 -2.77
CA LYS A 551 11.74 4.99 -1.97
C LYS A 551 11.01 3.84 -2.67
N GLN A 552 10.21 4.15 -3.69
CA GLN A 552 9.51 3.12 -4.46
C GLN A 552 10.31 2.65 -5.67
N GLY A 553 11.47 3.23 -5.93
CA GLY A 553 12.30 2.86 -7.04
C GLY A 553 12.44 3.91 -8.12
N GLY A 554 12.16 5.18 -7.82
CA GLY A 554 12.14 6.22 -8.85
C GLY A 554 13.51 6.68 -9.29
N ALA A 555 14.53 6.55 -8.46
CA ALA A 555 15.83 7.10 -8.77
C ALA A 555 16.56 6.26 -9.82
N LYS A 556 17.38 6.94 -10.62
CA LYS A 556 18.16 6.25 -11.64
C LYS A 556 19.13 5.24 -11.04
N TYR A 557 19.73 5.58 -9.90
CA TYR A 557 20.66 4.71 -9.19
C TYR A 557 20.18 4.48 -7.77
N ASP A 558 20.44 3.29 -7.24
CA ASP A 558 20.05 3.00 -5.85
C ASP A 558 21.03 1.97 -5.29
N TRP A 559 22.09 2.48 -4.66
CA TRP A 559 22.94 1.69 -3.78
C TRP A 559 22.95 2.35 -2.41
N VAL A 560 23.03 1.53 -1.36
CA VAL A 560 23.05 2.00 0.01
C VAL A 560 24.07 1.20 0.81
N SER A 561 24.42 1.70 1.99
CA SER A 561 25.36 1.01 2.86
C SER A 561 25.03 1.28 4.32
N GLY A 562 25.22 0.26 5.14
CA GLY A 562 25.17 0.42 6.57
C GLY A 562 26.48 0.95 7.11
N LEU A 563 26.60 0.92 8.44
CA LEU A 563 27.76 1.49 9.13
C LEU A 563 28.30 0.49 10.11
N GLN A 564 29.57 0.12 9.94
CA GLN A 564 30.24 -0.87 10.77
C GLN A 564 31.13 -0.13 11.77
N VAL A 565 30.80 -0.25 13.05
CA VAL A 565 31.42 0.55 14.10
C VAL A 565 32.38 -0.33 14.90
N GLY A 566 33.56 0.23 15.20
CA GLY A 566 34.57 -0.48 15.98
C GLY A 566 35.63 -1.14 15.13
N ILE A 567 36.05 -0.44 14.07
CA ILE A 567 36.97 -1.03 13.11
C ILE A 567 38.31 -1.33 13.75
N ALA A 568 38.99 -0.28 14.23
CA ALA A 568 40.31 -0.48 14.84
C ALA A 568 40.24 -1.41 16.05
N ASN A 569 39.14 -1.37 16.79
CA ASN A 569 39.01 -2.24 17.95
C ASN A 569 38.94 -3.69 17.54
N LEU A 570 38.25 -3.98 16.43
CA LEU A 570 38.18 -5.35 15.94
C LEU A 570 39.57 -5.87 15.57
N GLY A 571 40.33 -5.08 14.80
CA GLY A 571 41.65 -5.52 14.40
C GLY A 571 42.62 -5.62 15.56
N ASN A 572 42.65 -4.59 16.41
CA ASN A 572 43.54 -4.61 17.57
C ASN A 572 43.20 -5.77 18.50
N SER A 573 41.91 -6.02 18.73
CA SER A 573 41.51 -7.07 19.66
C SER A 573 41.95 -8.44 19.17
N LEU A 574 41.63 -8.77 17.92
CA LEU A 574 42.03 -10.07 17.39
C LEU A 574 43.55 -10.20 17.30
N ALA A 575 44.24 -9.10 17.00
CA ALA A 575 45.70 -9.14 16.95
C ALA A 575 46.30 -9.53 18.30
N ALA A 576 45.82 -8.89 19.36
CA ALA A 576 46.30 -9.25 20.70
C ALA A 576 46.04 -10.71 21.00
N VAL A 577 44.82 -11.18 20.70
CA VAL A 577 44.49 -12.58 20.94
C VAL A 577 45.41 -13.50 20.15
N LYS A 578 45.59 -13.21 18.86
CA LYS A 578 46.37 -14.09 18.01
C LYS A 578 47.82 -14.17 18.49
N LYS A 579 48.43 -13.02 18.79
CA LYS A 579 49.84 -13.01 19.15
C LYS A 579 50.07 -13.59 20.54
N LEU A 580 49.33 -13.10 21.54
CA LEU A 580 49.67 -13.40 22.92
C LEU A 580 49.07 -14.73 23.38
N VAL A 581 47.83 -15.03 22.99
CA VAL A 581 47.20 -16.26 23.46
C VAL A 581 47.71 -17.47 22.69
N PHE A 582 47.64 -17.42 21.36
CA PHE A 582 47.89 -18.60 20.54
C PHE A 582 49.31 -18.67 19.98
N GLU A 583 49.78 -17.60 19.34
CA GLU A 583 51.10 -17.65 18.71
C GLU A 583 52.20 -17.83 19.76
N GLN A 584 52.10 -17.15 20.90
CA GLN A 584 53.15 -17.15 21.90
C GLN A 584 52.76 -17.82 23.22
N GLY A 585 51.49 -18.17 23.40
CA GLY A 585 51.07 -18.87 24.60
C GLY A 585 51.44 -18.16 25.88
N VAL A 586 51.52 -16.83 25.84
CA VAL A 586 51.86 -16.06 27.03
C VAL A 586 50.63 -15.68 27.84
N ILE A 587 49.45 -15.65 27.23
CA ILE A 587 48.19 -15.44 27.93
C ILE A 587 47.31 -16.66 27.69
N GLY A 588 46.57 -17.07 28.73
CA GLY A 588 45.66 -18.18 28.60
C GLY A 588 44.28 -17.76 28.11
N GLN A 589 43.56 -18.70 27.52
CA GLN A 589 42.21 -18.42 27.04
C GLN A 589 41.28 -18.08 28.20
N GLN A 590 41.22 -18.96 29.21
CA GLN A 590 40.40 -18.67 30.39
C GLN A 590 40.93 -17.46 31.13
N GLN A 591 42.26 -17.33 31.23
CA GLN A 591 42.87 -16.15 31.82
C GLN A 591 42.33 -14.88 31.17
N LEU A 592 42.45 -14.79 29.84
CA LEU A 592 41.93 -13.62 29.14
C LEU A 592 40.43 -13.46 29.39
N ALA A 593 39.68 -14.55 29.34
CA ALA A 593 38.23 -14.47 29.52
C ALA A 593 37.88 -13.85 30.87
N ALA A 594 38.54 -14.30 31.94
CA ALA A 594 38.22 -13.80 33.27
C ALA A 594 38.55 -12.32 33.39
N ALA A 595 39.67 -11.89 32.81
CA ALA A 595 39.99 -10.47 32.79
C ALA A 595 38.91 -9.67 32.07
N LEU A 596 38.43 -10.19 30.94
CA LEU A 596 37.42 -9.47 30.17
C LEU A 596 36.10 -9.35 30.93
N ALA A 597 35.66 -10.46 31.55
CA ALA A 597 34.43 -10.41 32.33
C ALA A 597 34.57 -9.50 33.54
N ASP A 598 35.76 -9.43 34.11
CA ASP A 598 36.02 -8.62 35.30
C ASP A 598 36.43 -7.18 34.95
N ASP A 599 36.37 -6.81 33.67
CA ASP A 599 36.76 -5.47 33.23
C ASP A 599 38.14 -5.09 33.78
N PHE A 600 39.07 -6.04 33.70
CA PHE A 600 40.47 -5.80 34.04
C PHE A 600 40.62 -5.20 35.44
N ASP A 601 39.75 -5.62 36.35
CA ASP A 601 39.79 -5.09 37.72
C ASP A 601 40.91 -5.73 38.52
N GLY A 602 41.53 -4.94 39.38
CA GLY A 602 42.62 -5.44 40.21
C GLY A 602 43.98 -5.24 39.57
N LEU A 603 44.99 -5.06 40.44
CA LEU A 603 46.33 -4.80 39.95
C LEU A 603 46.79 -5.89 38.99
N THR A 604 46.54 -7.16 39.33
CA THR A 604 46.99 -8.25 38.48
C THR A 604 46.40 -8.15 37.08
N HIS A 605 45.07 -7.98 36.99
CA HIS A 605 44.43 -7.88 35.69
C HIS A 605 44.89 -6.64 34.93
N GLU A 606 45.15 -5.54 35.65
CA GLU A 606 45.62 -4.33 34.98
C GLU A 606 46.93 -4.57 34.25
N GLN A 607 47.79 -5.43 34.81
CA GLN A 607 49.03 -5.77 34.11
C GLN A 607 48.74 -6.54 32.84
N LEU A 608 47.82 -7.50 32.89
CA LEU A 608 47.42 -8.21 31.67
C LEU A 608 46.90 -7.23 30.62
N ARG A 609 46.01 -6.33 31.03
CA ARG A 609 45.52 -5.30 30.11
C ARG A 609 46.68 -4.54 29.49
N GLN A 610 47.59 -4.08 30.33
CA GLN A 610 48.70 -3.26 29.84
C GLN A 610 49.60 -4.04 28.88
N ARG A 611 49.67 -5.37 29.04
CA ARG A 611 50.41 -6.17 28.08
C ARG A 611 49.64 -6.31 26.76
N LEU A 612 48.31 -6.36 26.81
CA LEU A 612 47.53 -6.40 25.58
C LEU A 612 47.72 -5.11 24.78
N ILE A 613 47.86 -3.98 25.47
CA ILE A 613 47.96 -2.69 24.80
C ILE A 613 49.30 -2.55 24.06
N ASN A 614 50.40 -2.74 24.79
CA ASN A 614 51.72 -2.43 24.26
C ASN A 614 52.52 -3.67 23.86
N GLY A 615 52.04 -4.87 24.18
CA GLY A 615 52.72 -6.09 23.78
C GLY A 615 52.32 -6.65 22.44
N ALA A 616 51.28 -6.10 21.81
CA ALA A 616 50.80 -6.57 20.52
C ALA A 616 50.61 -5.39 19.57
N PRO A 617 50.84 -5.60 18.28
CA PRO A 617 50.76 -4.48 17.33
C PRO A 617 49.34 -3.98 17.14
N LYS A 618 49.24 -2.71 16.76
CA LYS A 618 47.96 -2.02 16.64
C LYS A 618 47.77 -1.48 15.23
N TYR A 619 46.51 -1.32 14.85
CA TYR A 619 46.15 -0.75 13.56
C TYR A 619 46.60 0.70 13.48
N GLY A 620 47.25 1.06 12.38
CA GLY A 620 47.76 2.40 12.18
C GLY A 620 49.25 2.58 12.33
N ASN A 621 50.02 1.49 12.33
CA ASN A 621 51.49 1.56 12.37
C ASN A 621 52.13 0.89 11.16
N ASP A 622 51.35 0.56 10.13
CA ASP A 622 51.85 -0.11 8.93
C ASP A 622 52.43 -1.48 9.26
N ASP A 623 51.84 -2.16 10.25
CA ASP A 623 52.24 -3.52 10.62
C ASP A 623 51.25 -4.48 9.96
N ASP A 624 51.74 -5.27 9.00
CA ASP A 624 50.87 -6.21 8.30
C ASP A 624 50.25 -7.23 9.25
N SER A 625 50.98 -7.62 10.30
CA SER A 625 50.51 -8.65 11.21
C SER A 625 49.13 -8.32 11.76
N VAL A 626 48.81 -7.04 11.91
CA VAL A 626 47.50 -6.61 12.40
C VAL A 626 46.65 -5.98 11.31
N ASP A 627 47.26 -5.24 10.38
CA ASP A 627 46.49 -4.56 9.35
C ASP A 627 45.77 -5.56 8.45
N MET A 628 46.50 -6.55 7.92
CA MET A 628 45.88 -7.53 7.05
C MET A 628 44.91 -8.43 7.80
N LEU A 629 45.08 -8.59 9.12
CA LEU A 629 44.12 -9.36 9.89
C LEU A 629 42.79 -8.63 10.00
N LEU A 630 42.84 -7.32 10.25
CA LEU A 630 41.60 -6.53 10.24
C LEU A 630 40.92 -6.58 8.88
N THR A 631 41.70 -6.49 7.80
CA THR A 631 41.13 -6.55 6.47
C THR A 631 40.45 -7.90 6.22
N ARG A 632 41.09 -8.99 6.66
CA ARG A 632 40.50 -10.31 6.50
C ARG A 632 39.20 -10.44 7.29
N ALA A 633 39.16 -9.84 8.48
CA ALA A 633 37.92 -9.87 9.26
C ALA A 633 36.83 -9.04 8.60
N TYR A 634 37.19 -7.85 8.11
CA TYR A 634 36.22 -7.01 7.41
C TYR A 634 35.72 -7.68 6.15
N GLN A 635 36.58 -8.48 5.50
CA GLN A 635 36.23 -9.08 4.22
C GLN A 635 35.02 -10.00 4.33
N THR A 636 34.81 -10.61 5.50
CA THR A 636 33.70 -11.54 5.66
C THR A 636 32.35 -10.81 5.62
N TYR A 637 32.29 -9.62 6.24
CA TYR A 637 31.07 -8.82 6.14
C TYR A 637 30.83 -8.37 4.71
N ILE A 638 31.88 -7.87 4.05
CA ILE A 638 31.76 -7.41 2.67
C ILE A 638 31.26 -8.54 1.77
N ASP A 639 31.78 -9.75 1.96
CA ASP A 639 31.34 -10.87 1.12
C ASP A 639 29.89 -11.25 1.41
N GLU A 640 29.49 -11.22 2.68
CA GLU A 640 28.12 -11.56 3.03
C GLU A 640 27.13 -10.59 2.40
N LEU A 641 27.54 -9.33 2.18
CA LEU A 641 26.63 -8.35 1.59
C LEU A 641 26.25 -8.72 0.16
N LYS A 642 27.11 -9.46 -0.54
CA LYS A 642 26.85 -9.79 -1.94
C LYS A 642 25.68 -10.76 -2.10
N GLN A 643 25.23 -11.40 -1.03
CA GLN A 643 24.12 -12.33 -1.10
C GLN A 643 22.76 -11.65 -1.06
N TYR A 644 22.73 -10.32 -0.94
CA TYR A 644 21.50 -9.58 -0.72
C TYR A 644 21.34 -8.50 -1.78
N HIS A 645 20.08 -8.10 -1.98
CA HIS A 645 19.73 -6.90 -2.73
C HIS A 645 18.94 -5.98 -1.80
N ASN A 646 18.97 -4.68 -2.08
CA ASN A 646 18.20 -3.74 -1.29
C ASN A 646 16.77 -3.67 -1.84
N PRO A 647 15.85 -3.07 -1.10
CA PRO A 647 14.42 -3.19 -1.45
C PRO A 647 14.03 -2.58 -2.79
N ARG A 648 14.78 -1.62 -3.33
CA ARG A 648 14.44 -1.08 -4.64
C ARG A 648 14.96 -1.94 -5.79
N TYR A 649 15.63 -3.05 -5.49
CA TYR A 649 16.18 -3.90 -6.54
C TYR A 649 15.09 -4.37 -7.48
N GLY A 650 15.34 -4.25 -8.78
CA GLY A 650 14.40 -4.67 -9.79
C GLY A 650 13.16 -3.81 -9.93
N ARG A 651 13.07 -2.71 -9.20
CA ARG A 651 11.91 -1.82 -9.26
C ARG A 651 12.22 -0.53 -9.98
N GLY A 652 13.27 -0.50 -10.79
CA GLY A 652 13.58 0.65 -11.60
C GLY A 652 15.05 1.03 -11.62
N PRO A 653 15.62 1.28 -10.44
CA PRO A 653 16.98 1.82 -10.39
C PRO A 653 18.03 0.83 -10.84
N ILE A 654 19.14 1.37 -11.34
CA ILE A 654 20.33 0.57 -11.59
C ILE A 654 20.97 0.15 -10.27
N GLY A 655 21.47 -1.07 -10.21
CA GLY A 655 22.17 -1.54 -9.03
C GLY A 655 21.26 -2.20 -8.00
N GLY A 656 20.73 -1.39 -7.09
CA GLY A 656 19.86 -1.94 -6.05
C GLY A 656 20.56 -2.94 -5.15
N ASN A 657 21.80 -2.64 -4.75
CA ASN A 657 22.60 -3.54 -3.93
C ASN A 657 23.16 -2.77 -2.73
N TYR A 658 23.97 -3.47 -1.93
CA TYR A 658 24.64 -2.91 -0.77
C TYR A 658 26.15 -2.90 -0.98
N TYR A 659 26.81 -1.97 -0.28
CA TYR A 659 28.24 -2.07 -0.02
C TYR A 659 28.47 -1.61 1.42
N ALA A 660 29.75 -1.55 1.82
CA ALA A 660 30.11 -1.30 3.21
C ALA A 660 30.35 0.19 3.46
N GLY A 661 30.46 0.54 4.73
CA GLY A 661 30.68 1.93 5.11
C GLY A 661 31.19 2.04 6.54
N THR A 662 31.93 3.12 6.80
CA THR A 662 32.46 3.39 8.13
C THR A 662 32.16 4.82 8.59
N SER A 663 31.36 5.58 7.85
CA SER A 663 31.03 6.94 8.25
C SER A 663 30.06 6.91 9.42
N SER A 664 30.53 6.40 10.56
CA SER A 664 29.68 6.13 11.71
C SER A 664 29.49 7.34 12.62
N ILE A 665 29.65 8.55 12.07
CA ILE A 665 29.50 9.80 12.83
C ILE A 665 30.10 9.62 14.22
N SER A 666 29.48 10.19 15.25
CA SER A 666 29.99 10.07 16.61
C SER A 666 29.41 8.88 17.36
N ALA A 667 29.02 7.82 16.64
CA ALA A 667 28.44 6.66 17.29
C ALA A 667 29.46 5.86 18.10
N ASN A 668 30.75 6.07 17.87
CA ASN A 668 31.77 5.34 18.62
C ASN A 668 31.61 5.54 20.12
N VAL A 669 31.18 6.73 20.55
CA VAL A 669 31.06 7.02 21.97
C VAL A 669 29.91 6.24 22.58
N PRO A 670 28.66 6.44 22.13
CA PRO A 670 27.56 5.65 22.73
C PRO A 670 27.69 4.16 22.51
N PHE A 671 28.24 3.73 21.36
CA PHE A 671 28.46 2.31 21.14
C PHE A 671 29.50 1.76 22.11
N GLY A 672 30.58 2.51 22.34
CA GLY A 672 31.53 2.10 23.35
C GLY A 672 30.92 2.00 24.72
N ALA A 673 29.95 2.87 25.04
CA ALA A 673 29.30 2.83 26.33
C ALA A 673 28.56 1.53 26.58
N ALA A 674 28.16 0.83 25.52
CA ALA A 674 27.45 -0.45 25.62
C ALA A 674 28.34 -1.62 25.25
N THR A 675 29.66 -1.42 25.20
CA THR A 675 30.62 -2.47 24.90
C THR A 675 31.49 -2.70 26.14
N MET A 676 31.62 -3.96 26.55
CA MET A 676 32.43 -4.30 27.70
C MET A 676 33.91 -4.34 27.31
N ALA A 677 34.75 -4.68 28.28
CA ALA A 677 36.19 -4.76 28.03
C ALA A 677 36.47 -5.66 26.84
N THR A 678 37.45 -5.28 26.03
CA THR A 678 37.84 -6.01 24.84
C THR A 678 39.30 -6.43 24.90
N PRO A 679 39.69 -7.47 24.15
CA PRO A 679 41.07 -7.97 24.26
C PRO A 679 42.13 -6.99 23.76
N ASP A 680 41.74 -5.86 23.19
CA ASP A 680 42.70 -4.86 22.75
C ASP A 680 43.20 -3.98 23.90
N GLY A 681 42.80 -4.27 25.13
CA GLY A 681 43.16 -3.45 26.26
C GLY A 681 42.19 -2.33 26.57
N ARG A 682 41.07 -2.23 25.84
CA ARG A 682 40.10 -1.19 26.09
C ARG A 682 39.26 -1.54 27.31
N LYS A 683 39.04 -0.56 28.19
CA LYS A 683 38.18 -0.76 29.34
C LYS A 683 36.71 -0.67 28.94
N ALA A 684 35.87 -1.28 29.77
CA ALA A 684 34.44 -1.31 29.48
C ALA A 684 33.84 0.09 29.53
N HIS A 685 32.81 0.30 28.71
CA HIS A 685 32.01 1.52 28.64
C HIS A 685 32.76 2.70 28.05
N THR A 686 34.02 2.53 27.65
CA THR A 686 34.79 3.62 27.06
C THR A 686 34.58 3.65 25.55
N PRO A 687 34.78 4.81 24.92
CA PRO A 687 34.49 4.93 23.49
C PRO A 687 35.31 3.96 22.65
N LEU A 688 34.74 3.61 21.50
CA LEU A 688 35.47 2.88 20.47
C LEU A 688 36.18 3.88 19.55
N ALA A 689 36.97 3.36 18.63
CA ALA A 689 37.58 4.21 17.62
C ALA A 689 36.54 4.64 16.61
N GLU A 690 36.60 5.90 16.19
CA GLU A 690 35.63 6.44 15.24
C GLU A 690 36.03 6.08 13.82
N GLY A 691 35.02 5.92 12.97
CA GLY A 691 35.27 5.67 11.55
C GLY A 691 36.20 4.50 11.34
N ALA A 692 37.20 4.71 10.48
CA ALA A 692 38.27 3.75 10.25
C ALA A 692 39.61 4.25 10.78
N SER A 693 39.59 5.20 11.73
CA SER A 693 40.81 5.79 12.24
C SER A 693 41.52 4.84 13.21
N PRO A 694 42.84 4.97 13.34
CA PRO A 694 43.54 4.24 14.40
C PRO A 694 42.97 4.59 15.77
N ALA A 695 42.97 3.60 16.65
CA ALA A 695 42.61 3.86 18.04
C ALA A 695 43.55 4.91 18.62
N SER A 696 43.00 5.82 19.41
CA SER A 696 43.78 6.95 19.91
C SER A 696 44.94 6.47 20.78
N GLY A 697 46.07 7.16 20.66
CA GLY A 697 47.25 6.84 21.45
C GLY A 697 47.98 5.58 21.05
N THR A 698 47.57 4.92 19.95
CA THR A 698 48.21 3.69 19.52
C THR A 698 49.04 3.84 18.26
N ASP A 699 48.73 4.81 17.40
CA ASP A 699 49.49 5.04 16.16
C ASP A 699 50.73 5.85 16.52
N HIS A 700 51.87 5.16 16.64
CA HIS A 700 53.09 5.74 17.19
C HIS A 700 54.15 6.05 16.14
N LEU A 701 53.89 5.81 14.86
CA LEU A 701 54.91 5.96 13.82
C LEU A 701 54.57 7.08 12.83
N GLY A 702 53.77 8.06 13.24
CA GLY A 702 53.52 9.22 12.43
C GLY A 702 52.40 9.04 11.43
N PRO A 703 52.10 10.10 10.66
CA PRO A 703 50.98 10.00 9.71
C PRO A 703 51.27 9.08 8.54
N THR A 704 52.47 9.15 7.98
CA THR A 704 52.82 8.31 6.84
C THR A 704 52.53 6.84 7.10
N ALA A 705 52.72 6.40 8.36
CA ALA A 705 52.42 5.01 8.70
C ALA A 705 50.92 4.78 8.84
N VAL A 706 50.16 5.82 9.20
CA VAL A 706 48.72 5.66 9.35
C VAL A 706 48.07 5.37 8.00
N ILE A 707 48.39 6.19 6.99
CA ILE A 707 47.80 5.97 5.67
C ILE A 707 48.27 4.63 5.11
N GLY A 708 49.50 4.22 5.45
CA GLY A 708 49.93 2.88 5.09
C GLY A 708 48.93 1.83 5.55
N SER A 709 48.54 1.89 6.82
CA SER A 709 47.57 0.94 7.35
C SER A 709 46.20 1.12 6.71
N VAL A 710 45.68 2.35 6.71
CA VAL A 710 44.34 2.59 6.19
C VAL A 710 44.22 2.12 4.76
N GLY A 711 45.23 2.42 3.93
CA GLY A 711 45.20 2.01 2.54
C GLY A 711 45.12 0.51 2.33
N LYS A 712 45.46 -0.28 3.35
CA LYS A 712 45.38 -1.72 3.24
C LYS A 712 43.97 -2.25 3.39
N LEU A 713 43.02 -1.42 3.83
CA LEU A 713 41.63 -1.83 3.85
C LEU A 713 41.12 -2.03 2.42
N PRO A 714 40.11 -2.89 2.22
CA PRO A 714 39.54 -3.04 0.88
C PRO A 714 38.67 -1.85 0.52
N THR A 715 39.32 -0.72 0.20
CA THR A 715 38.58 0.53 -0.01
C THR A 715 37.60 0.41 -1.16
N GLU A 716 37.93 -0.37 -2.20
CA GLU A 716 37.05 -0.47 -3.36
C GLU A 716 35.71 -1.09 -3.01
N ALA A 717 35.60 -1.78 -1.88
CA ALA A 717 34.35 -2.38 -1.44
C ALA A 717 33.66 -1.59 -0.35
N ILE A 718 34.24 -0.49 0.09
CA ILE A 718 33.67 0.32 1.17
C ILE A 718 33.23 1.65 0.57
N LEU A 719 32.34 1.59 -0.43
CA LEU A 719 31.98 2.78 -1.18
C LEU A 719 31.09 3.73 -0.38
N GLY A 720 30.66 3.33 0.82
CA GLY A 720 30.08 4.29 1.75
C GLY A 720 31.11 5.18 2.42
N GLY A 721 32.40 4.85 2.32
CA GLY A 721 33.45 5.73 2.78
C GLY A 721 34.32 5.11 3.87
N VAL A 722 35.63 5.27 3.70
CA VAL A 722 36.62 4.92 4.73
C VAL A 722 37.03 6.22 5.40
N LEU A 723 36.63 6.38 6.67
CA LEU A 723 36.79 7.65 7.37
C LEU A 723 38.11 7.68 8.14
N LEU A 724 38.91 8.70 7.87
CA LEU A 724 40.21 8.88 8.52
C LEU A 724 40.28 10.29 9.10
N ASN A 725 40.36 10.38 10.42
CA ASN A 725 40.63 11.64 11.10
C ASN A 725 42.13 11.82 11.29
N GLN A 726 42.54 13.07 11.41
CA GLN A 726 43.95 13.39 11.67
C GLN A 726 44.00 14.75 12.36
N LYS A 727 44.78 14.84 13.43
CA LYS A 727 44.86 16.04 14.25
C LYS A 727 46.30 16.51 14.33
N LEU A 728 46.48 17.83 14.16
CA LEU A 728 47.80 18.45 14.21
C LEU A 728 47.73 19.72 15.05
N ASN A 729 48.82 20.02 15.73
CA ASN A 729 48.98 21.34 16.32
C ASN A 729 49.18 22.36 15.20
N PRO A 730 48.62 23.56 15.33
CA PRO A 730 48.83 24.57 14.27
C PRO A 730 50.30 24.84 13.98
N SER A 731 51.18 24.63 14.95
CA SER A 731 52.60 24.91 14.72
C SER A 731 53.23 23.95 13.72
N THR A 732 52.59 22.82 13.45
CA THR A 732 53.13 21.84 12.50
C THR A 732 52.95 22.26 11.05
N LEU A 733 52.20 23.33 10.78
CA LEU A 733 51.93 23.77 9.41
C LEU A 733 52.34 25.22 9.18
N GLU A 734 53.21 25.77 10.02
CA GLU A 734 53.66 27.14 9.80
C GLU A 734 54.80 27.20 8.79
N ASN A 735 55.63 26.15 8.72
CA ASN A 735 56.70 26.09 7.74
C ASN A 735 56.15 25.62 6.41
N ASP A 736 56.41 26.38 5.35
CA ASP A 736 56.08 25.89 4.01
C ASP A 736 56.78 24.57 3.72
N SER A 737 57.89 24.31 4.40
CA SER A 737 58.51 22.98 4.36
C SER A 737 57.52 21.91 4.79
N ASP A 738 56.81 22.15 5.90
CA ASP A 738 55.88 21.16 6.42
C ASP A 738 54.60 21.10 5.61
N ARG A 739 54.14 22.25 5.10
CA ARG A 739 52.92 22.24 4.28
C ARG A 739 53.14 21.43 3.02
N GLN A 740 54.33 21.51 2.42
CA GLN A 740 54.62 20.70 1.24
C GLN A 740 54.70 19.21 1.61
N LYS A 741 55.23 18.90 2.79
CA LYS A 741 55.18 17.52 3.26
C LYS A 741 53.74 17.01 3.29
N LEU A 742 52.81 17.82 3.80
CA LEU A 742 51.41 17.41 3.89
C LEU A 742 50.84 17.15 2.50
N MET A 743 50.99 18.12 1.59
CA MET A 743 50.42 17.97 0.25
C MET A 743 51.02 16.76 -0.46
N VAL A 744 52.31 16.51 -0.26
CA VAL A 744 52.91 15.30 -0.83
C VAL A 744 52.20 14.06 -0.30
N LEU A 745 51.97 14.02 1.01
CA LEU A 745 51.31 12.85 1.60
C LEU A 745 49.91 12.68 1.05
N LEU A 746 49.16 13.77 0.87
CA LEU A 746 47.81 13.66 0.32
C LEU A 746 47.87 13.06 -1.08
N ARG A 747 48.65 13.65 -1.98
CA ARG A 747 48.79 13.10 -3.32
C ARG A 747 49.23 11.64 -3.28
N THR A 748 50.04 11.26 -2.29
CA THR A 748 50.46 9.87 -2.18
C THR A 748 49.34 9.00 -1.64
N PHE A 749 48.60 9.49 -0.64
CA PHE A 749 47.51 8.71 -0.07
C PHE A 749 46.42 8.43 -1.10
N PHE A 750 46.12 9.44 -1.94
CA PHE A 750 45.02 9.32 -2.88
C PHE A 750 45.41 8.64 -4.19
N GLU A 751 46.66 8.81 -4.63
CA GLU A 751 47.09 8.29 -5.92
C GLU A 751 47.77 6.92 -5.82
N VAL A 752 48.63 6.71 -4.83
CA VAL A 752 49.32 5.42 -4.70
C VAL A 752 48.53 4.45 -3.84
N HIS A 753 48.09 4.89 -2.65
CA HIS A 753 47.32 4.04 -1.77
C HIS A 753 45.86 3.94 -2.14
N LYS A 754 45.36 4.83 -3.00
CA LYS A 754 43.96 4.85 -3.40
C LYS A 754 43.05 4.97 -2.18
N GLY A 755 43.36 5.93 -1.31
CA GLY A 755 42.56 6.17 -0.14
C GLY A 755 41.27 6.92 -0.48
N TRP A 756 40.30 6.81 0.42
CA TRP A 756 38.99 7.39 0.19
C TRP A 756 38.90 8.84 0.65
N HIS A 757 39.44 9.16 1.83
CA HIS A 757 39.12 10.43 2.45
C HIS A 757 40.11 10.74 3.57
N ILE A 758 40.37 12.03 3.77
CA ILE A 758 41.13 12.50 4.92
C ILE A 758 40.56 13.86 5.33
N GLN A 759 40.58 14.12 6.63
CA GLN A 759 40.15 15.38 7.19
C GLN A 759 41.07 15.73 8.34
N TYR A 760 41.19 17.03 8.62
CA TYR A 760 42.24 17.53 9.50
C TYR A 760 41.65 18.44 10.57
N ASN A 761 41.76 18.01 11.83
CA ASN A 761 41.67 18.91 12.96
C ASN A 761 43.01 19.63 13.12
N ILE A 762 42.95 20.94 13.36
CA ILE A 762 44.16 21.71 13.60
C ILE A 762 43.89 22.65 14.77
N VAL A 763 44.40 22.29 15.94
CA VAL A 763 44.00 22.90 17.20
C VAL A 763 44.89 22.33 18.29
N SER A 764 45.19 23.12 19.30
CA SER A 764 46.05 22.67 20.38
C SER A 764 45.23 22.01 21.48
N ARG A 765 45.91 21.19 22.30
CA ARG A 765 45.25 20.61 23.46
C ARG A 765 44.83 21.68 24.45
N GLU A 766 45.63 22.74 24.57
CA GLU A 766 45.29 23.81 25.50
C GLU A 766 44.05 24.57 25.06
N THR A 767 43.84 24.71 23.75
CA THR A 767 42.64 25.38 23.27
C THR A 767 41.38 24.57 23.60
N LEU A 768 41.42 23.27 23.36
CA LEU A 768 40.24 22.44 23.60
C LEU A 768 39.92 22.34 25.08
N LEU A 769 40.95 22.27 25.93
CA LEU A 769 40.70 22.18 27.37
C LEU A 769 40.22 23.50 27.94
N ASP A 770 40.72 24.62 27.40
CA ASP A 770 40.24 25.92 27.86
C ASP A 770 38.80 26.17 27.39
N ALA A 771 38.40 25.55 26.28
CA ALA A 771 37.01 25.65 25.84
C ALA A 771 36.08 24.84 26.72
N LYS A 772 36.55 23.71 27.25
CA LYS A 772 35.78 23.00 28.26
C LYS A 772 35.60 23.83 29.51
N LYS A 773 36.60 24.63 29.86
CA LYS A 773 36.59 25.37 31.13
C LYS A 773 35.86 26.70 31.01
N HIS A 774 35.96 27.38 29.87
CA HIS A 774 35.33 28.67 29.65
C HIS A 774 34.58 28.65 28.32
N PRO A 775 33.42 27.99 28.27
CA PRO A 775 32.69 27.91 26.99
C PRO A 775 32.32 29.26 26.41
N ASP A 776 31.84 30.19 27.24
CA ASP A 776 31.45 31.51 26.73
C ASP A 776 32.57 32.15 25.91
N GLN A 777 33.81 31.78 26.18
CA GLN A 777 34.96 32.34 25.49
C GLN A 777 35.18 31.71 24.12
N TYR A 778 34.66 30.51 23.88
CA TYR A 778 34.92 29.76 22.67
C TYR A 778 33.62 29.31 22.01
N ARG A 779 32.63 30.20 21.94
CA ARG A 779 31.36 29.84 21.32
C ARG A 779 31.50 29.58 19.82
N ASP A 780 32.51 30.16 19.18
CA ASP A 780 32.73 29.97 17.75
C ASP A 780 33.91 29.03 17.46
N LEU A 781 34.31 28.23 18.44
CA LEU A 781 35.34 27.21 18.22
C LEU A 781 34.71 26.03 17.49
N VAL A 782 35.25 25.68 16.33
CA VAL A 782 34.71 24.60 15.50
C VAL A 782 35.73 23.49 15.41
N VAL A 783 35.24 22.25 15.54
CA VAL A 783 36.08 21.06 15.60
C VAL A 783 35.53 20.02 14.64
N ARG A 784 36.43 19.23 14.06
CA ARG A 784 36.03 18.12 13.22
C ARG A 784 35.73 16.91 14.09
N VAL A 785 34.55 16.33 13.91
CA VAL A 785 34.13 15.18 14.71
C VAL A 785 34.45 13.90 13.92
N ALA A 786 33.51 13.47 13.07
CA ALA A 786 33.70 12.28 12.23
C ALA A 786 32.87 12.48 10.98
N GLY A 787 33.49 13.07 9.96
CA GLY A 787 32.83 13.34 8.71
C GLY A 787 32.18 14.70 8.63
N TYR A 788 32.11 15.43 9.73
CA TYR A 788 31.48 16.73 9.77
C TYR A 788 32.17 17.56 10.86
N SER A 789 31.83 18.84 10.90
CA SER A 789 32.33 19.76 11.92
C SER A 789 31.20 20.15 12.86
N ALA A 790 31.58 20.55 14.06
CA ALA A 790 30.61 20.97 15.08
C ALA A 790 31.22 22.07 15.93
N PHE A 791 30.36 22.83 16.59
CA PHE A 791 30.81 23.80 17.57
C PHE A 791 31.21 23.06 18.84
N PHE A 792 32.47 23.23 19.23
CA PHE A 792 33.01 22.45 20.34
C PHE A 792 32.19 22.64 21.61
N THR A 793 31.80 23.88 21.92
CA THR A 793 31.02 24.14 23.12
C THR A 793 29.62 23.55 23.05
N ALA A 794 29.16 23.14 21.86
CA ALA A 794 27.87 22.50 21.71
C ALA A 794 27.95 20.98 21.80
N LEU A 795 29.14 20.43 22.02
CA LEU A 795 29.31 18.98 22.10
C LEU A 795 29.12 18.49 23.53
N SER A 796 28.74 17.23 23.65
CA SER A 796 28.62 16.62 24.96
C SER A 796 30.00 16.45 25.59
N PRO A 797 30.08 16.46 26.93
CA PRO A 797 31.39 16.22 27.57
C PRO A 797 32.07 14.95 27.09
N ASP A 798 31.32 13.85 26.97
CA ASP A 798 31.88 12.61 26.45
C ASP A 798 32.53 12.83 25.09
N ALA A 799 31.82 13.51 24.19
CA ALA A 799 32.35 13.72 22.84
C ALA A 799 33.53 14.69 22.87
N GLN A 800 33.46 15.73 23.70
CA GLN A 800 34.59 16.63 23.85
C GLN A 800 35.85 15.85 24.25
N ASP A 801 35.73 14.96 25.22
CA ASP A 801 36.90 14.22 25.69
C ASP A 801 37.39 13.22 24.65
N ASP A 802 36.48 12.66 23.84
CA ASP A 802 36.90 11.72 22.82
C ASP A 802 37.85 12.38 21.82
N ILE A 803 37.58 13.63 21.48
CA ILE A 803 38.43 14.34 20.52
C ILE A 803 39.74 14.76 21.17
N ILE A 804 39.68 15.30 22.37
CA ILE A 804 40.90 15.71 23.08
C ILE A 804 41.85 14.54 23.24
N ALA A 805 41.33 13.33 23.36
CA ALA A 805 42.15 12.14 23.57
C ALA A 805 42.79 11.63 22.28
N ARG A 806 42.37 12.14 21.12
CA ARG A 806 42.89 11.64 19.86
C ARG A 806 44.38 11.92 19.72
N THR A 807 45.03 11.11 18.90
CA THR A 807 46.46 11.27 18.66
C THR A 807 46.73 12.60 17.98
N GLU A 808 47.79 13.27 18.42
CA GLU A 808 48.29 14.49 17.80
C GLU A 808 49.58 14.13 17.05
N HIS A 809 49.57 14.32 15.73
CA HIS A 809 50.68 13.94 14.88
C HIS A 809 51.56 15.14 14.55
N THR A 810 52.76 14.84 14.09
CA THR A 810 53.69 15.84 13.57
C THR A 810 54.16 15.40 12.19
N LEU A 811 54.65 16.37 11.42
CA LEU A 811 55.20 16.09 10.10
C LEU A 811 56.70 16.34 10.09
N MET B 2 -39.58 -44.45 -12.83
CA MET B 2 -39.12 -43.04 -12.91
C MET B 2 -39.23 -42.37 -11.54
N THR B 3 -38.11 -41.83 -11.05
CA THR B 3 -38.07 -41.22 -9.73
C THR B 3 -39.20 -40.23 -9.54
N THR B 4 -40.07 -40.51 -8.58
CA THR B 4 -41.14 -39.60 -8.17
C THR B 4 -40.78 -39.05 -6.80
N LEU B 5 -40.63 -37.73 -6.71
CA LEU B 5 -40.22 -37.09 -5.47
C LEU B 5 -41.43 -36.76 -4.60
N ASN B 6 -41.23 -36.88 -3.29
CA ASN B 6 -42.21 -36.41 -2.30
C ASN B 6 -41.85 -34.97 -1.93
N LEU B 7 -42.75 -34.04 -2.26
CA LEU B 7 -42.43 -32.61 -2.19
C LEU B 7 -43.34 -31.84 -1.25
N ASN B 8 -43.93 -32.51 -0.26
CA ASN B 8 -44.80 -31.85 0.71
C ASN B 8 -44.36 -32.01 2.15
N THR B 9 -43.71 -33.12 2.50
CA THR B 9 -43.49 -33.45 3.91
C THR B 9 -42.35 -32.64 4.49
N LEU B 10 -42.57 -32.08 5.67
CA LEU B 10 -41.55 -31.44 6.48
C LEU B 10 -41.66 -31.96 7.90
N SER B 11 -40.53 -32.13 8.56
CA SER B 11 -40.54 -32.48 9.97
C SER B 11 -41.12 -31.32 10.78
N GLU B 12 -41.72 -31.66 11.92
CA GLU B 12 -42.24 -30.62 12.81
C GLU B 12 -41.14 -29.65 13.22
N ARG B 13 -39.92 -30.14 13.41
CA ARG B 13 -38.81 -29.26 13.75
C ARG B 13 -38.57 -28.23 12.66
N ILE B 14 -38.50 -28.67 11.40
CA ILE B 14 -38.21 -27.75 10.30
C ILE B 14 -39.37 -26.78 10.10
N LYS B 15 -40.60 -27.29 10.17
CA LYS B 15 -41.77 -26.42 9.99
C LYS B 15 -41.74 -25.26 10.98
N ALA B 16 -41.56 -25.56 12.26
CA ALA B 16 -41.52 -24.51 13.27
C ALA B 16 -40.33 -23.60 13.06
N HIS B 17 -39.19 -24.15 12.66
CA HIS B 17 -38.02 -23.32 12.39
C HIS B 17 -38.29 -22.39 11.22
N LYS B 18 -38.77 -22.93 10.10
CA LYS B 18 -39.06 -22.09 8.95
C LYS B 18 -40.12 -21.03 9.27
N MET B 19 -41.16 -21.43 10.01
CA MET B 19 -42.21 -20.47 10.35
C MET B 19 -41.66 -19.32 11.19
N ALA B 20 -40.71 -19.62 12.09
CA ALA B 20 -40.14 -18.57 12.92
C ALA B 20 -39.43 -17.52 12.09
N LEU B 21 -38.78 -17.94 11.00
CA LEU B 21 -38.00 -17.00 10.20
C LEU B 21 -38.88 -16.14 9.30
N VAL B 22 -39.93 -16.71 8.72
CA VAL B 22 -40.74 -15.96 7.77
C VAL B 22 -41.59 -14.91 8.45
N HIS B 23 -41.89 -15.07 9.73
CA HIS B 23 -42.66 -14.08 10.48
C HIS B 23 -41.79 -13.00 11.10
N ILE B 24 -40.50 -12.93 10.71
CA ILE B 24 -39.65 -11.81 11.07
C ILE B 24 -39.72 -10.83 9.91
N VAL B 25 -40.77 -9.99 9.92
CA VAL B 25 -41.00 -9.07 8.82
C VAL B 25 -40.04 -7.88 8.91
N LYS B 26 -39.72 -7.41 10.12
CA LYS B 26 -38.85 -6.25 10.32
C LYS B 26 -37.69 -6.69 11.19
N PRO B 27 -36.64 -7.27 10.60
CA PRO B 27 -35.56 -7.86 11.39
C PRO B 27 -34.74 -6.79 12.09
N PRO B 28 -34.04 -7.14 13.15
CA PRO B 28 -33.25 -6.15 13.88
C PRO B 28 -31.87 -5.97 13.25
N VAL B 29 -31.13 -5.02 13.82
CA VAL B 29 -29.77 -4.70 13.39
C VAL B 29 -28.81 -5.00 14.54
N CYS B 30 -27.66 -5.62 14.21
CA CYS B 30 -26.64 -5.99 15.19
C CYS B 30 -25.42 -5.10 15.03
N THR B 31 -24.89 -4.63 16.16
CA THR B 31 -23.71 -3.77 16.17
C THR B 31 -22.49 -4.45 16.78
N GLU B 32 -22.60 -5.74 17.12
CA GLU B 32 -21.48 -6.41 17.79
C GLU B 32 -20.23 -6.42 16.92
N ARG B 33 -20.37 -6.82 15.65
CA ARG B 33 -19.21 -6.83 14.77
C ARG B 33 -18.63 -5.43 14.62
N ALA B 34 -19.48 -4.42 14.52
CA ALA B 34 -19.01 -3.06 14.35
C ALA B 34 -18.16 -2.62 15.54
N GLN B 35 -18.61 -2.91 16.76
CA GLN B 35 -17.83 -2.58 17.95
C GLN B 35 -16.48 -3.29 17.90
N HIS B 36 -16.50 -4.62 17.79
CA HIS B 36 -15.28 -5.40 17.92
C HIS B 36 -14.28 -5.06 16.83
N TYR B 37 -14.76 -4.77 15.61
CA TYR B 37 -13.85 -4.35 14.55
C TYR B 37 -13.27 -2.96 14.83
N THR B 38 -14.10 -2.04 15.33
CA THR B 38 -13.57 -0.73 15.70
C THR B 38 -12.55 -0.84 16.82
N GLU B 39 -12.83 -1.71 17.80
CA GLU B 39 -11.90 -1.89 18.91
C GLU B 39 -10.53 -2.35 18.43
N MET B 40 -10.50 -3.34 17.53
CA MET B 40 -9.22 -3.88 17.08
C MET B 40 -8.54 -2.95 16.08
N TYR B 41 -9.31 -2.32 15.19
CA TYR B 41 -8.73 -1.31 14.31
C TYR B 41 -8.06 -0.21 15.11
N GLN B 42 -8.60 0.12 16.28
CA GLN B 42 -8.03 1.17 17.11
C GLN B 42 -6.84 0.67 17.92
N GLN B 43 -6.86 -0.60 18.35
CA GLN B 43 -5.77 -1.15 19.13
C GLN B 43 -4.59 -1.61 18.28
N HIS B 44 -4.79 -1.78 16.98
CA HIS B 44 -3.77 -2.38 16.12
C HIS B 44 -3.52 -1.53 14.87
N MET B 45 -3.64 -0.21 14.99
CA MET B 45 -3.25 0.67 13.90
C MET B 45 -1.81 0.43 13.46
N ASP B 46 -0.97 -0.10 14.36
CA ASP B 46 0.42 -0.36 14.04
C ASP B 46 0.62 -1.61 13.22
N LYS B 47 -0.36 -2.51 13.17
CA LYS B 47 -0.23 -3.72 12.38
C LYS B 47 -0.56 -3.43 10.91
N PRO B 48 -0.01 -4.22 9.98
CA PRO B 48 -0.47 -4.12 8.59
C PRO B 48 -1.95 -4.43 8.48
N ILE B 49 -2.60 -3.79 7.52
CA ILE B 49 -4.06 -3.92 7.40
C ILE B 49 -4.50 -5.38 7.40
N PRO B 50 -3.88 -6.30 6.65
CA PRO B 50 -4.34 -7.70 6.71
C PRO B 50 -4.28 -8.29 8.11
N VAL B 51 -3.19 -8.05 8.84
CA VAL B 51 -3.08 -8.55 10.21
C VAL B 51 -4.09 -7.85 11.10
N ARG B 52 -4.25 -6.53 10.94
CA ARG B 52 -5.26 -5.80 11.69
C ARG B 52 -6.64 -6.41 11.48
N ARG B 53 -6.99 -6.74 10.23
CA ARG B 53 -8.30 -7.31 9.95
C ARG B 53 -8.42 -8.73 10.46
N ALA B 54 -7.32 -9.50 10.44
CA ALA B 54 -7.37 -10.84 11.01
C ALA B 54 -7.59 -10.79 12.52
N LEU B 55 -6.93 -9.85 13.20
CA LEU B 55 -7.15 -9.68 14.64
C LEU B 55 -8.55 -9.17 14.93
N ALA B 56 -9.13 -8.39 14.01
CA ALA B 56 -10.50 -7.94 14.19
C ALA B 56 -11.47 -9.12 14.16
N LEU B 57 -11.27 -10.06 13.24
CA LEU B 57 -12.16 -11.22 13.15
C LEU B 57 -12.02 -12.12 14.37
N ALA B 58 -10.79 -12.35 14.83
CA ALA B 58 -10.59 -13.25 15.96
C ALA B 58 -11.19 -12.68 17.24
N HIS B 59 -11.11 -11.36 17.41
CA HIS B 59 -11.71 -10.72 18.57
C HIS B 59 -13.23 -10.82 18.52
N HIS B 60 -13.83 -10.61 17.35
CA HIS B 60 -15.28 -10.70 17.21
C HIS B 60 -15.77 -12.11 17.48
N LEU B 61 -15.12 -13.12 16.86
CA LEU B 61 -15.57 -14.49 17.03
C LEU B 61 -15.51 -14.93 18.48
N ALA B 62 -14.53 -14.44 19.25
CA ALA B 62 -14.39 -14.86 20.63
C ALA B 62 -15.35 -14.13 21.57
N GLN B 63 -15.70 -12.89 21.25
CA GLN B 63 -16.50 -12.06 22.15
C GLN B 63 -17.97 -11.99 21.77
N ARG B 64 -18.33 -12.27 20.53
CA ARG B 64 -19.69 -12.02 20.08
C ARG B 64 -20.66 -13.00 20.74
N THR B 65 -21.95 -12.68 20.61
CA THR B 65 -23.00 -13.57 21.08
C THR B 65 -23.13 -14.76 20.13
N ILE B 66 -23.25 -15.95 20.70
CA ILE B 66 -23.60 -17.15 19.93
C ILE B 66 -24.77 -17.84 20.63
N TRP B 67 -25.51 -18.61 19.85
CA TRP B 67 -26.63 -19.37 20.40
C TRP B 67 -26.98 -20.52 19.48
N ILE B 68 -27.76 -21.45 20.02
CA ILE B 68 -28.33 -22.58 19.29
C ILE B 68 -29.83 -22.57 19.56
N LYS B 69 -30.63 -22.48 18.51
CA LYS B 69 -32.06 -22.24 18.65
C LYS B 69 -32.84 -23.10 17.66
N HIS B 70 -34.16 -23.14 17.86
CA HIS B 70 -35.10 -23.82 16.96
C HIS B 70 -34.77 -25.30 16.82
N ASP B 71 -34.19 -25.90 17.85
CA ASP B 71 -33.82 -27.32 17.83
C ASP B 71 -33.01 -27.67 16.59
N GLU B 72 -32.18 -26.72 16.15
CA GLU B 72 -31.45 -26.88 14.90
C GLU B 72 -30.42 -28.00 14.99
N LEU B 73 -30.23 -28.69 13.87
CA LEU B 73 -29.19 -29.71 13.75
C LEU B 73 -27.90 -29.16 13.15
N ILE B 74 -27.94 -27.96 12.58
CA ILE B 74 -26.77 -27.29 12.05
C ILE B 74 -26.66 -25.95 12.77
N VAL B 75 -25.54 -25.72 13.45
CA VAL B 75 -25.40 -24.60 14.36
C VAL B 75 -24.43 -23.58 13.79
N GLY B 76 -24.55 -22.35 14.29
CA GLY B 76 -23.77 -21.23 13.79
C GLY B 76 -24.64 -20.04 13.45
N ASN B 77 -24.65 -19.04 14.32
CA ASN B 77 -25.45 -17.83 14.12
C ASN B 77 -24.59 -16.71 13.56
N GLN B 78 -25.19 -15.89 12.70
CA GLN B 78 -24.45 -14.80 12.08
C GLN B 78 -24.33 -13.60 13.02
N ALA B 79 -25.38 -13.32 13.79
CA ALA B 79 -25.42 -12.13 14.63
C ALA B 79 -26.13 -12.46 15.94
N SER B 80 -26.18 -11.46 16.82
CA SER B 80 -26.67 -11.69 18.18
C SER B 80 -28.16 -12.06 18.20
N GLU B 81 -28.93 -11.59 17.23
CA GLU B 81 -30.35 -11.87 17.16
C GLU B 81 -30.69 -12.60 15.87
N VAL B 82 -31.83 -13.30 15.89
CA VAL B 82 -32.27 -14.04 14.70
C VAL B 82 -32.57 -13.05 13.58
N ARG B 83 -32.05 -13.35 12.39
CA ARG B 83 -32.27 -12.56 11.19
C ARG B 83 -31.73 -11.14 11.30
N ALA B 84 -30.84 -10.89 12.27
CA ALA B 84 -30.25 -9.57 12.39
C ALA B 84 -29.18 -9.37 11.32
N ALA B 85 -29.07 -8.11 10.87
CA ALA B 85 -28.02 -7.74 9.92
C ALA B 85 -26.87 -7.13 10.69
N PRO B 86 -25.66 -7.69 10.64
CA PRO B 86 -24.51 -7.02 11.24
C PRO B 86 -24.16 -5.77 10.45
N ILE B 87 -23.43 -4.87 11.11
CA ILE B 87 -22.96 -3.64 10.48
C ILE B 87 -21.48 -3.78 10.15
N PHE B 88 -21.10 -3.30 8.97
CA PHE B 88 -19.74 -3.43 8.45
C PHE B 88 -19.22 -2.03 8.14
N PRO B 89 -18.60 -1.36 9.11
CA PRO B 89 -18.27 0.06 8.92
C PRO B 89 -17.06 0.32 8.03
N GLU B 90 -16.21 -0.68 7.79
CA GLU B 90 -15.02 -0.44 6.98
C GLU B 90 -15.36 -0.13 5.53
N TYR B 91 -16.52 -0.54 5.04
CA TYR B 91 -16.90 -0.30 3.66
C TYR B 91 -17.53 1.07 3.47
N THR B 92 -18.43 1.47 4.38
CA THR B 92 -18.98 2.82 4.38
C THR B 92 -19.79 3.02 5.64
N VAL B 93 -19.95 4.29 6.02
CA VAL B 93 -20.92 4.68 7.03
C VAL B 93 -21.83 5.80 6.54
N SER B 94 -21.71 6.22 5.27
CA SER B 94 -22.47 7.36 4.79
C SER B 94 -23.97 7.12 4.91
N TRP B 95 -24.48 6.09 4.25
CA TRP B 95 -25.93 5.85 4.30
C TRP B 95 -26.38 5.51 5.72
N ILE B 96 -25.50 4.94 6.53
CA ILE B 96 -25.86 4.62 7.91
C ILE B 96 -26.16 5.90 8.69
N GLU B 97 -25.25 6.87 8.62
CA GLU B 97 -25.46 8.12 9.35
C GLU B 97 -26.65 8.89 8.81
N LYS B 98 -26.90 8.82 7.50
CA LYS B 98 -28.00 9.56 6.91
C LYS B 98 -29.36 8.96 7.27
N GLU B 99 -29.44 7.63 7.32
CA GLU B 99 -30.72 6.93 7.34
C GLU B 99 -31.01 6.24 8.68
N ILE B 100 -30.16 6.44 9.69
CA ILE B 100 -30.24 5.61 10.89
C ILE B 100 -31.59 5.75 11.58
N ASP B 101 -32.22 6.92 11.48
CA ASP B 101 -33.53 7.13 12.08
C ASP B 101 -34.69 6.79 11.15
N ASP B 102 -34.40 6.41 9.90
CA ASP B 102 -35.42 6.16 8.89
C ASP B 102 -35.19 4.79 8.25
N LEU B 103 -35.18 3.75 9.09
CA LEU B 103 -35.01 2.39 8.63
C LEU B 103 -36.24 1.52 8.84
N ALA B 104 -37.26 2.01 9.54
CA ALA B 104 -38.42 1.19 9.85
C ALA B 104 -39.41 1.13 8.70
N ASP B 105 -39.64 2.25 8.01
CA ASP B 105 -40.71 2.37 7.04
C ASP B 105 -40.22 2.33 5.59
N ARG B 106 -38.99 1.91 5.35
CA ARG B 106 -38.48 1.84 3.98
C ARG B 106 -39.22 0.75 3.22
N PRO B 107 -39.85 1.06 2.09
CA PRO B 107 -40.59 0.03 1.34
C PRO B 107 -39.69 -1.10 0.88
N GLY B 108 -40.05 -2.31 1.29
CA GLY B 108 -39.32 -3.50 0.88
C GLY B 108 -37.95 -3.68 1.48
N ALA B 109 -37.59 -2.90 2.51
CA ALA B 109 -36.28 -3.03 3.12
C ALA B 109 -36.29 -2.44 4.53
N GLY B 110 -37.24 -2.87 5.36
CA GLY B 110 -37.39 -2.33 6.70
C GLY B 110 -36.52 -3.07 7.71
N PHE B 111 -35.99 -2.32 8.67
CA PHE B 111 -35.20 -2.87 9.75
C PHE B 111 -35.56 -2.17 11.06
N ALA B 112 -35.57 -2.93 12.15
CA ALA B 112 -35.80 -2.37 13.47
C ALA B 112 -34.46 -2.07 14.13
N VAL B 113 -34.30 -0.84 14.59
CA VAL B 113 -33.06 -0.38 15.21
C VAL B 113 -33.38 0.03 16.63
N SER B 114 -32.82 -0.69 17.60
CA SER B 114 -32.98 -0.31 18.99
C SER B 114 -32.29 1.01 19.27
N GLU B 115 -32.76 1.69 20.29
CA GLU B 115 -32.18 2.99 20.63
C GLU B 115 -30.74 2.84 21.11
N GLU B 116 -30.40 1.70 21.72
CA GLU B 116 -29.02 1.49 22.14
C GLU B 116 -28.12 1.22 20.95
N ASN B 117 -28.59 0.41 19.99
CA ASN B 117 -27.87 0.28 18.72
C ASN B 117 -27.74 1.63 18.04
N LYS B 118 -28.81 2.44 18.08
CA LYS B 118 -28.73 3.80 17.58
C LYS B 118 -27.66 4.59 18.32
N ARG B 119 -27.54 4.35 19.63
CA ARG B 119 -26.53 5.04 20.42
C ARG B 119 -25.12 4.57 20.07
N VAL B 120 -24.95 3.26 19.89
CA VAL B 120 -23.63 2.72 19.58
C VAL B 120 -23.14 3.22 18.22
N LEU B 121 -24.02 3.22 17.22
CA LEU B 121 -23.60 3.58 15.87
C LEU B 121 -23.11 5.02 15.80
N HIS B 122 -23.71 5.92 16.57
CA HIS B 122 -23.25 7.31 16.58
C HIS B 122 -21.93 7.47 17.32
N GLU B 123 -21.53 6.47 18.12
CA GLU B 123 -20.22 6.47 18.76
C GLU B 123 -19.14 5.88 17.87
N ILE B 124 -19.51 5.00 16.95
CA ILE B 124 -18.57 4.28 16.11
C ILE B 124 -18.34 4.99 14.78
N CYS B 125 -19.42 5.28 14.06
CA CYS B 125 -19.31 5.79 12.70
C CYS B 125 -18.40 7.00 12.56
N PRO B 126 -18.40 7.98 13.47
CA PRO B 126 -17.50 9.14 13.28
C PRO B 126 -16.04 8.76 13.13
N TRP B 127 -15.59 7.72 13.81
CA TRP B 127 -14.18 7.33 13.71
C TRP B 127 -13.84 6.80 12.32
N TRP B 128 -14.81 6.22 11.62
CA TRP B 128 -14.53 5.62 10.33
C TRP B 128 -14.58 6.61 9.17
N ARG B 129 -15.18 7.78 9.37
CA ARG B 129 -15.22 8.80 8.32
C ARG B 129 -13.83 9.04 7.76
N GLY B 130 -13.72 9.03 6.44
CA GLY B 130 -12.46 9.20 5.76
C GLY B 130 -11.68 7.91 5.57
N GLN B 131 -11.92 6.90 6.40
CA GLN B 131 -11.21 5.63 6.31
C GLN B 131 -11.99 4.54 5.60
N THR B 132 -13.27 4.78 5.30
CA THR B 132 -14.07 3.74 4.68
C THR B 132 -13.67 3.56 3.22
N VAL B 133 -14.02 2.40 2.67
CA VAL B 133 -13.78 2.14 1.25
C VAL B 133 -14.42 3.22 0.39
N GLN B 134 -15.66 3.60 0.71
CA GLN B 134 -16.38 4.55 -0.13
C GLN B 134 -15.75 5.94 -0.07
N ASP B 135 -15.48 6.43 1.14
CA ASP B 135 -14.85 7.74 1.27
C ASP B 135 -13.52 7.79 0.54
N ARG B 136 -12.78 6.69 0.54
CA ARG B 136 -11.49 6.67 -0.16
C ARG B 136 -11.68 6.61 -1.66
N CYS B 137 -12.71 5.91 -2.14
CA CYS B 137 -13.03 5.96 -3.57
C CYS B 137 -13.24 7.40 -4.02
N TYR B 138 -14.00 8.17 -3.25
CA TYR B 138 -14.29 9.55 -3.61
C TYR B 138 -13.10 10.48 -3.35
N GLY B 139 -12.09 10.03 -2.62
CA GLY B 139 -10.85 10.76 -2.53
C GLY B 139 -9.96 10.62 -3.75
N MET B 140 -10.41 9.83 -4.74
CA MET B 140 -9.58 9.54 -5.94
C MET B 140 -10.34 9.74 -7.25
N PHE B 141 -11.68 9.66 -7.24
CA PHE B 141 -12.47 9.85 -8.44
C PHE B 141 -12.21 11.23 -9.04
N THR B 142 -12.14 11.27 -10.37
CA THR B 142 -12.16 12.55 -11.06
C THR B 142 -13.56 13.14 -10.97
N ASP B 143 -13.64 14.47 -11.05
CA ASP B 143 -14.94 15.14 -10.97
C ASP B 143 -15.90 14.60 -12.02
N GLU B 144 -15.38 14.33 -13.23
CA GLU B 144 -16.21 13.72 -14.26
C GLU B 144 -16.78 12.39 -13.78
N GLN B 145 -15.94 11.54 -13.22
CA GLN B 145 -16.39 10.25 -12.72
C GLN B 145 -17.42 10.44 -11.61
N LYS B 146 -17.22 11.43 -10.73
CA LYS B 146 -18.19 11.72 -9.69
C LYS B 146 -19.53 12.11 -10.29
N SER B 147 -19.51 12.97 -11.32
CA SER B 147 -20.75 13.40 -11.96
C SER B 147 -21.48 12.22 -12.60
N LEU B 148 -20.74 11.39 -13.33
CA LEU B 148 -21.34 10.20 -13.93
C LEU B 148 -22.04 9.35 -12.88
N LEU B 149 -21.33 9.02 -11.80
CA LEU B 149 -21.96 8.27 -10.72
C LEU B 149 -23.09 9.03 -10.08
N GLU B 150 -23.06 10.36 -10.15
CA GLU B 150 -24.13 11.17 -9.57
C GLU B 150 -25.42 11.03 -10.37
N THR B 151 -25.32 11.01 -11.70
CA THR B 151 -26.51 10.90 -12.53
C THR B 151 -27.15 9.52 -12.45
N GLY B 152 -26.36 8.49 -12.16
CA GLY B 152 -26.83 7.13 -12.17
C GLY B 152 -26.73 6.44 -13.51
N ILE B 153 -26.22 7.12 -14.54
CA ILE B 153 -26.03 6.47 -15.83
C ILE B 153 -25.03 5.32 -15.69
N ILE B 154 -23.98 5.53 -14.90
CA ILE B 154 -23.12 4.47 -14.41
C ILE B 154 -23.32 4.38 -12.90
N LYS B 155 -23.34 3.16 -12.38
CA LYS B 155 -23.50 2.94 -10.95
C LYS B 155 -22.60 1.80 -10.50
N ALA B 156 -22.11 1.91 -9.27
CA ALA B 156 -21.26 0.88 -8.69
C ALA B 156 -21.41 0.88 -7.17
N GLU B 157 -22.65 1.06 -6.70
CA GLU B 157 -22.87 1.19 -5.26
C GLU B 157 -22.60 -0.11 -4.53
N GLY B 158 -22.96 -1.24 -5.13
CA GLY B 158 -22.69 -2.52 -4.50
C GLY B 158 -21.23 -2.76 -4.24
N ASN B 159 -20.36 -2.18 -5.06
CA ASN B 159 -18.92 -2.40 -4.92
C ASN B 159 -18.30 -1.48 -3.87
N MET B 160 -18.88 -0.29 -3.67
CA MET B 160 -18.31 0.69 -2.76
C MET B 160 -18.81 0.55 -1.32
N THR B 161 -19.90 -0.19 -1.09
CA THR B 161 -20.50 -0.29 0.23
C THR B 161 -20.47 -1.71 0.78
N SER B 162 -19.71 -2.61 0.18
CA SER B 162 -19.76 -4.01 0.59
C SER B 162 -18.50 -4.73 0.14
N GLY B 163 -18.25 -5.88 0.75
CA GLY B 163 -17.23 -6.76 0.25
C GLY B 163 -17.63 -7.40 -1.07
N ASP B 164 -16.64 -7.94 -1.77
CA ASP B 164 -16.87 -8.46 -3.11
C ASP B 164 -17.64 -9.78 -3.08
N ALA B 165 -17.10 -10.76 -2.37
CA ALA B 165 -17.65 -12.13 -2.39
C ALA B 165 -17.91 -12.52 -3.84
N HIS B 166 -19.13 -12.94 -4.17
CA HIS B 166 -19.48 -13.36 -5.51
C HIS B 166 -18.58 -14.48 -6.00
N LEU B 167 -18.42 -15.49 -5.14
CA LEU B 167 -17.56 -16.63 -5.49
C LEU B 167 -17.92 -17.81 -4.60
N ALA B 168 -17.31 -18.95 -4.89
CA ALA B 168 -17.31 -20.12 -4.03
C ALA B 168 -15.88 -20.45 -3.64
N VAL B 169 -15.67 -20.75 -2.36
CA VAL B 169 -14.34 -21.13 -1.89
C VAL B 169 -14.12 -22.61 -2.21
N ASN B 170 -12.94 -23.12 -1.86
CA ASN B 170 -12.54 -24.48 -2.22
C ASN B 170 -12.94 -25.42 -1.09
N PHE B 171 -14.22 -25.77 -1.07
CA PHE B 171 -14.72 -26.70 -0.05
C PHE B 171 -14.02 -28.06 -0.11
N PRO B 172 -13.68 -28.60 -1.29
CA PRO B 172 -12.89 -29.86 -1.28
C PRO B 172 -11.59 -29.74 -0.52
N LEU B 173 -10.92 -28.59 -0.62
CA LEU B 173 -9.67 -28.39 0.11
C LEU B 173 -9.92 -28.37 1.62
N VAL B 174 -10.98 -27.70 2.06
CA VAL B 174 -11.30 -27.67 3.48
C VAL B 174 -11.63 -29.07 3.98
N LEU B 175 -12.37 -29.84 3.18
CA LEU B 175 -12.79 -31.17 3.62
C LEU B 175 -11.62 -32.15 3.64
N GLU B 176 -10.72 -32.04 2.65
CA GLU B 176 -9.61 -33.00 2.58
C GLU B 176 -8.59 -32.76 3.69
N LYS B 177 -8.24 -31.50 3.94
CA LYS B 177 -7.16 -31.19 4.86
C LYS B 177 -7.62 -30.88 6.27
N GLY B 178 -8.87 -30.46 6.45
CA GLY B 178 -9.31 -30.01 7.75
C GLY B 178 -8.57 -28.75 8.15
N LEU B 179 -8.94 -28.21 9.31
CA LEU B 179 -8.40 -26.94 9.73
C LEU B 179 -6.93 -27.04 10.18
N ASP B 180 -6.55 -28.17 10.79
CA ASP B 180 -5.14 -28.36 11.12
C ASP B 180 -4.29 -28.50 9.86
N GLY B 181 -4.79 -29.23 8.86
CA GLY B 181 -4.04 -29.41 7.64
C GLY B 181 -3.80 -28.11 6.89
N LEU B 182 -4.75 -27.18 6.99
CA LEU B 182 -4.56 -25.87 6.36
C LEU B 182 -3.55 -25.04 7.14
N ARG B 183 -3.61 -25.08 8.47
CA ARG B 183 -2.58 -24.42 9.26
C ARG B 183 -1.20 -24.99 8.96
N ALA B 184 -1.12 -26.31 8.76
CA ALA B 184 0.15 -26.92 8.39
C ALA B 184 0.61 -26.43 7.02
N LYS B 185 -0.32 -26.29 6.07
CA LYS B 185 0.02 -25.76 4.76
C LYS B 185 0.59 -24.36 4.87
N VAL B 186 0.01 -23.53 5.75
CA VAL B 186 0.50 -22.17 5.91
C VAL B 186 1.90 -22.17 6.53
N ALA B 187 2.13 -23.08 7.49
CA ALA B 187 3.42 -23.15 8.14
C ALA B 187 4.52 -23.58 7.16
N GLU B 188 4.24 -24.58 6.34
CA GLU B 188 5.23 -24.98 5.33
C GLU B 188 5.51 -23.85 4.37
N ARG B 189 4.51 -23.02 4.07
CA ARG B 189 4.73 -21.91 3.16
C ARG B 189 5.53 -20.80 3.82
N ARG B 190 5.31 -20.57 5.12
CA ARG B 190 6.09 -19.57 5.83
C ARG B 190 7.54 -20.00 6.00
N SER B 191 7.80 -21.31 6.05
CA SER B 191 9.17 -21.78 6.19
C SER B 191 10.01 -21.43 4.97
N ARG B 192 9.37 -21.12 3.84
CA ARG B 192 10.07 -20.71 2.64
C ARG B 192 10.08 -19.19 2.45
N ILE B 193 9.70 -18.43 3.48
CA ILE B 193 9.81 -16.99 3.44
C ILE B 193 11.24 -16.58 3.74
N ASN B 194 11.75 -15.64 2.94
CA ASN B 194 13.07 -15.04 3.12
C ASN B 194 12.86 -13.56 3.37
N LEU B 195 13.15 -13.10 4.58
CA LEU B 195 12.78 -11.75 5.00
C LEU B 195 13.70 -10.68 4.42
N THR B 196 14.69 -11.04 3.61
CA THR B 196 15.47 -10.07 2.85
C THR B 196 15.01 -9.98 1.39
N VAL B 197 13.84 -10.50 1.08
CA VAL B 197 13.22 -10.40 -0.24
C VAL B 197 11.92 -9.64 -0.09
N LEU B 198 11.78 -8.53 -0.81
CA LEU B 198 10.65 -7.63 -0.58
C LEU B 198 9.31 -8.36 -0.66
N ASP B 199 9.09 -9.12 -1.73
CA ASP B 199 7.81 -9.81 -1.88
C ASP B 199 7.55 -10.73 -0.69
N ASP B 200 8.59 -11.40 -0.19
CA ASP B 200 8.40 -12.32 0.93
C ASP B 200 8.07 -11.58 2.22
N LEU B 201 8.55 -10.35 2.37
CA LEU B 201 8.20 -9.57 3.55
C LEU B 201 6.69 -9.31 3.60
N HIS B 202 6.13 -8.84 2.49
CA HIS B 202 4.69 -8.66 2.41
C HIS B 202 3.97 -10.00 2.52
N GLY B 203 4.50 -11.04 1.86
CA GLY B 203 3.86 -12.33 1.89
C GLY B 203 3.71 -12.89 3.29
N ASP B 204 4.75 -12.71 4.12
CA ASP B 204 4.72 -13.28 5.45
C ASP B 204 3.64 -12.65 6.32
N GLN B 205 3.41 -11.35 6.16
CA GLN B 205 2.36 -10.69 6.93
C GLN B 205 0.99 -11.22 6.55
N PHE B 206 0.77 -11.52 5.28
CA PHE B 206 -0.51 -12.09 4.88
C PHE B 206 -0.65 -13.52 5.38
N LEU B 207 0.44 -14.30 5.33
CA LEU B 207 0.40 -15.65 5.86
C LEU B 207 0.17 -15.63 7.38
N LYS B 208 0.78 -14.66 8.08
CA LYS B 208 0.49 -14.50 9.49
C LYS B 208 -1.00 -14.23 9.71
N ALA B 209 -1.58 -13.35 8.90
CA ALA B 209 -3.02 -13.09 9.00
C ALA B 209 -3.82 -14.37 8.82
N ILE B 210 -3.52 -15.14 7.78
CA ILE B 210 -4.26 -16.38 7.52
C ILE B 210 -4.20 -17.29 8.74
N ASP B 211 -3.01 -17.45 9.32
CA ASP B 211 -2.87 -18.35 10.46
C ASP B 211 -3.66 -17.84 11.66
N ILE B 212 -3.69 -16.52 11.86
CA ILE B 212 -4.49 -15.96 12.94
C ILE B 212 -5.97 -16.30 12.76
N VAL B 213 -6.44 -16.30 11.52
CA VAL B 213 -7.85 -16.56 11.27
C VAL B 213 -8.15 -18.05 11.31
N LEU B 214 -7.25 -18.89 10.77
CA LEU B 214 -7.47 -20.33 10.84
C LEU B 214 -7.52 -20.79 12.28
N GLU B 215 -6.63 -20.27 13.13
CA GLU B 215 -6.68 -20.62 14.55
C GLU B 215 -7.99 -20.16 15.19
N ALA B 216 -8.46 -18.96 14.82
CA ALA B 216 -9.67 -18.43 15.42
C ALA B 216 -10.89 -19.25 15.04
N VAL B 217 -10.95 -19.73 13.79
CA VAL B 217 -12.10 -20.52 13.36
C VAL B 217 -12.16 -21.84 14.12
N SER B 218 -11.02 -22.49 14.32
CA SER B 218 -11.00 -23.70 15.12
C SER B 218 -11.47 -23.42 16.54
N LEU B 219 -10.96 -22.34 17.14
CA LEU B 219 -11.43 -21.95 18.47
C LEU B 219 -12.92 -21.64 18.46
N HIS B 220 -13.43 -21.09 17.35
CA HIS B 220 -14.85 -20.74 17.30
C HIS B 220 -15.72 -21.99 17.21
N ILE B 221 -15.28 -22.99 16.46
CA ILE B 221 -16.02 -24.25 16.41
C ILE B 221 -16.01 -24.91 17.78
N GLU B 222 -14.85 -24.92 18.45
CA GLU B 222 -14.78 -25.45 19.80
C GLU B 222 -15.70 -24.68 20.75
N ARG B 223 -15.86 -23.38 20.52
CA ARG B 223 -16.76 -22.59 21.36
C ARG B 223 -18.20 -23.07 21.21
N PHE B 224 -18.61 -23.42 19.99
CA PHE B 224 -19.95 -23.97 19.79
C PHE B 224 -20.06 -25.37 20.40
N ALA B 225 -18.99 -26.16 20.31
CA ALA B 225 -18.99 -27.48 20.93
C ALA B 225 -19.26 -27.34 22.44
N ALA B 226 -18.55 -26.42 23.10
CA ALA B 226 -18.77 -26.20 24.52
C ALA B 226 -20.20 -25.74 24.78
N LEU B 227 -20.75 -24.90 23.90
CA LEU B 227 -22.13 -24.45 24.06
C LEU B 227 -23.11 -25.62 23.96
N ALA B 228 -22.88 -26.53 23.02
CA ALA B 228 -23.76 -27.68 22.88
C ALA B 228 -23.75 -28.54 24.13
N ARG B 229 -22.56 -28.81 24.69
CA ARG B 229 -22.49 -29.59 25.92
C ARG B 229 -23.21 -28.87 27.06
N GLU B 230 -23.04 -27.55 27.15
CA GLU B 230 -23.71 -26.79 28.20
C GLU B 230 -25.22 -26.96 28.09
N MET B 231 -25.77 -26.80 26.88
CA MET B 231 -27.20 -26.91 26.69
C MET B 231 -27.68 -28.35 26.86
N ALA B 232 -26.85 -29.32 26.46
CA ALA B 232 -27.24 -30.73 26.63
C ALA B 232 -27.45 -31.09 28.09
N ALA B 233 -26.68 -30.49 29.00
CA ALA B 233 -26.82 -30.81 30.42
C ALA B 233 -28.13 -30.29 30.99
N THR B 234 -28.71 -29.25 30.39
CA THR B 234 -29.97 -28.68 30.87
C THR B 234 -31.17 -29.03 30.00
N GLU B 235 -30.96 -29.70 28.86
CA GLU B 235 -32.07 -30.12 28.01
C GLU B 235 -32.71 -31.38 28.58
N SER B 236 -33.99 -31.29 28.95
CA SER B 236 -34.68 -32.42 29.56
C SER B 236 -35.11 -33.46 28.53
N ARG B 237 -35.39 -33.05 27.30
CA ARG B 237 -35.85 -33.97 26.27
C ARG B 237 -34.70 -34.85 25.81
N VAL B 238 -34.84 -36.16 26.01
CA VAL B 238 -33.75 -37.09 25.67
C VAL B 238 -33.36 -36.95 24.20
N SER B 239 -34.35 -36.88 23.31
CA SER B 239 -34.04 -36.79 21.89
C SER B 239 -33.18 -35.58 21.59
N ARG B 240 -33.55 -34.41 22.12
CA ARG B 240 -32.77 -33.20 21.85
C ARG B 240 -31.42 -33.25 22.56
N ARG B 241 -31.38 -33.81 23.77
CA ARG B 241 -30.11 -33.93 24.48
C ARG B 241 -29.09 -34.70 23.64
N ASP B 242 -29.47 -35.88 23.15
CA ASP B 242 -28.54 -36.68 22.36
C ASP B 242 -28.05 -35.91 21.14
N GLU B 243 -28.96 -35.17 20.48
CA GLU B 243 -28.55 -34.38 19.33
C GLU B 243 -27.50 -33.35 19.73
N LEU B 244 -27.73 -32.64 20.83
CA LEU B 244 -26.76 -31.64 21.28
C LEU B 244 -25.41 -32.27 21.57
N LEU B 245 -25.40 -33.46 22.17
CA LEU B 245 -24.13 -34.15 22.38
C LEU B 245 -23.52 -34.58 21.05
N ALA B 246 -24.35 -35.05 20.12
CA ALA B 246 -23.85 -35.37 18.78
C ALA B 246 -23.30 -34.13 18.09
N ILE B 247 -23.96 -32.99 18.28
CA ILE B 247 -23.47 -31.74 17.72
C ILE B 247 -22.13 -31.37 18.34
N ALA B 248 -22.00 -31.53 19.66
CA ALA B 248 -20.74 -31.19 20.33
C ALA B 248 -19.60 -32.07 19.82
N GLU B 249 -19.87 -33.36 19.63
CA GLU B 249 -18.84 -34.27 19.13
C GLU B 249 -18.46 -33.92 17.69
N ASN B 250 -19.45 -33.61 16.85
CA ASN B 250 -19.15 -33.19 15.48
C ASN B 250 -18.24 -31.98 15.47
N CYS B 251 -18.59 -30.95 16.26
CA CYS B 251 -17.78 -29.74 16.29
C CYS B 251 -16.35 -30.04 16.75
N ASP B 252 -16.20 -30.85 17.81
CA ASP B 252 -14.87 -31.23 18.27
C ASP B 252 -14.05 -31.83 17.14
N ALA B 253 -14.66 -32.71 16.35
CA ALA B 253 -13.94 -33.37 15.26
C ALA B 253 -13.50 -32.37 14.20
N ILE B 254 -14.46 -31.62 13.64
CA ILE B 254 -14.17 -30.75 12.51
C ILE B 254 -13.46 -29.47 12.90
N ALA B 255 -13.29 -29.22 14.20
CA ALA B 255 -12.48 -28.08 14.62
C ALA B 255 -11.02 -28.24 14.22
N HIS B 256 -10.56 -29.48 14.03
CA HIS B 256 -9.16 -29.74 13.72
C HIS B 256 -8.99 -30.77 12.61
N GLU B 257 -9.67 -31.93 12.73
CA GLU B 257 -9.44 -33.03 11.81
C GLU B 257 -10.38 -32.93 10.60
N PRO B 258 -10.06 -33.61 9.51
CA PRO B 258 -10.96 -33.64 8.36
C PRO B 258 -12.24 -34.39 8.70
N PRO B 259 -13.38 -33.94 8.19
CA PRO B 259 -14.64 -34.61 8.54
C PRO B 259 -14.63 -36.08 8.15
N LYS B 260 -15.34 -36.89 8.96
CA LYS B 260 -15.47 -38.32 8.71
C LYS B 260 -16.88 -38.74 8.33
N THR B 261 -17.91 -37.98 8.68
CA THR B 261 -19.28 -38.31 8.39
C THR B 261 -19.92 -37.22 7.54
N PHE B 262 -21.11 -37.53 6.99
CA PHE B 262 -21.83 -36.56 6.19
C PHE B 262 -22.28 -35.37 7.05
N TRP B 263 -22.82 -35.66 8.23
CA TRP B 263 -23.24 -34.59 9.13
C TRP B 263 -22.06 -33.68 9.48
N GLN B 264 -20.89 -34.27 9.75
CA GLN B 264 -19.72 -33.46 10.09
C GLN B 264 -19.29 -32.61 8.90
N ALA B 265 -19.21 -33.21 7.71
CA ALA B 265 -18.76 -32.46 6.54
C ALA B 265 -19.70 -31.30 6.23
N LEU B 266 -21.01 -31.54 6.32
CA LEU B 266 -21.98 -30.48 6.05
C LEU B 266 -21.88 -29.36 7.08
N GLN B 267 -21.72 -29.71 8.36
CA GLN B 267 -21.56 -28.69 9.39
C GLN B 267 -20.29 -27.87 9.17
N LEU B 268 -19.20 -28.53 8.75
CA LEU B 268 -17.97 -27.81 8.49
C LEU B 268 -18.14 -26.86 7.32
N CYS B 269 -18.76 -27.34 6.23
CA CYS B 269 -18.98 -26.48 5.07
C CYS B 269 -19.83 -25.27 5.44
N TYR B 270 -20.82 -25.46 6.30
CA TYR B 270 -21.65 -24.32 6.70
C TYR B 270 -20.87 -23.34 7.56
N PHE B 271 -20.08 -23.85 8.51
CA PHE B 271 -19.22 -22.97 9.31
C PHE B 271 -18.43 -22.04 8.41
N ILE B 272 -17.83 -22.59 7.35
CA ILE B 272 -17.07 -21.75 6.42
C ILE B 272 -18.00 -20.75 5.76
N GLN B 273 -19.10 -21.23 5.18
CA GLN B 273 -20.09 -20.34 4.56
C GLN B 273 -20.50 -19.23 5.52
N LEU B 274 -20.69 -19.57 6.79
CA LEU B 274 -21.13 -18.60 7.78
C LEU B 274 -20.05 -17.55 8.03
N ILE B 275 -18.86 -18.00 8.46
CA ILE B 275 -17.83 -17.06 8.87
C ILE B 275 -17.38 -16.19 7.71
N LEU B 276 -17.46 -16.71 6.48
CA LEU B 276 -17.18 -15.87 5.32
C LEU B 276 -18.08 -14.63 5.32
N GLN B 277 -19.34 -14.81 5.74
CA GLN B 277 -20.30 -13.71 5.75
C GLN B 277 -20.35 -13.01 7.10
N ILE B 278 -19.42 -13.32 8.00
CA ILE B 278 -19.17 -12.49 9.17
C ILE B 278 -17.98 -11.58 8.96
N GLU B 279 -16.93 -12.08 8.30
CA GLU B 279 -15.76 -11.24 8.01
C GLU B 279 -16.03 -10.25 6.89
N SER B 280 -16.94 -10.58 5.98
CA SER B 280 -17.30 -9.72 4.86
C SER B 280 -18.81 -9.77 4.67
N ASN B 281 -19.40 -8.64 4.31
CA ASN B 281 -20.82 -8.57 3.98
C ASN B 281 -21.07 -8.76 2.49
N GLY B 282 -20.06 -9.15 1.72
CA GLY B 282 -20.31 -9.52 0.34
C GLY B 282 -21.34 -10.63 0.26
N HIS B 283 -22.21 -10.53 -0.74
CA HIS B 283 -23.25 -11.53 -0.93
C HIS B 283 -22.89 -12.43 -2.10
N SER B 284 -23.83 -13.31 -2.47
CA SER B 284 -23.62 -14.32 -3.49
C SER B 284 -22.48 -15.27 -3.11
N VAL B 285 -22.29 -15.50 -1.81
CA VAL B 285 -21.38 -16.54 -1.34
C VAL B 285 -22.04 -17.89 -1.63
N SER B 286 -21.33 -18.74 -2.39
CA SER B 286 -21.93 -19.92 -2.98
C SER B 286 -21.23 -21.20 -2.51
N PHE B 287 -21.99 -22.30 -2.52
CA PHE B 287 -21.48 -23.62 -2.16
C PHE B 287 -20.87 -24.37 -3.33
N ALA B 288 -21.13 -23.95 -4.56
CA ALA B 288 -20.61 -24.64 -5.75
C ALA B 288 -21.21 -26.05 -5.75
N ARG B 289 -20.46 -27.06 -6.19
CA ARG B 289 -21.02 -28.38 -6.48
C ARG B 289 -21.08 -29.23 -5.22
N MET B 290 -22.05 -28.89 -4.35
CA MET B 290 -22.19 -29.61 -3.09
C MET B 290 -22.56 -31.08 -3.32
N ASP B 291 -23.36 -31.35 -4.35
CA ASP B 291 -23.74 -32.73 -4.62
C ASP B 291 -22.55 -33.58 -5.03
N GLN B 292 -21.42 -32.97 -5.37
CA GLN B 292 -20.21 -33.70 -5.74
C GLN B 292 -19.27 -33.89 -4.55
N TYR B 293 -18.87 -32.79 -3.90
CA TYR B 293 -17.84 -32.92 -2.87
C TYR B 293 -18.36 -33.45 -1.54
N LEU B 294 -19.67 -33.51 -1.34
CA LEU B 294 -20.23 -34.16 -0.17
C LEU B 294 -20.77 -35.55 -0.47
N TYR B 295 -20.62 -36.05 -1.69
CA TYR B 295 -21.22 -37.32 -2.05
C TYR B 295 -20.48 -38.51 -1.44
N PRO B 296 -19.15 -38.49 -1.33
CA PRO B 296 -18.48 -39.63 -0.67
C PRO B 296 -18.99 -39.89 0.73
N TYR B 297 -19.33 -38.83 1.48
CA TYR B 297 -19.88 -39.01 2.81
C TYR B 297 -21.32 -39.53 2.75
N TYR B 298 -22.12 -38.98 1.83
CA TYR B 298 -23.48 -39.47 1.65
C TYR B 298 -23.48 -40.95 1.29
N ARG B 299 -22.69 -41.33 0.29
CA ARG B 299 -22.62 -42.73 -0.13
C ARG B 299 -22.31 -43.64 1.05
N ARG B 300 -21.27 -43.31 1.82
CA ARG B 300 -20.87 -44.14 2.95
C ARG B 300 -21.97 -44.20 4.00
N ASP B 301 -22.51 -43.06 4.39
CA ASP B 301 -23.43 -43.01 5.52
C ASP B 301 -24.82 -43.53 5.18
N VAL B 302 -25.27 -43.31 3.95
CA VAL B 302 -26.63 -43.67 3.56
C VAL B 302 -26.67 -45.00 2.80
N GLU B 303 -25.84 -45.13 1.76
CA GLU B 303 -25.97 -46.24 0.83
C GLU B 303 -25.22 -47.49 1.28
N LEU B 304 -24.01 -47.33 1.81
CA LEU B 304 -23.15 -48.48 2.11
C LEU B 304 -23.33 -48.95 3.56
N ASN B 305 -23.07 -48.08 4.52
CA ASN B 305 -23.12 -48.46 5.93
C ASN B 305 -24.48 -48.25 6.56
N GLN B 306 -25.34 -47.43 5.95
CA GLN B 306 -26.68 -47.19 6.45
C GLN B 306 -26.67 -46.62 7.87
N SER B 307 -25.60 -45.91 8.23
CA SER B 307 -25.59 -45.19 9.49
C SER B 307 -26.59 -44.04 9.50
N LEU B 308 -27.03 -43.61 8.32
CA LEU B 308 -28.03 -42.57 8.16
C LEU B 308 -29.07 -43.04 7.15
N ASP B 309 -30.32 -42.67 7.38
CA ASP B 309 -31.35 -42.86 6.38
C ASP B 309 -31.39 -41.65 5.45
N ARG B 310 -31.80 -41.88 4.21
CA ARG B 310 -31.91 -40.78 3.25
C ARG B 310 -32.76 -39.65 3.81
N GLU B 311 -33.82 -39.98 4.54
CA GLU B 311 -34.68 -38.95 5.13
C GLU B 311 -33.93 -38.10 6.14
N HIS B 312 -33.00 -38.71 6.89
CA HIS B 312 -32.19 -37.93 7.82
C HIS B 312 -31.33 -36.91 7.07
N VAL B 313 -30.81 -37.28 5.91
CA VAL B 313 -30.00 -36.36 5.12
C VAL B 313 -30.83 -35.15 4.70
N ILE B 314 -32.07 -35.38 4.26
CA ILE B 314 -32.94 -34.27 3.88
C ILE B 314 -33.16 -33.34 5.06
N GLU B 315 -33.40 -33.91 6.25
CA GLU B 315 -33.53 -33.08 7.45
C GLU B 315 -32.29 -32.24 7.67
N LEU B 316 -31.11 -32.85 7.54
CA LEU B 316 -29.87 -32.09 7.72
C LEU B 316 -29.74 -30.98 6.68
N LEU B 317 -30.05 -31.30 5.42
CA LEU B 317 -30.04 -30.28 4.38
C LEU B 317 -31.03 -29.15 4.69
N HIS B 318 -32.24 -29.50 5.14
CA HIS B 318 -33.20 -28.49 5.55
C HIS B 318 -32.61 -27.61 6.65
N SER B 319 -31.97 -28.24 7.65
CA SER B 319 -31.30 -27.47 8.69
C SER B 319 -30.33 -26.46 8.10
N CYS B 320 -29.48 -26.91 7.17
CA CYS B 320 -28.54 -26.00 6.53
C CYS B 320 -29.28 -24.90 5.77
N TRP B 321 -30.29 -25.28 4.98
CA TRP B 321 -30.99 -24.29 4.17
C TRP B 321 -31.57 -23.18 5.03
N LEU B 322 -32.13 -23.52 6.20
CA LEU B 322 -32.74 -22.49 7.04
C LEU B 322 -31.69 -21.61 7.69
N LYS B 323 -30.52 -22.17 8.03
CA LYS B 323 -29.43 -21.31 8.50
C LYS B 323 -29.03 -20.32 7.41
N LEU B 324 -29.06 -20.75 6.15
CA LEU B 324 -28.77 -19.82 5.06
C LEU B 324 -29.80 -18.71 4.99
N LEU B 325 -31.06 -19.04 5.26
CA LEU B 325 -32.10 -18.01 5.30
C LEU B 325 -31.91 -17.07 6.49
N GLU B 326 -31.25 -17.52 7.55
CA GLU B 326 -30.99 -16.65 8.69
C GLU B 326 -29.99 -15.56 8.34
N VAL B 327 -29.07 -15.83 7.39
CA VAL B 327 -28.11 -14.80 7.00
C VAL B 327 -28.87 -13.62 6.42
N ASN B 328 -28.50 -12.41 6.86
CA ASN B 328 -29.17 -11.20 6.44
C ASN B 328 -28.14 -10.13 6.14
N LYS B 329 -28.59 -9.09 5.43
CA LYS B 329 -27.71 -8.00 5.01
C LYS B 329 -28.53 -6.74 4.84
N ILE B 330 -28.01 -5.62 5.34
CA ILE B 330 -28.68 -4.34 5.25
C ILE B 330 -27.97 -3.50 4.19
N ARG B 331 -28.76 -2.83 3.35
CA ARG B 331 -28.27 -1.96 2.30
C ARG B 331 -28.88 -0.59 2.45
N SER B 332 -28.30 0.39 1.76
CA SER B 332 -28.87 1.73 1.78
C SER B 332 -30.29 1.70 1.23
N GLY B 333 -30.99 2.82 1.41
CA GLY B 333 -32.33 2.93 0.86
C GLY B 333 -32.34 2.82 -0.65
N SER B 334 -31.36 3.43 -1.30
CA SER B 334 -31.31 3.43 -2.76
C SER B 334 -30.84 2.10 -3.32
N HIS B 335 -29.75 1.55 -2.75
CA HIS B 335 -29.22 0.29 -3.25
C HIS B 335 -30.17 -0.87 -2.98
N SER B 336 -31.04 -0.76 -1.98
CA SER B 336 -32.00 -1.83 -1.70
C SER B 336 -33.01 -2.00 -2.82
N LYS B 337 -33.26 -0.95 -3.61
CA LYS B 337 -34.24 -1.04 -4.68
C LYS B 337 -33.75 -1.92 -5.82
N ALA B 338 -32.44 -2.01 -6.03
CA ALA B 338 -31.88 -2.98 -6.95
C ALA B 338 -31.77 -4.36 -6.34
N SER B 339 -31.98 -4.48 -5.03
CA SER B 339 -31.93 -5.77 -4.36
C SER B 339 -33.25 -6.07 -3.66
N ALA B 340 -34.32 -6.18 -4.45
CA ALA B 340 -35.64 -6.36 -3.86
C ALA B 340 -35.77 -7.73 -3.20
N GLY B 341 -36.28 -7.75 -1.97
CA GLY B 341 -36.47 -8.97 -1.24
C GLY B 341 -35.37 -9.36 -0.28
N SER B 342 -34.49 -8.43 0.07
CA SER B 342 -33.33 -8.66 0.93
C SER B 342 -32.61 -9.97 0.57
N PRO B 343 -32.13 -10.10 -0.66
CA PRO B 343 -31.53 -11.36 -1.07
C PRO B 343 -30.07 -11.47 -0.68
N LEU B 344 -29.62 -12.72 -0.52
CA LEU B 344 -28.20 -13.01 -0.33
C LEU B 344 -27.63 -13.97 -1.36
N TYR B 345 -28.46 -14.51 -2.25
CA TYR B 345 -28.04 -15.27 -3.42
C TYR B 345 -27.04 -16.36 -3.08
N GLN B 346 -27.29 -17.08 -1.99
CA GLN B 346 -26.44 -18.19 -1.60
C GLN B 346 -26.77 -19.40 -2.47
N ASN B 347 -25.92 -19.64 -3.48
CA ASN B 347 -26.20 -20.60 -4.53
C ASN B 347 -25.67 -21.98 -4.20
N VAL B 348 -26.42 -23.00 -4.61
CA VAL B 348 -25.99 -24.39 -4.55
C VAL B 348 -26.14 -24.98 -5.95
N THR B 349 -25.08 -25.64 -6.44
CA THR B 349 -25.05 -26.22 -7.77
C THR B 349 -25.14 -27.74 -7.67
N ILE B 350 -25.99 -28.34 -8.50
CA ILE B 350 -26.08 -29.79 -8.62
C ILE B 350 -26.11 -30.15 -10.09
N GLY B 351 -25.87 -31.44 -10.37
CA GLY B 351 -25.90 -31.93 -11.73
C GLY B 351 -24.56 -31.73 -12.43
N GLY B 352 -24.62 -31.65 -13.75
CA GLY B 352 -23.43 -31.43 -14.56
C GLY B 352 -22.71 -32.72 -14.89
N GLN B 353 -21.42 -32.58 -15.18
CA GLN B 353 -20.59 -33.69 -15.59
C GLN B 353 -19.31 -33.73 -14.74
N LYS B 354 -18.62 -34.86 -14.85
CA LYS B 354 -17.33 -35.04 -14.20
C LYS B 354 -16.42 -35.79 -15.17
N LEU B 355 -15.11 -35.67 -14.94
CA LEU B 355 -14.12 -36.38 -15.75
C LEU B 355 -13.65 -37.61 -14.99
N VAL B 356 -13.65 -38.75 -15.67
CA VAL B 356 -13.13 -40.01 -15.13
C VAL B 356 -12.05 -40.47 -16.09
N ASN B 357 -10.79 -40.38 -15.65
CA ASN B 357 -9.65 -40.75 -16.49
C ASN B 357 -9.60 -39.88 -17.74
N GLY B 358 -9.90 -38.59 -17.58
CA GLY B 358 -9.90 -37.66 -18.68
C GLY B 358 -11.16 -37.66 -19.53
N GLU B 359 -12.09 -38.60 -19.31
CA GLU B 359 -13.28 -38.70 -20.15
C GLU B 359 -14.53 -38.24 -19.41
N PRO B 360 -15.42 -37.49 -20.07
CA PRO B 360 -16.57 -36.93 -19.36
C PRO B 360 -17.70 -37.94 -19.18
N MET B 361 -18.34 -37.86 -18.01
CA MET B 361 -19.51 -38.69 -17.67
C MET B 361 -20.53 -37.83 -16.94
N ASP B 362 -21.77 -38.28 -16.86
CA ASP B 362 -22.81 -37.59 -16.10
C ASP B 362 -22.46 -37.61 -14.62
N ALA B 363 -22.59 -36.47 -13.95
CA ALA B 363 -22.22 -36.33 -12.56
C ALA B 363 -23.40 -36.47 -11.60
N VAL B 364 -24.63 -36.53 -12.11
CA VAL B 364 -25.80 -36.68 -11.25
C VAL B 364 -25.64 -37.94 -10.40
N ASN B 365 -25.92 -37.82 -9.10
CA ASN B 365 -25.82 -38.94 -8.20
C ASN B 365 -26.95 -38.88 -7.18
N PRO B 366 -27.11 -39.90 -6.32
CA PRO B 366 -28.21 -39.86 -5.34
C PRO B 366 -28.26 -38.57 -4.53
N LEU B 367 -27.11 -38.02 -4.15
CA LEU B 367 -27.12 -36.78 -3.40
C LEU B 367 -27.67 -35.62 -4.22
N SER B 368 -27.43 -35.62 -5.53
CA SER B 368 -28.08 -34.65 -6.41
C SER B 368 -29.60 -34.71 -6.24
N TYR B 369 -30.16 -35.93 -6.26
CA TYR B 369 -31.60 -36.08 -6.09
C TYR B 369 -32.04 -35.64 -4.71
N ALA B 370 -31.30 -36.05 -3.66
CA ALA B 370 -31.68 -35.69 -2.31
C ALA B 370 -31.65 -34.19 -2.08
N ILE B 371 -30.71 -33.49 -2.72
CA ILE B 371 -30.65 -32.04 -2.59
C ILE B 371 -31.83 -31.39 -3.31
N LEU B 372 -32.08 -31.82 -4.55
CA LEU B 372 -33.21 -31.30 -5.30
C LEU B 372 -34.53 -31.55 -4.58
N GLU B 373 -34.69 -32.75 -4.01
CA GLU B 373 -35.93 -33.06 -3.31
C GLU B 373 -36.08 -32.22 -2.04
N SER B 374 -34.97 -32.01 -1.31
CA SER B 374 -35.04 -31.26 -0.05
C SER B 374 -35.47 -29.82 -0.31
N CYS B 375 -35.04 -29.24 -1.43
CA CYS B 375 -35.45 -27.88 -1.76
C CYS B 375 -36.92 -27.84 -2.18
N GLY B 376 -37.40 -28.89 -2.84
CA GLY B 376 -38.81 -28.94 -3.22
C GLY B 376 -39.74 -29.00 -2.04
N ARG B 377 -39.31 -29.65 -0.95
CA ARG B 377 -40.14 -29.75 0.24
C ARG B 377 -40.15 -28.46 1.04
N LEU B 378 -39.03 -27.71 1.03
CA LEU B 378 -38.89 -26.53 1.88
C LEU B 378 -39.40 -25.27 1.19
N ARG B 379 -39.16 -25.15 -0.12
CA ARG B 379 -39.70 -24.04 -0.92
C ARG B 379 -39.32 -22.69 -0.32
N SER B 380 -38.02 -22.52 -0.08
CA SER B 380 -37.48 -21.31 0.52
C SER B 380 -36.67 -20.52 -0.50
N THR B 381 -36.32 -19.29 -0.14
CA THR B 381 -35.52 -18.45 -1.02
C THR B 381 -34.07 -18.89 -1.05
N GLN B 382 -33.60 -19.54 0.02
CA GLN B 382 -32.25 -20.08 0.07
C GLN B 382 -32.32 -21.59 0.30
N PRO B 383 -31.47 -22.38 -0.36
CA PRO B 383 -30.44 -21.96 -1.32
C PRO B 383 -31.01 -21.53 -2.67
N ASN B 384 -30.18 -20.82 -3.44
CA ASN B 384 -30.49 -20.48 -4.83
C ASN B 384 -30.01 -21.66 -5.68
N LEU B 385 -30.90 -22.63 -5.89
CA LEU B 385 -30.52 -23.90 -6.50
C LEU B 385 -30.38 -23.76 -8.01
N SER B 386 -29.20 -24.10 -8.53
CA SER B 386 -28.94 -24.08 -9.97
C SER B 386 -28.54 -25.48 -10.41
N VAL B 387 -29.12 -25.92 -11.53
CA VAL B 387 -28.84 -27.24 -12.11
C VAL B 387 -28.01 -27.06 -13.36
N ARG B 388 -26.92 -27.81 -13.46
CA ARG B 388 -26.05 -27.80 -14.63
C ARG B 388 -26.60 -28.78 -15.66
N TYR B 389 -27.18 -28.25 -16.74
CA TYR B 389 -27.69 -29.11 -17.79
C TYR B 389 -26.56 -29.57 -18.70
N HIS B 390 -26.71 -30.79 -19.21
CA HIS B 390 -25.86 -31.29 -20.28
C HIS B 390 -26.65 -32.34 -21.05
N ALA B 391 -26.21 -32.59 -22.28
CA ALA B 391 -26.94 -33.51 -23.16
C ALA B 391 -27.15 -34.86 -22.51
N GLY B 392 -26.18 -35.33 -21.74
CA GLY B 392 -26.25 -36.65 -21.13
C GLY B 392 -27.18 -36.75 -19.93
N MET B 393 -27.69 -35.63 -19.43
CA MET B 393 -28.59 -35.70 -18.28
C MET B 393 -29.82 -36.51 -18.63
N SER B 394 -30.23 -37.38 -17.72
CA SER B 394 -31.31 -38.32 -17.97
C SER B 394 -32.67 -37.62 -17.90
N ASN B 395 -33.62 -38.17 -18.65
CA ASN B 395 -35.00 -37.66 -18.57
C ASN B 395 -35.53 -37.78 -17.15
N ASP B 396 -35.16 -38.85 -16.44
CA ASP B 396 -35.61 -39.03 -15.06
C ASP B 396 -35.23 -37.83 -14.20
N PHE B 397 -33.96 -37.42 -14.25
CA PHE B 397 -33.52 -36.31 -13.44
C PHE B 397 -34.12 -35.00 -13.95
N LEU B 398 -34.20 -34.82 -15.26
CA LEU B 398 -34.83 -33.63 -15.81
C LEU B 398 -36.31 -33.58 -15.45
N ASP B 399 -36.95 -34.75 -15.40
CA ASP B 399 -38.35 -34.80 -14.94
C ASP B 399 -38.43 -34.42 -13.47
N ALA B 400 -37.52 -34.94 -12.64
CA ALA B 400 -37.50 -34.57 -11.23
C ALA B 400 -37.30 -33.07 -11.06
N CYS B 401 -36.61 -32.43 -12.00
CA CYS B 401 -36.40 -30.98 -11.91
C CYS B 401 -37.69 -30.22 -12.17
N VAL B 402 -38.46 -30.65 -13.18
CA VAL B 402 -39.73 -29.99 -13.46
C VAL B 402 -40.69 -30.18 -12.28
N GLN B 403 -40.65 -31.35 -11.65
CA GLN B 403 -41.48 -31.57 -10.47
C GLN B 403 -41.27 -30.47 -9.44
N VAL B 404 -40.02 -30.03 -9.26
CA VAL B 404 -39.75 -28.99 -8.28
C VAL B 404 -40.12 -27.61 -8.83
N ILE B 405 -39.97 -27.40 -10.15
CA ILE B 405 -40.38 -26.13 -10.74
C ILE B 405 -41.87 -25.91 -10.52
N ARG B 406 -42.66 -26.98 -10.54
CA ARG B 406 -44.09 -26.86 -10.32
C ARG B 406 -44.44 -26.52 -8.87
N CYS B 407 -43.48 -26.53 -7.96
CA CYS B 407 -43.75 -26.14 -6.58
C CYS B 407 -43.89 -24.63 -6.44
N GLY B 408 -43.60 -23.87 -7.48
CA GLY B 408 -43.98 -22.46 -7.52
C GLY B 408 -43.15 -21.53 -6.68
N PHE B 409 -41.85 -21.82 -6.50
CA PHE B 409 -40.96 -20.88 -5.83
C PHE B 409 -39.73 -20.54 -6.67
N GLY B 410 -39.74 -20.90 -7.95
CA GLY B 410 -38.76 -20.38 -8.90
C GLY B 410 -37.57 -21.26 -9.19
N MET B 411 -37.52 -22.47 -8.63
CA MET B 411 -36.33 -23.31 -8.69
C MET B 411 -36.70 -24.72 -9.11
N PRO B 412 -35.74 -25.48 -9.66
CA PRO B 412 -34.38 -25.03 -9.97
C PRO B 412 -34.26 -24.18 -11.23
N ALA B 413 -33.26 -23.30 -11.26
CA ALA B 413 -32.84 -22.64 -12.48
C ALA B 413 -31.83 -23.53 -13.21
N PHE B 414 -31.53 -23.17 -14.45
CA PHE B 414 -30.69 -23.99 -15.30
C PHE B 414 -29.52 -23.20 -15.85
N ASN B 415 -28.32 -23.78 -15.75
CA ASN B 415 -27.15 -23.38 -16.52
C ASN B 415 -26.87 -24.51 -17.52
N ASN B 416 -25.98 -24.22 -18.49
CA ASN B 416 -25.83 -25.06 -19.66
C ASN B 416 -24.37 -25.38 -19.92
N ASP B 417 -23.96 -26.62 -19.60
CA ASP B 417 -22.59 -27.05 -19.90
C ASP B 417 -22.28 -26.93 -21.38
N GLU B 418 -23.30 -27.09 -22.24
CA GLU B 418 -23.07 -27.12 -23.68
C GLU B 418 -22.53 -25.81 -24.23
N ILE B 419 -22.60 -24.72 -23.47
CA ILE B 419 -21.98 -23.46 -23.83
C ILE B 419 -20.90 -23.05 -22.84
N VAL B 420 -21.09 -23.33 -21.55
CA VAL B 420 -20.14 -22.87 -20.54
C VAL B 420 -18.79 -23.56 -20.71
N ILE B 421 -18.80 -24.89 -20.83
CA ILE B 421 -17.55 -25.64 -20.90
C ILE B 421 -16.73 -25.27 -22.13
N PRO B 422 -17.30 -25.28 -23.35
CA PRO B 422 -16.48 -24.92 -24.51
C PRO B 422 -15.89 -23.52 -24.43
N GLU B 423 -16.65 -22.54 -23.93
CA GLU B 423 -16.17 -21.17 -23.93
C GLU B 423 -15.16 -20.92 -22.82
N PHE B 424 -15.37 -21.51 -21.64
CA PHE B 424 -14.37 -21.42 -20.59
C PHE B 424 -13.03 -21.97 -21.07
N ILE B 425 -13.05 -23.13 -21.72
CA ILE B 425 -11.81 -23.68 -22.27
C ILE B 425 -11.22 -22.74 -23.30
N LYS B 426 -12.06 -22.17 -24.17
CA LYS B 426 -11.57 -21.20 -25.14
C LYS B 426 -10.86 -20.04 -24.45
N LEU B 427 -11.42 -19.55 -23.34
CA LEU B 427 -10.82 -18.42 -22.64
C LEU B 427 -9.46 -18.77 -22.04
N GLY B 428 -9.26 -20.03 -21.67
CA GLY B 428 -8.01 -20.45 -21.06
C GLY B 428 -8.21 -21.16 -19.74
N VAL B 429 -9.45 -21.53 -19.43
CA VAL B 429 -9.70 -22.37 -18.27
C VAL B 429 -9.25 -23.79 -18.59
N GLU B 430 -8.48 -24.39 -17.68
CA GLU B 430 -8.00 -25.75 -17.90
C GLU B 430 -9.18 -26.72 -17.95
N LYS B 431 -9.03 -27.75 -18.77
CA LYS B 431 -10.14 -28.66 -19.05
C LYS B 431 -10.74 -29.23 -17.76
N GLU B 432 -9.88 -29.74 -16.86
CA GLU B 432 -10.39 -30.29 -15.61
C GLU B 432 -11.16 -29.26 -14.83
N ASP B 433 -10.71 -28.00 -14.85
CA ASP B 433 -11.43 -26.95 -14.11
C ASP B 433 -12.72 -26.56 -14.82
N ALA B 434 -12.70 -26.50 -16.15
CA ALA B 434 -13.89 -26.08 -16.88
C ALA B 434 -15.05 -27.03 -16.64
N TYR B 435 -14.78 -28.34 -16.61
CA TYR B 435 -15.83 -29.31 -16.35
C TYR B 435 -16.35 -29.25 -14.93
N ASP B 436 -15.59 -28.67 -13.99
CA ASP B 436 -16.00 -28.58 -12.60
C ASP B 436 -16.50 -27.17 -12.25
N TYR B 437 -16.98 -26.42 -13.24
CA TYR B 437 -17.48 -25.08 -12.95
C TYR B 437 -18.76 -25.17 -12.14
N ALA B 438 -19.16 -24.04 -11.57
CA ALA B 438 -20.36 -23.97 -10.76
C ALA B 438 -21.07 -22.65 -11.01
N ALA B 439 -22.33 -22.60 -10.60
CA ALA B 439 -23.08 -21.35 -10.62
C ALA B 439 -22.77 -20.54 -9.38
N ILE B 440 -22.62 -19.24 -9.56
CA ILE B 440 -22.34 -18.30 -8.48
C ILE B 440 -23.50 -17.33 -8.38
N GLY B 441 -23.96 -17.08 -7.15
CA GLY B 441 -25.04 -16.15 -6.89
C GLY B 441 -26.30 -16.44 -7.68
N CYS B 442 -26.47 -15.75 -8.81
CA CYS B 442 -27.67 -15.89 -9.61
C CYS B 442 -27.44 -16.83 -10.80
N ILE B 443 -26.92 -16.24 -11.92
CA ILE B 443 -26.75 -17.03 -13.18
C ILE B 443 -25.28 -17.11 -13.58
N GLU B 444 -24.44 -16.27 -13.00
CA GLU B 444 -22.99 -16.22 -13.32
C GLU B 444 -22.29 -17.54 -12.99
N THR B 445 -21.23 -17.85 -13.73
CA THR B 445 -20.53 -19.11 -13.55
C THR B 445 -19.05 -18.86 -13.31
N ALA B 446 -18.43 -19.77 -12.57
CA ALA B 446 -17.00 -19.73 -12.26
C ALA B 446 -16.57 -21.12 -11.80
N VAL B 447 -15.26 -21.29 -11.68
CA VAL B 447 -14.69 -22.53 -11.15
C VAL B 447 -14.59 -22.35 -9.63
N GLY B 448 -15.49 -23.00 -8.91
CA GLY B 448 -15.51 -22.88 -7.46
C GLY B 448 -14.18 -23.20 -6.83
N GLY B 449 -13.73 -22.34 -5.92
CA GLY B 449 -12.49 -22.56 -5.20
C GLY B 449 -11.23 -22.19 -5.95
N LYS B 450 -11.33 -21.62 -7.16
CA LYS B 450 -10.15 -21.27 -7.93
C LYS B 450 -10.30 -19.97 -8.69
N TRP B 451 -11.27 -19.14 -8.34
CA TRP B 451 -11.66 -17.97 -9.12
C TRP B 451 -11.72 -16.74 -8.24
N GLY B 452 -11.37 -15.60 -8.83
CA GLY B 452 -11.46 -14.34 -8.12
C GLY B 452 -12.91 -13.95 -7.87
N TYR B 453 -13.07 -12.76 -7.29
CA TYR B 453 -14.41 -12.27 -6.99
C TYR B 453 -15.14 -11.87 -8.27
N ARG B 454 -16.47 -11.81 -8.15
CA ARG B 454 -17.31 -11.07 -9.09
C ARG B 454 -17.13 -11.54 -10.54
N CYS B 455 -17.26 -12.85 -10.76
CA CYS B 455 -17.41 -13.33 -12.13
C CYS B 455 -18.44 -12.49 -12.88
N THR B 456 -19.47 -12.01 -12.17
CA THR B 456 -20.23 -10.84 -12.57
C THR B 456 -20.52 -10.03 -11.31
N GLY B 457 -20.98 -8.80 -11.51
CA GLY B 457 -21.37 -7.96 -10.39
C GLY B 457 -20.58 -6.67 -10.27
N MET B 458 -19.94 -6.28 -11.37
CA MET B 458 -19.18 -5.03 -11.39
C MET B 458 -20.11 -3.86 -11.69
N SER B 459 -19.63 -2.87 -12.42
CA SER B 459 -20.38 -1.62 -12.57
C SER B 459 -21.58 -1.81 -13.50
N PHE B 460 -22.60 -0.96 -13.28
CA PHE B 460 -23.82 -0.99 -14.06
C PHE B 460 -23.83 0.18 -15.04
N ILE B 461 -24.06 -0.13 -16.31
CA ILE B 461 -24.26 0.87 -17.35
C ILE B 461 -25.72 0.81 -17.78
N ASN B 462 -26.38 1.97 -17.84
CA ASN B 462 -27.76 2.07 -18.28
C ASN B 462 -27.74 2.27 -19.79
N PHE B 463 -27.94 1.18 -20.54
CA PHE B 463 -27.88 1.25 -22.00
C PHE B 463 -28.94 2.22 -22.55
N ALA B 464 -30.11 2.25 -21.94
CA ALA B 464 -31.19 3.09 -22.47
C ALA B 464 -30.82 4.57 -22.40
N ARG B 465 -30.25 5.01 -21.28
CA ARG B 465 -29.89 6.43 -21.14
C ARG B 465 -28.77 6.81 -22.10
N VAL B 466 -27.81 5.90 -22.31
CA VAL B 466 -26.75 6.16 -23.29
C VAL B 466 -27.35 6.27 -24.69
N MET B 467 -28.31 5.40 -25.00
CA MET B 467 -28.95 5.44 -26.31
C MET B 467 -29.67 6.76 -26.52
N LEU B 468 -30.44 7.20 -25.52
CA LEU B 468 -31.09 8.51 -25.60
C LEU B 468 -30.07 9.61 -25.86
N ALA B 469 -28.92 9.55 -25.19
CA ALA B 469 -27.88 10.54 -25.42
C ALA B 469 -27.32 10.44 -26.83
N ALA B 470 -27.16 9.21 -27.34
CA ALA B 470 -26.70 9.05 -28.72
C ALA B 470 -27.71 9.62 -29.71
N LEU B 471 -28.98 9.68 -29.34
CA LEU B 471 -30.04 10.19 -30.20
C LEU B 471 -30.25 11.69 -30.06
N GLU B 472 -29.49 12.37 -29.20
CA GLU B 472 -29.79 13.76 -28.88
C GLU B 472 -28.52 14.48 -28.43
N GLY B 473 -27.55 14.59 -29.34
CA GLY B 473 -26.38 15.42 -29.08
C GLY B 473 -25.61 15.05 -27.83
N GLY B 474 -25.63 13.79 -27.44
CA GLY B 474 -24.90 13.36 -26.26
C GLY B 474 -25.50 13.78 -24.94
N ARG B 475 -26.72 14.33 -24.95
CA ARG B 475 -27.35 14.82 -23.73
C ARG B 475 -28.09 13.70 -23.03
N ASP B 476 -27.82 13.53 -21.74
CA ASP B 476 -28.62 12.63 -20.91
C ASP B 476 -29.92 13.33 -20.57
N ALA B 477 -31.05 12.72 -20.96
CA ALA B 477 -32.34 13.37 -20.77
C ALA B 477 -32.65 13.58 -19.30
N THR B 478 -32.30 12.60 -18.45
CA THR B 478 -32.63 12.70 -17.04
C THR B 478 -31.90 13.86 -16.37
N SER B 479 -30.58 13.92 -16.54
CA SER B 479 -29.76 14.91 -15.84
C SER B 479 -29.55 16.18 -16.64
N GLY B 480 -29.60 16.10 -17.97
CA GLY B 480 -29.32 17.23 -18.82
C GLY B 480 -27.85 17.42 -19.16
N LYS B 481 -26.96 16.71 -18.49
CA LYS B 481 -25.54 16.87 -18.72
C LYS B 481 -25.12 16.15 -20.00
N VAL B 482 -24.16 16.73 -20.71
CA VAL B 482 -23.64 16.17 -21.96
C VAL B 482 -22.22 15.69 -21.72
N PHE B 483 -22.08 14.42 -21.33
CA PHE B 483 -20.76 13.92 -20.95
C PHE B 483 -19.86 13.76 -22.17
N LEU B 484 -20.42 13.38 -23.31
CA LEU B 484 -19.67 13.30 -24.56
C LEU B 484 -20.42 14.08 -25.63
N PRO B 485 -20.03 15.33 -25.89
CA PRO B 485 -20.73 16.11 -26.92
C PRO B 485 -20.70 15.43 -28.28
N GLN B 486 -21.78 15.60 -29.03
CA GLN B 486 -21.84 15.20 -30.43
C GLN B 486 -22.81 16.15 -31.13
N GLU B 487 -22.65 16.25 -32.44
CA GLU B 487 -23.42 17.23 -33.20
C GLU B 487 -24.79 16.72 -33.64
N LYS B 488 -24.92 15.42 -33.89
CA LYS B 488 -26.16 14.88 -34.44
C LYS B 488 -27.17 14.63 -33.33
N ALA B 489 -28.42 15.01 -33.60
CA ALA B 489 -29.51 14.91 -32.64
C ALA B 489 -30.83 14.93 -33.38
N LEU B 490 -31.83 14.24 -32.82
CA LEU B 490 -33.15 14.22 -33.43
C LEU B 490 -33.75 15.62 -33.46
N SER B 491 -33.63 16.37 -32.37
CA SER B 491 -34.15 17.73 -32.33
C SER B 491 -33.58 18.57 -33.47
N ALA B 492 -32.34 18.29 -33.88
CA ALA B 492 -31.76 18.97 -35.03
C ALA B 492 -32.17 18.34 -36.35
N GLY B 493 -32.58 17.07 -36.34
CA GLY B 493 -32.96 16.41 -37.58
C GLY B 493 -31.85 16.31 -38.58
N ASN B 494 -30.60 16.12 -38.12
CA ASN B 494 -29.44 16.09 -39.00
C ASN B 494 -28.83 14.69 -39.12
N PHE B 495 -29.52 13.66 -38.63
CA PHE B 495 -29.15 12.28 -38.98
C PHE B 495 -29.54 12.03 -40.43
N GLY B 496 -28.56 11.67 -41.25
CA GLY B 496 -28.81 11.43 -42.66
C GLY B 496 -29.14 9.98 -42.95
N ASN B 497 -28.60 9.07 -42.14
CA ASN B 497 -28.86 7.65 -42.24
C ASN B 497 -29.26 7.12 -40.87
N PHE B 498 -29.74 5.87 -40.84
CA PHE B 498 -29.73 5.13 -39.60
C PHE B 498 -28.32 4.64 -39.26
N ASP B 499 -27.46 4.51 -40.27
CA ASP B 499 -26.05 4.22 -40.00
C ASP B 499 -25.44 5.28 -39.11
N GLU B 500 -25.79 6.55 -39.35
CA GLU B 500 -25.29 7.63 -38.51
C GLU B 500 -25.78 7.50 -37.08
N VAL B 501 -27.00 7.01 -36.88
CA VAL B 501 -27.49 6.75 -35.54
C VAL B 501 -26.64 5.68 -34.86
N MET B 502 -26.18 4.70 -35.62
CA MET B 502 -25.41 3.60 -35.03
C MET B 502 -23.97 4.02 -34.72
N THR B 503 -23.37 4.85 -35.58
CA THR B 503 -22.07 5.41 -35.22
C THR B 503 -22.17 6.26 -33.96
N ALA B 504 -23.26 7.02 -33.83
CA ALA B 504 -23.48 7.79 -32.61
C ALA B 504 -23.55 6.88 -31.40
N TRP B 505 -24.37 5.82 -31.48
CA TRP B 505 -24.41 4.85 -30.40
C TRP B 505 -23.04 4.24 -30.14
N ASP B 506 -22.35 3.83 -31.20
CA ASP B 506 -21.05 3.19 -31.04
C ASP B 506 -20.07 4.12 -30.32
N THR B 507 -20.00 5.38 -30.76
CA THR B 507 -19.05 6.31 -30.18
C THR B 507 -19.43 6.68 -28.75
N GLN B 508 -20.73 6.76 -28.46
CA GLN B 508 -21.15 7.09 -27.10
C GLN B 508 -20.91 5.93 -26.14
N ILE B 509 -21.25 4.71 -26.56
CA ILE B 509 -21.09 3.57 -25.66
C ILE B 509 -19.61 3.27 -25.43
N ARG B 510 -18.74 3.63 -26.39
CA ARG B 510 -17.31 3.45 -26.17
C ARG B 510 -16.81 4.42 -25.10
N TYR B 511 -17.36 5.63 -25.06
CA TYR B 511 -16.97 6.58 -24.02
C TYR B 511 -17.41 6.08 -22.65
N TYR B 512 -18.69 5.77 -22.49
CA TYR B 512 -19.20 5.31 -21.20
C TYR B 512 -18.53 4.01 -20.77
N THR B 513 -18.14 3.17 -21.73
CA THR B 513 -17.43 1.94 -21.40
C THR B 513 -16.08 2.25 -20.76
N ARG B 514 -15.33 3.20 -21.33
CA ARG B 514 -14.05 3.57 -20.73
C ARG B 514 -14.24 4.14 -19.34
N LYS B 515 -15.25 5.00 -19.16
CA LYS B 515 -15.51 5.57 -17.84
C LYS B 515 -15.86 4.49 -16.83
N SER B 516 -16.71 3.53 -17.22
CA SER B 516 -17.07 2.46 -16.31
C SER B 516 -15.83 1.72 -15.82
N ILE B 517 -14.87 1.49 -16.72
CA ILE B 517 -13.68 0.74 -16.34
C ILE B 517 -12.76 1.59 -15.47
N GLU B 518 -12.66 2.89 -15.77
CA GLU B 518 -11.90 3.78 -14.90
C GLU B 518 -12.48 3.79 -13.50
N ILE B 519 -13.81 3.81 -13.40
CA ILE B 519 -14.46 3.80 -12.09
C ILE B 519 -14.16 2.51 -11.35
N GLU B 520 -14.22 1.37 -12.06
CA GLU B 520 -13.96 0.10 -11.41
C GLU B 520 -12.52 0.01 -10.92
N TYR B 521 -11.58 0.60 -11.66
CA TYR B 521 -10.18 0.54 -11.25
C TYR B 521 -9.96 1.24 -9.92
N VAL B 522 -10.66 2.36 -9.70
CA VAL B 522 -10.58 3.03 -8.41
C VAL B 522 -11.18 2.14 -7.31
N VAL B 523 -12.38 1.61 -7.57
CA VAL B 523 -13.11 0.89 -6.52
C VAL B 523 -12.40 -0.42 -6.19
N ASP B 524 -11.98 -1.17 -7.21
CA ASP B 524 -11.25 -2.41 -6.95
C ASP B 524 -9.99 -2.16 -6.14
N THR B 525 -9.25 -1.10 -6.48
CA THR B 525 -7.99 -0.83 -5.78
C THR B 525 -8.23 -0.39 -4.35
N MET B 526 -9.32 0.33 -4.09
CA MET B 526 -9.64 0.71 -2.71
C MET B 526 -10.10 -0.49 -1.89
N LEU B 527 -10.78 -1.46 -2.53
CA LEU B 527 -11.06 -2.72 -1.86
C LEU B 527 -9.78 -3.51 -1.63
N GLU B 528 -8.88 -3.51 -2.61
CA GLU B 528 -7.64 -4.27 -2.49
C GLU B 528 -6.83 -3.78 -1.29
N GLU B 529 -6.72 -2.47 -1.11
CA GLU B 529 -5.80 -1.90 -0.13
C GLU B 529 -6.37 -1.85 1.28
N ASN B 530 -7.69 -1.93 1.45
CA ASN B 530 -8.31 -1.63 2.74
C ASN B 530 -9.10 -2.78 3.36
N VAL B 531 -9.64 -3.70 2.57
CA VAL B 531 -10.56 -4.70 3.12
C VAL B 531 -10.22 -6.11 2.63
N HIS B 532 -9.02 -6.57 2.95
CA HIS B 532 -8.62 -7.93 2.58
C HIS B 532 -9.58 -8.94 3.21
N ASP B 533 -9.92 -9.98 2.44
CA ASP B 533 -10.69 -11.11 2.95
C ASP B 533 -9.70 -12.21 3.31
N ILE B 534 -9.46 -12.37 4.62
CA ILE B 534 -8.42 -13.29 5.07
C ILE B 534 -8.88 -14.74 4.91
N LEU B 535 -10.03 -15.09 5.51
CA LEU B 535 -10.51 -16.46 5.39
C LEU B 535 -10.86 -16.80 3.95
N CYS B 536 -11.55 -15.89 3.25
CA CYS B 536 -11.93 -16.17 1.87
C CYS B 536 -10.71 -16.43 1.01
N SER B 537 -9.69 -15.55 1.11
CA SER B 537 -8.47 -15.75 0.35
C SER B 537 -7.80 -17.07 0.71
N ALA B 538 -7.80 -17.42 2.01
CA ALA B 538 -7.16 -18.66 2.44
C ALA B 538 -7.73 -19.88 1.71
N LEU B 539 -9.01 -19.85 1.35
CA LEU B 539 -9.70 -21.02 0.84
C LEU B 539 -9.92 -20.96 -0.68
N VAL B 540 -9.22 -20.07 -1.37
CA VAL B 540 -9.26 -19.97 -2.83
C VAL B 540 -7.85 -20.23 -3.35
N ASP B 541 -7.73 -21.21 -4.24
CA ASP B 541 -6.44 -21.46 -4.92
C ASP B 541 -6.13 -20.20 -5.74
N ASP B 542 -4.98 -19.57 -5.55
CA ASP B 542 -3.76 -20.16 -4.96
C ASP B 542 -3.19 -19.12 -4.00
N CYS B 543 -4.03 -18.54 -3.16
CA CYS B 543 -3.60 -17.40 -2.37
C CYS B 543 -2.54 -17.77 -1.34
N ILE B 544 -2.67 -18.94 -0.69
CA ILE B 544 -1.68 -19.34 0.32
C ILE B 544 -0.30 -19.41 -0.31
N GLU B 545 -0.18 -20.14 -1.42
CA GLU B 545 1.13 -20.30 -2.07
C GLU B 545 1.67 -18.95 -2.52
N ARG B 546 0.81 -18.07 -3.01
CA ARG B 546 1.23 -16.75 -3.47
C ARG B 546 1.32 -15.74 -2.34
N ALA B 547 0.75 -16.03 -1.17
CA ALA B 547 0.85 -15.18 0.01
C ALA B 547 0.30 -13.79 -0.25
N LYS B 548 -0.91 -13.73 -0.81
CA LYS B 548 -1.60 -12.46 -1.00
C LYS B 548 -3.07 -12.74 -1.23
N SER B 549 -3.87 -11.68 -1.12
CA SER B 549 -5.32 -11.81 -1.18
C SER B 549 -5.81 -12.04 -2.61
N ILE B 550 -7.06 -12.49 -2.71
CA ILE B 550 -7.69 -12.62 -4.03
C ILE B 550 -7.62 -11.31 -4.78
N LYS B 551 -7.90 -10.20 -4.09
CA LYS B 551 -7.93 -8.90 -4.74
C LYS B 551 -6.54 -8.44 -5.18
N GLN B 552 -5.48 -9.07 -4.70
CA GLN B 552 -4.11 -8.76 -5.11
C GLN B 552 -3.60 -9.66 -6.22
N GLY B 553 -4.38 -10.65 -6.64
CA GLY B 553 -4.00 -11.58 -7.67
C GLY B 553 -3.76 -13.00 -7.20
N GLY B 554 -4.33 -13.41 -6.06
CA GLY B 554 -4.05 -14.73 -5.52
C GLY B 554 -4.77 -15.86 -6.19
N ALA B 555 -5.89 -15.58 -6.85
CA ALA B 555 -6.72 -16.63 -7.43
C ALA B 555 -6.11 -17.18 -8.71
N LYS B 556 -6.33 -18.47 -8.95
CA LYS B 556 -5.83 -19.11 -10.17
C LYS B 556 -6.46 -18.49 -11.42
N TYR B 557 -7.74 -18.11 -11.33
CA TYR B 557 -8.44 -17.48 -12.44
C TYR B 557 -9.06 -16.16 -11.98
N ASP B 558 -9.14 -15.20 -12.90
CA ASP B 558 -9.73 -13.91 -12.56
C ASP B 558 -10.33 -13.30 -13.83
N TRP B 559 -11.63 -13.49 -14.01
CA TRP B 559 -12.43 -12.77 -15.01
C TRP B 559 -13.64 -12.17 -14.31
N VAL B 560 -14.00 -10.95 -14.69
CA VAL B 560 -15.17 -10.27 -14.13
C VAL B 560 -15.99 -9.66 -15.26
N SER B 561 -17.20 -9.23 -14.92
CA SER B 561 -18.08 -8.59 -15.87
C SER B 561 -18.99 -7.61 -15.13
N GLY B 562 -19.26 -6.47 -15.76
CA GLY B 562 -20.27 -5.55 -15.29
C GLY B 562 -21.66 -5.99 -15.76
N LEU B 563 -22.63 -5.11 -15.55
CA LEU B 563 -24.02 -5.38 -15.89
C LEU B 563 -24.52 -4.31 -16.86
N GLN B 564 -25.01 -4.76 -18.01
CA GLN B 564 -25.61 -3.89 -19.00
C GLN B 564 -27.13 -3.95 -18.83
N VAL B 565 -27.74 -2.81 -18.52
CA VAL B 565 -29.15 -2.74 -18.16
C VAL B 565 -29.92 -2.03 -19.27
N GLY B 566 -31.11 -2.56 -19.57
CA GLY B 566 -31.94 -1.99 -20.62
C GLY B 566 -31.72 -2.67 -21.96
N ILE B 567 -31.65 -4.00 -21.94
CA ILE B 567 -31.30 -4.74 -23.14
C ILE B 567 -32.44 -4.69 -24.16
N ALA B 568 -33.62 -5.18 -23.76
CA ALA B 568 -34.76 -5.17 -24.68
C ALA B 568 -35.11 -3.75 -25.10
N ASN B 569 -34.90 -2.77 -24.23
CA ASN B 569 -35.28 -1.39 -24.56
C ASN B 569 -34.36 -0.81 -25.63
N LEU B 570 -33.05 -1.10 -25.54
CA LEU B 570 -32.13 -0.63 -26.56
C LEU B 570 -32.52 -1.14 -27.93
N GLY B 571 -32.65 -2.46 -28.06
CA GLY B 571 -33.00 -3.04 -29.35
C GLY B 571 -34.32 -2.53 -29.87
N ASN B 572 -35.36 -2.60 -29.04
CA ASN B 572 -36.69 -2.15 -29.48
C ASN B 572 -36.67 -0.68 -29.88
N SER B 573 -35.85 0.14 -29.21
CA SER B 573 -35.82 1.56 -29.51
C SER B 573 -35.14 1.84 -30.84
N LEU B 574 -33.97 1.23 -31.06
CA LEU B 574 -33.28 1.43 -32.34
C LEU B 574 -34.10 0.86 -33.49
N ALA B 575 -34.76 -0.27 -33.27
CA ALA B 575 -35.59 -0.86 -34.32
C ALA B 575 -36.75 0.05 -34.69
N ALA B 576 -37.42 0.61 -33.67
CA ALA B 576 -38.50 1.56 -33.95
C ALA B 576 -37.98 2.76 -34.73
N VAL B 577 -36.82 3.28 -34.34
CA VAL B 577 -36.21 4.39 -35.07
C VAL B 577 -35.90 3.98 -36.50
N LYS B 578 -35.18 2.86 -36.66
CA LYS B 578 -34.77 2.42 -37.99
C LYS B 578 -35.97 2.24 -38.91
N LYS B 579 -37.00 1.53 -38.44
CA LYS B 579 -38.14 1.24 -39.30
C LYS B 579 -38.99 2.48 -39.55
N LEU B 580 -39.45 3.13 -38.48
CA LEU B 580 -40.49 4.13 -38.61
C LEU B 580 -39.96 5.50 -39.03
N VAL B 581 -38.70 5.82 -38.70
CA VAL B 581 -38.16 7.14 -39.01
C VAL B 581 -37.43 7.14 -40.35
N PHE B 582 -36.56 6.15 -40.58
CA PHE B 582 -35.65 6.17 -41.72
C PHE B 582 -36.12 5.28 -42.87
N GLU B 583 -36.53 4.05 -42.58
CA GLU B 583 -36.91 3.14 -43.66
C GLU B 583 -38.24 3.55 -44.29
N GLN B 584 -39.18 4.05 -43.48
CA GLN B 584 -40.53 4.35 -43.95
C GLN B 584 -40.84 5.84 -43.99
N GLY B 585 -40.00 6.69 -43.41
CA GLY B 585 -40.28 8.12 -43.39
C GLY B 585 -41.61 8.47 -42.77
N VAL B 586 -42.13 7.62 -41.88
CA VAL B 586 -43.45 7.84 -41.31
C VAL B 586 -43.41 8.76 -40.09
N ILE B 587 -42.29 8.80 -39.37
CA ILE B 587 -42.12 9.67 -38.21
C ILE B 587 -40.91 10.55 -38.45
N GLY B 588 -41.05 11.83 -38.17
CA GLY B 588 -39.95 12.77 -38.35
C GLY B 588 -39.01 12.80 -37.17
N GLN B 589 -37.72 13.03 -37.46
CA GLN B 589 -36.72 13.07 -36.40
C GLN B 589 -37.10 14.10 -35.34
N GLN B 590 -37.40 15.33 -35.76
CA GLN B 590 -37.80 16.37 -34.82
C GLN B 590 -39.14 16.05 -34.18
N GLN B 591 -40.05 15.42 -34.93
CA GLN B 591 -41.32 14.99 -34.36
C GLN B 591 -41.10 14.04 -33.20
N LEU B 592 -40.21 13.05 -33.37
CA LEU B 592 -39.98 12.07 -32.32
C LEU B 592 -39.35 12.72 -31.09
N ALA B 593 -38.37 13.60 -31.30
CA ALA B 593 -37.68 14.21 -30.16
C ALA B 593 -38.65 14.96 -29.27
N ALA B 594 -39.64 15.63 -29.87
CA ALA B 594 -40.60 16.39 -29.07
C ALA B 594 -41.46 15.46 -28.22
N ALA B 595 -41.90 14.34 -28.78
CA ALA B 595 -42.66 13.37 -28.00
C ALA B 595 -41.82 12.80 -26.86
N LEU B 596 -40.53 12.54 -27.12
CA LEU B 596 -39.67 12.01 -26.08
C LEU B 596 -39.43 13.03 -24.98
N ALA B 597 -39.18 14.29 -25.34
CA ALA B 597 -39.01 15.32 -24.33
C ALA B 597 -40.30 15.62 -23.60
N ASP B 598 -41.44 15.48 -24.28
CA ASP B 598 -42.75 15.69 -23.68
C ASP B 598 -43.27 14.48 -22.91
N ASP B 599 -42.54 13.37 -22.93
CA ASP B 599 -42.99 12.12 -22.32
C ASP B 599 -44.35 11.71 -22.88
N PHE B 600 -44.47 11.78 -24.21
CA PHE B 600 -45.66 11.34 -24.93
C PHE B 600 -46.94 11.92 -24.35
N ASP B 601 -46.87 13.14 -23.85
CA ASP B 601 -48.05 13.81 -23.30
C ASP B 601 -48.90 14.38 -24.43
N GLY B 602 -50.21 14.35 -24.22
CA GLY B 602 -51.13 14.83 -25.24
C GLY B 602 -51.60 13.72 -26.16
N LEU B 603 -52.85 13.85 -26.61
CA LEU B 603 -53.43 12.84 -27.49
C LEU B 603 -52.59 12.63 -28.73
N THR B 604 -52.13 13.72 -29.36
CA THR B 604 -51.31 13.62 -30.55
C THR B 604 -50.09 12.74 -30.30
N HIS B 605 -49.36 12.98 -29.21
CA HIS B 605 -48.17 12.20 -28.92
C HIS B 605 -48.52 10.78 -28.45
N GLU B 606 -49.70 10.61 -27.83
CA GLU B 606 -50.03 9.30 -27.27
C GLU B 606 -50.27 8.26 -28.35
N GLN B 607 -50.79 8.67 -29.50
CA GLN B 607 -50.96 7.73 -30.61
C GLN B 607 -49.69 7.57 -31.44
N LEU B 608 -48.81 8.57 -31.41
CA LEU B 608 -47.46 8.34 -31.93
C LEU B 608 -46.75 7.29 -31.09
N ARG B 609 -46.97 7.31 -29.77
CA ARG B 609 -46.38 6.28 -28.90
C ARG B 609 -46.86 4.89 -29.29
N GLN B 610 -48.16 4.74 -29.55
CA GLN B 610 -48.68 3.43 -29.92
C GLN B 610 -48.14 2.97 -31.27
N ARG B 611 -47.91 3.90 -32.19
CA ARG B 611 -47.25 3.53 -33.44
C ARG B 611 -45.86 2.98 -33.18
N LEU B 612 -45.18 3.47 -32.14
CA LEU B 612 -43.87 2.94 -31.80
C LEU B 612 -43.98 1.56 -31.14
N ILE B 613 -45.02 1.36 -30.34
CA ILE B 613 -45.16 0.10 -29.61
C ILE B 613 -45.56 -1.04 -30.56
N ASN B 614 -46.58 -0.81 -31.38
CA ASN B 614 -47.18 -1.88 -32.18
C ASN B 614 -46.86 -1.80 -33.66
N GLY B 615 -46.23 -0.72 -34.13
CA GLY B 615 -45.90 -0.58 -35.54
C GLY B 615 -44.50 -1.01 -35.91
N ALA B 616 -43.67 -1.38 -34.93
CA ALA B 616 -42.30 -1.80 -35.17
C ALA B 616 -42.00 -3.06 -34.37
N PRO B 617 -41.21 -3.98 -34.93
CA PRO B 617 -41.01 -5.29 -34.28
C PRO B 617 -40.27 -5.17 -32.97
N LYS B 618 -40.48 -6.16 -32.11
CA LYS B 618 -39.95 -6.15 -30.75
C LYS B 618 -39.12 -7.39 -30.50
N TYR B 619 -38.10 -7.20 -29.66
CA TYR B 619 -37.24 -8.30 -29.22
C TYR B 619 -38.06 -9.34 -28.48
N GLY B 620 -37.90 -10.61 -28.88
CA GLY B 620 -38.60 -11.72 -28.26
C GLY B 620 -39.65 -12.38 -29.13
N ASN B 621 -39.82 -11.94 -30.37
CA ASN B 621 -40.76 -12.55 -31.30
C ASN B 621 -40.07 -13.25 -32.46
N ASP B 622 -38.75 -13.47 -32.36
CA ASP B 622 -37.97 -14.18 -33.37
C ASP B 622 -37.90 -13.40 -34.68
N ASP B 623 -38.03 -12.08 -34.62
CA ASP B 623 -37.89 -11.22 -35.78
C ASP B 623 -36.46 -10.71 -35.85
N ASP B 624 -35.77 -11.02 -36.96
CA ASP B 624 -34.37 -10.65 -37.09
C ASP B 624 -34.16 -9.16 -37.25
N SER B 625 -35.12 -8.45 -37.86
CA SER B 625 -34.94 -7.02 -38.11
C SER B 625 -34.65 -6.27 -36.82
N VAL B 626 -35.16 -6.74 -35.69
CA VAL B 626 -34.92 -6.11 -34.40
C VAL B 626 -33.90 -6.88 -33.57
N ASP B 627 -33.99 -8.22 -33.56
CA ASP B 627 -33.09 -9.02 -32.75
C ASP B 627 -31.63 -8.79 -33.14
N MET B 628 -31.32 -8.97 -34.43
CA MET B 628 -29.94 -8.81 -34.88
C MET B 628 -29.45 -7.37 -34.72
N LEU B 629 -30.36 -6.40 -34.71
CA LEU B 629 -29.98 -5.02 -34.43
C LEU B 629 -29.52 -4.86 -32.99
N LEU B 630 -30.24 -5.48 -32.04
CA LEU B 630 -29.81 -5.48 -30.64
C LEU B 630 -28.40 -6.06 -30.51
N THR B 631 -28.18 -7.23 -31.12
CA THR B 631 -26.86 -7.85 -31.09
C THR B 631 -25.80 -6.93 -31.67
N ARG B 632 -26.12 -6.27 -32.79
CA ARG B 632 -25.16 -5.36 -33.41
C ARG B 632 -24.80 -4.21 -32.47
N ALA B 633 -25.80 -3.66 -31.77
CA ALA B 633 -25.52 -2.58 -30.84
C ALA B 633 -24.76 -3.11 -29.61
N TYR B 634 -25.14 -4.30 -29.14
CA TYR B 634 -24.45 -4.89 -28.00
C TYR B 634 -23.00 -5.24 -28.36
N GLN B 635 -22.77 -5.66 -29.60
CA GLN B 635 -21.44 -6.12 -30.00
C GLN B 635 -20.40 -5.02 -29.85
N THR B 636 -20.80 -3.75 -29.99
CA THR B 636 -19.84 -2.67 -29.84
C THR B 636 -19.30 -2.62 -28.42
N TYR B 637 -20.15 -2.80 -27.42
CA TYR B 637 -19.68 -2.89 -26.04
C TYR B 637 -18.75 -4.07 -25.86
N ILE B 638 -19.15 -5.24 -26.37
CA ILE B 638 -18.33 -6.43 -26.24
C ILE B 638 -16.94 -6.19 -26.82
N ASP B 639 -16.87 -5.58 -28.00
CA ASP B 639 -15.57 -5.35 -28.62
C ASP B 639 -14.75 -4.34 -27.83
N GLU B 640 -15.38 -3.27 -27.35
CA GLU B 640 -14.64 -2.25 -26.61
C GLU B 640 -13.99 -2.85 -25.36
N LEU B 641 -14.67 -3.79 -24.71
CA LEU B 641 -14.10 -4.45 -23.54
C LEU B 641 -12.77 -5.11 -23.85
N LYS B 642 -12.52 -5.47 -25.10
CA LYS B 642 -11.28 -6.15 -25.47
C LYS B 642 -10.06 -5.23 -25.37
N GLN B 643 -10.26 -3.93 -25.24
CA GLN B 643 -9.15 -2.99 -25.13
C GLN B 643 -8.58 -2.90 -23.72
N TYR B 644 -9.18 -3.59 -22.75
CA TYR B 644 -8.85 -3.40 -21.35
C TYR B 644 -8.53 -4.73 -20.69
N HIS B 645 -7.84 -4.63 -19.55
CA HIS B 645 -7.61 -5.75 -18.65
C HIS B 645 -8.12 -5.36 -17.27
N ASN B 646 -8.51 -6.35 -16.47
CA ASN B 646 -8.94 -6.04 -15.11
C ASN B 646 -7.71 -5.88 -14.20
N PRO B 647 -7.87 -5.24 -13.05
CA PRO B 647 -6.70 -4.84 -12.26
C PRO B 647 -5.78 -5.97 -11.86
N ARG B 648 -6.25 -7.22 -11.78
CA ARG B 648 -5.38 -8.33 -11.44
C ARG B 648 -4.56 -8.85 -12.63
N TYR B 649 -4.77 -8.29 -13.82
CA TYR B 649 -4.08 -8.78 -15.00
C TYR B 649 -2.57 -8.76 -14.80
N GLY B 650 -1.92 -9.87 -15.12
CA GLY B 650 -0.48 -9.98 -15.04
C GLY B 650 0.08 -10.14 -13.63
N ARG B 651 -0.77 -10.18 -12.61
CA ARG B 651 -0.34 -10.26 -11.23
C ARG B 651 -0.56 -11.65 -10.63
N GLY B 652 -0.69 -12.68 -11.46
CA GLY B 652 -0.83 -14.03 -10.97
C GLY B 652 -1.92 -14.82 -11.69
N PRO B 653 -3.14 -14.32 -11.70
CA PRO B 653 -4.26 -15.10 -12.21
C PRO B 653 -4.23 -15.25 -13.72
N ILE B 654 -4.74 -16.40 -14.18
CA ILE B 654 -4.98 -16.58 -15.60
C ILE B 654 -6.15 -15.70 -16.03
N GLY B 655 -6.05 -15.15 -17.23
CA GLY B 655 -7.09 -14.28 -17.75
C GLY B 655 -6.89 -12.82 -17.41
N GLY B 656 -7.50 -12.37 -16.32
CA GLY B 656 -7.39 -10.97 -15.94
C GLY B 656 -8.09 -10.02 -16.88
N ASN B 657 -9.22 -10.43 -17.43
CA ASN B 657 -9.92 -9.68 -18.47
C ASN B 657 -11.41 -9.53 -18.10
N TYR B 658 -12.15 -8.88 -19.00
CA TYR B 658 -13.57 -8.64 -18.84
C TYR B 658 -14.37 -9.38 -19.90
N TYR B 659 -15.65 -9.62 -19.58
CA TYR B 659 -16.66 -9.93 -20.57
C TYR B 659 -17.98 -9.31 -20.11
N ALA B 660 -19.04 -9.54 -20.88
CA ALA B 660 -20.31 -8.90 -20.64
C ALA B 660 -21.19 -9.75 -19.72
N GLY B 661 -22.28 -9.14 -19.26
CA GLY B 661 -23.24 -9.81 -18.40
C GLY B 661 -24.53 -9.03 -18.27
N THR B 662 -25.65 -9.73 -18.01
CA THR B 662 -26.95 -9.08 -17.90
C THR B 662 -27.71 -9.49 -16.65
N SER B 663 -27.05 -10.14 -15.68
CA SER B 663 -27.70 -10.52 -14.43
C SER B 663 -27.82 -9.27 -13.55
N SER B 664 -28.68 -8.35 -13.99
CA SER B 664 -28.84 -7.05 -13.37
C SER B 664 -29.83 -7.04 -12.21
N ILE B 665 -30.08 -8.21 -11.60
CA ILE B 665 -31.03 -8.37 -10.50
C ILE B 665 -32.24 -7.47 -10.76
N SER B 666 -32.73 -6.76 -9.74
CA SER B 666 -33.91 -5.92 -9.88
C SER B 666 -33.56 -4.47 -10.17
N ALA B 667 -32.40 -4.22 -10.78
CA ALA B 667 -32.01 -2.86 -11.12
C ALA B 667 -32.85 -2.27 -12.24
N ASN B 668 -33.68 -3.07 -12.91
CA ASN B 668 -34.50 -2.54 -14.00
C ASN B 668 -35.49 -1.51 -13.51
N VAL B 669 -35.98 -1.64 -12.28
CA VAL B 669 -37.00 -0.72 -11.75
C VAL B 669 -36.34 0.61 -11.37
N PRO B 670 -35.29 0.62 -10.55
CA PRO B 670 -34.65 1.92 -10.23
C PRO B 670 -34.02 2.58 -11.44
N PHE B 671 -33.35 1.82 -12.29
CA PHE B 671 -32.75 2.40 -13.49
C PHE B 671 -33.82 3.00 -14.40
N GLY B 672 -34.93 2.29 -14.58
CA GLY B 672 -36.02 2.84 -15.36
C GLY B 672 -36.61 4.09 -14.74
N ALA B 673 -36.64 4.15 -13.41
CA ALA B 673 -37.18 5.33 -12.73
C ALA B 673 -36.36 6.57 -13.05
N ALA B 674 -35.08 6.41 -13.39
CA ALA B 674 -34.22 7.52 -13.77
C ALA B 674 -34.00 7.59 -15.27
N THR B 675 -34.84 6.91 -16.05
CA THR B 675 -34.76 6.91 -17.50
C THR B 675 -35.99 7.59 -18.07
N MET B 676 -35.78 8.54 -18.97
CA MET B 676 -36.88 9.26 -19.58
C MET B 676 -37.54 8.40 -20.67
N ALA B 677 -38.57 8.95 -21.30
CA ALA B 677 -39.25 8.24 -22.38
C ALA B 677 -38.26 7.84 -23.45
N THR B 678 -38.45 6.63 -23.99
CA THR B 678 -37.61 6.09 -25.04
C THR B 678 -38.44 5.80 -26.29
N PRO B 679 -37.80 5.65 -27.46
CA PRO B 679 -38.56 5.49 -28.70
C PRO B 679 -39.25 4.14 -28.85
N ASP B 680 -38.99 3.17 -27.98
CA ASP B 680 -39.71 1.91 -28.02
C ASP B 680 -41.12 2.03 -27.47
N GLY B 681 -41.57 3.25 -27.18
CA GLY B 681 -42.90 3.49 -26.65
C GLY B 681 -42.98 3.53 -25.15
N ARG B 682 -41.90 3.19 -24.45
CA ARG B 682 -41.89 3.25 -22.99
C ARG B 682 -41.97 4.70 -22.52
N LYS B 683 -42.77 4.93 -21.49
CA LYS B 683 -42.88 6.26 -20.90
C LYS B 683 -41.83 6.45 -19.82
N ALA B 684 -41.57 7.72 -19.50
CA ALA B 684 -40.52 8.05 -18.55
C ALA B 684 -40.83 7.46 -17.17
N HIS B 685 -39.76 7.11 -16.45
CA HIS B 685 -39.78 6.67 -15.06
C HIS B 685 -40.32 5.26 -14.89
N THR B 686 -40.73 4.59 -15.95
CA THR B 686 -41.26 3.22 -15.83
C THR B 686 -40.13 2.22 -15.95
N PRO B 687 -40.31 1.01 -15.38
CA PRO B 687 -39.22 0.03 -15.39
C PRO B 687 -38.73 -0.27 -16.80
N LEU B 688 -37.45 -0.61 -16.89
CA LEU B 688 -36.90 -1.20 -18.10
C LEU B 688 -37.09 -2.72 -18.04
N ALA B 689 -36.87 -3.38 -19.16
CA ALA B 689 -36.87 -4.83 -19.18
C ALA B 689 -35.75 -5.34 -18.28
N GLU B 690 -36.06 -6.33 -17.43
CA GLU B 690 -35.07 -6.87 -16.52
C GLU B 690 -34.22 -7.92 -17.24
N GLY B 691 -32.95 -8.01 -16.82
CA GLY B 691 -32.05 -8.97 -17.42
C GLY B 691 -32.00 -8.82 -18.92
N ALA B 692 -32.11 -9.96 -19.62
CA ALA B 692 -32.17 -9.99 -21.07
C ALA B 692 -33.54 -10.48 -21.56
N SER B 693 -34.55 -10.46 -20.70
CA SER B 693 -35.87 -10.89 -21.09
C SER B 693 -36.48 -9.90 -22.07
N PRO B 694 -37.43 -10.35 -22.90
CA PRO B 694 -38.20 -9.39 -23.71
C PRO B 694 -38.97 -8.43 -22.81
N ALA B 695 -39.16 -7.21 -23.31
CA ALA B 695 -39.99 -6.25 -22.58
C ALA B 695 -41.37 -6.84 -22.35
N SER B 696 -41.91 -6.62 -21.15
CA SER B 696 -43.14 -7.27 -20.74
C SER B 696 -44.29 -6.93 -21.69
N GLY B 697 -45.07 -7.94 -22.04
CA GLY B 697 -46.23 -7.73 -22.90
C GLY B 697 -45.91 -7.44 -24.34
N THR B 698 -44.68 -7.66 -24.78
CA THR B 698 -44.29 -7.45 -26.17
C THR B 698 -43.98 -8.74 -26.92
N ASP B 699 -43.86 -9.87 -26.21
CA ASP B 699 -43.60 -11.16 -26.83
C ASP B 699 -44.94 -11.88 -26.98
N HIS B 700 -45.49 -11.84 -28.20
CA HIS B 700 -46.81 -12.37 -28.47
C HIS B 700 -46.81 -13.70 -29.20
N LEU B 701 -45.64 -14.28 -29.48
CA LEU B 701 -45.54 -15.51 -30.26
C LEU B 701 -45.13 -16.71 -29.42
N GLY B 702 -45.34 -16.66 -28.11
CA GLY B 702 -45.11 -17.81 -27.26
C GLY B 702 -43.67 -17.98 -26.86
N PRO B 703 -43.40 -18.98 -26.01
CA PRO B 703 -42.02 -19.18 -25.53
C PRO B 703 -41.02 -19.54 -26.62
N THR B 704 -41.42 -20.35 -27.61
CA THR B 704 -40.48 -20.77 -28.64
C THR B 704 -39.91 -19.57 -29.38
N ALA B 705 -40.73 -18.54 -29.61
CA ALA B 705 -40.23 -17.35 -30.27
C ALA B 705 -39.24 -16.58 -29.40
N VAL B 706 -39.42 -16.64 -28.08
CA VAL B 706 -38.50 -15.93 -27.18
C VAL B 706 -37.11 -16.55 -27.25
N ILE B 707 -37.02 -17.87 -27.13
CA ILE B 707 -35.70 -18.51 -27.11
C ILE B 707 -35.03 -18.36 -28.47
N GLY B 708 -35.80 -18.33 -29.55
CA GLY B 708 -35.23 -18.02 -30.85
C GLY B 708 -34.54 -16.67 -30.84
N SER B 709 -35.15 -15.68 -30.20
CA SER B 709 -34.56 -14.35 -30.12
C SER B 709 -33.38 -14.32 -29.15
N VAL B 710 -33.59 -14.85 -27.95
CA VAL B 710 -32.52 -14.83 -26.93
C VAL B 710 -31.27 -15.53 -27.45
N GLY B 711 -31.46 -16.64 -28.18
CA GLY B 711 -30.33 -17.39 -28.69
C GLY B 711 -29.47 -16.64 -29.69
N LYS B 712 -29.97 -15.53 -30.23
CA LYS B 712 -29.23 -14.75 -31.22
C LYS B 712 -28.32 -13.71 -30.60
N LEU B 713 -28.44 -13.45 -29.29
CA LEU B 713 -27.47 -12.61 -28.62
C LEU B 713 -26.10 -13.28 -28.69
N PRO B 714 -25.02 -12.49 -28.58
CA PRO B 714 -23.67 -13.08 -28.56
C PRO B 714 -23.37 -13.77 -27.24
N THR B 715 -24.12 -14.83 -26.95
CA THR B 715 -24.03 -15.49 -25.65
C THR B 715 -22.60 -15.86 -25.30
N GLU B 716 -21.80 -16.25 -26.31
CA GLU B 716 -20.45 -16.71 -26.05
C GLU B 716 -19.57 -15.62 -25.46
N ALA B 717 -19.89 -14.35 -25.73
CA ALA B 717 -19.15 -13.21 -25.20
C ALA B 717 -19.78 -12.64 -23.94
N ILE B 718 -20.90 -13.19 -23.49
CA ILE B 718 -21.60 -12.69 -22.31
C ILE B 718 -21.52 -13.75 -21.22
N LEU B 719 -20.30 -14.09 -20.81
CA LEU B 719 -20.12 -15.14 -19.82
C LEU B 719 -20.50 -14.71 -18.42
N GLY B 720 -20.84 -13.43 -18.22
CA GLY B 720 -21.51 -13.04 -17.01
C GLY B 720 -22.95 -13.52 -16.93
N GLY B 721 -23.52 -13.97 -18.05
CA GLY B 721 -24.82 -14.60 -18.04
C GLY B 721 -25.88 -13.84 -18.81
N VAL B 722 -26.66 -14.57 -19.60
CA VAL B 722 -27.85 -14.05 -20.26
C VAL B 722 -29.05 -14.50 -19.43
N LEU B 723 -29.71 -13.54 -18.77
CA LEU B 723 -30.79 -13.85 -17.84
C LEU B 723 -32.11 -13.87 -18.59
N LEU B 724 -32.78 -15.02 -18.58
CA LEU B 724 -34.09 -15.19 -19.22
C LEU B 724 -35.10 -15.64 -18.18
N ASN B 725 -36.05 -14.76 -17.85
CA ASN B 725 -37.17 -15.13 -17.02
C ASN B 725 -38.27 -15.76 -17.87
N GLN B 726 -39.21 -16.41 -17.18
CA GLN B 726 -40.40 -16.95 -17.84
C GLN B 726 -41.44 -17.24 -16.77
N LYS B 727 -42.69 -16.88 -17.05
CA LYS B 727 -43.79 -17.03 -16.12
C LYS B 727 -44.89 -17.86 -16.76
N LEU B 728 -45.36 -18.87 -16.04
CA LEU B 728 -46.39 -19.77 -16.53
C LEU B 728 -47.51 -19.88 -15.50
N ASN B 729 -48.71 -20.15 -15.97
CA ASN B 729 -49.79 -20.50 -15.06
C ASN B 729 -49.66 -21.97 -14.66
N PRO B 730 -49.91 -22.32 -13.39
CA PRO B 730 -49.76 -23.72 -12.99
C PRO B 730 -50.49 -24.70 -13.87
N SER B 731 -51.65 -24.32 -14.42
CA SER B 731 -52.42 -25.25 -15.24
C SER B 731 -51.68 -25.67 -16.51
N THR B 732 -50.66 -24.91 -16.92
CA THR B 732 -49.90 -25.23 -18.11
C THR B 732 -48.92 -26.38 -17.89
N LEU B 733 -48.90 -27.00 -16.73
CA LEU B 733 -48.04 -28.17 -16.53
C LEU B 733 -48.73 -29.28 -15.74
N GLU B 734 -50.06 -29.32 -15.70
CA GLU B 734 -50.75 -30.38 -14.95
C GLU B 734 -50.64 -31.73 -15.69
N ASN B 735 -50.60 -31.69 -17.02
CA ASN B 735 -50.57 -32.89 -17.85
C ASN B 735 -49.13 -33.24 -18.21
N ASP B 736 -48.79 -34.52 -18.10
CA ASP B 736 -47.47 -34.97 -18.54
C ASP B 736 -47.20 -34.55 -19.98
N SER B 737 -48.25 -34.45 -20.80
CA SER B 737 -48.11 -33.93 -22.15
C SER B 737 -47.36 -32.60 -22.14
N ASP B 738 -47.74 -31.69 -21.24
CA ASP B 738 -47.14 -30.37 -21.21
C ASP B 738 -45.80 -30.36 -20.48
N ARG B 739 -45.64 -31.19 -19.45
CA ARG B 739 -44.35 -31.30 -18.79
C ARG B 739 -43.29 -31.75 -19.79
N GLN B 740 -43.59 -32.77 -20.59
CA GLN B 740 -42.66 -33.19 -21.64
C GLN B 740 -42.46 -32.09 -22.66
N LYS B 741 -43.52 -31.34 -22.97
CA LYS B 741 -43.39 -30.23 -23.90
C LYS B 741 -42.34 -29.23 -23.42
N LEU B 742 -42.23 -29.05 -22.10
CA LEU B 742 -41.23 -28.16 -21.55
C LEU B 742 -39.83 -28.78 -21.59
N MET B 743 -39.73 -30.06 -21.22
CA MET B 743 -38.43 -30.72 -21.18
C MET B 743 -37.76 -30.73 -22.56
N VAL B 744 -38.56 -30.83 -23.63
CA VAL B 744 -37.99 -30.73 -24.97
C VAL B 744 -37.65 -29.29 -25.32
N LEU B 745 -38.45 -28.33 -24.83
CA LEU B 745 -38.10 -26.92 -24.99
C LEU B 745 -36.76 -26.63 -24.32
N LEU B 746 -36.51 -27.22 -23.14
CA LEU B 746 -35.24 -27.02 -22.47
C LEU B 746 -34.09 -27.57 -23.29
N ARG B 747 -34.15 -28.87 -23.63
CA ARG B 747 -33.05 -29.48 -24.37
C ARG B 747 -32.77 -28.74 -25.67
N THR B 748 -33.80 -28.16 -26.29
CA THR B 748 -33.60 -27.45 -27.54
C THR B 748 -32.96 -26.09 -27.33
N PHE B 749 -33.33 -25.40 -26.24
CA PHE B 749 -32.72 -24.11 -25.95
C PHE B 749 -31.23 -24.26 -25.66
N PHE B 750 -30.85 -25.30 -24.92
CA PHE B 750 -29.47 -25.46 -24.48
C PHE B 750 -28.61 -26.14 -25.52
N GLU B 751 -29.17 -27.07 -26.30
CA GLU B 751 -28.38 -27.80 -27.27
C GLU B 751 -28.36 -27.14 -28.64
N VAL B 752 -29.49 -26.60 -29.09
CA VAL B 752 -29.59 -26.01 -30.42
C VAL B 752 -29.16 -24.55 -30.36
N HIS B 753 -29.84 -23.76 -29.54
CA HIS B 753 -29.57 -22.32 -29.47
C HIS B 753 -28.41 -21.97 -28.55
N LYS B 754 -27.88 -22.94 -27.80
CA LYS B 754 -26.78 -22.69 -26.86
C LYS B 754 -27.16 -21.61 -25.86
N GLY B 755 -28.37 -21.73 -25.29
CA GLY B 755 -28.81 -20.78 -24.31
C GLY B 755 -28.02 -20.88 -23.01
N TRP B 756 -27.96 -19.76 -22.30
CA TRP B 756 -27.21 -19.70 -21.05
C TRP B 756 -28.04 -20.16 -19.85
N HIS B 757 -29.30 -19.75 -19.77
CA HIS B 757 -30.06 -19.96 -18.54
C HIS B 757 -31.53 -19.65 -18.77
N ILE B 758 -32.38 -20.35 -18.03
CA ILE B 758 -33.81 -20.07 -17.97
C ILE B 758 -34.29 -20.39 -16.57
N GLN B 759 -35.23 -19.57 -16.08
CA GLN B 759 -35.85 -19.76 -14.77
C GLN B 759 -37.34 -19.51 -14.90
N TYR B 760 -38.12 -20.20 -14.07
CA TYR B 760 -39.56 -20.27 -14.25
C TYR B 760 -40.31 -19.82 -13.01
N ASN B 761 -41.23 -18.88 -13.20
CA ASN B 761 -42.26 -18.57 -12.23
C ASN B 761 -43.52 -19.33 -12.61
N ILE B 762 -44.12 -20.01 -11.63
CA ILE B 762 -45.36 -20.74 -11.82
C ILE B 762 -46.31 -20.32 -10.72
N VAL B 763 -47.32 -19.53 -11.09
CA VAL B 763 -48.17 -18.84 -10.14
C VAL B 763 -49.30 -18.17 -10.90
N SER B 764 -50.50 -18.16 -10.33
CA SER B 764 -51.62 -17.49 -10.96
C SER B 764 -51.58 -16.00 -10.65
N ARG B 765 -52.07 -15.19 -11.60
CA ARG B 765 -52.18 -13.76 -11.33
C ARG B 765 -53.10 -13.48 -10.16
N GLU B 766 -54.08 -14.36 -9.92
CA GLU B 766 -54.99 -14.17 -8.79
C GLU B 766 -54.25 -14.33 -7.46
N THR B 767 -53.34 -15.30 -7.38
CA THR B 767 -52.63 -15.56 -6.13
C THR B 767 -51.80 -14.35 -5.71
N LEU B 768 -51.05 -13.78 -6.64
CA LEU B 768 -50.19 -12.64 -6.30
C LEU B 768 -51.02 -11.42 -5.91
N LEU B 769 -52.23 -11.28 -6.44
CA LEU B 769 -53.08 -10.17 -6.06
C LEU B 769 -53.66 -10.39 -4.66
N ASP B 770 -54.00 -11.64 -4.32
CA ASP B 770 -54.46 -11.94 -2.98
C ASP B 770 -53.32 -11.88 -1.97
N ALA B 771 -52.07 -12.03 -2.42
CA ALA B 771 -50.94 -11.82 -1.53
C ALA B 771 -50.78 -10.34 -1.18
N LYS B 772 -51.11 -9.46 -2.13
CA LYS B 772 -51.16 -8.04 -1.81
C LYS B 772 -52.30 -7.74 -0.84
N LYS B 773 -53.45 -8.38 -1.04
CA LYS B 773 -54.60 -8.12 -0.19
C LYS B 773 -54.31 -8.49 1.26
N HIS B 774 -54.04 -9.78 1.51
CA HIS B 774 -53.90 -10.33 2.86
C HIS B 774 -52.50 -10.90 3.01
N PRO B 775 -51.50 -10.08 3.35
CA PRO B 775 -50.14 -10.60 3.50
C PRO B 775 -50.01 -11.72 4.52
N ASP B 776 -50.63 -11.55 5.68
CA ASP B 776 -50.50 -12.56 6.76
C ASP B 776 -50.94 -13.93 6.23
N GLN B 777 -51.54 -13.94 5.04
CA GLN B 777 -52.02 -15.23 4.48
C GLN B 777 -50.86 -15.92 3.75
N TYR B 778 -50.12 -15.13 2.96
CA TYR B 778 -49.02 -15.64 2.11
C TYR B 778 -47.65 -15.25 2.66
N ARG B 779 -47.35 -15.60 3.91
CA ARG B 779 -46.03 -15.22 4.46
C ARG B 779 -44.93 -16.07 3.82
N ASP B 780 -45.26 -17.28 3.39
CA ASP B 780 -44.29 -18.20 2.81
C ASP B 780 -44.45 -18.34 1.30
N LEU B 781 -45.10 -17.38 0.65
CA LEU B 781 -45.20 -17.37 -0.81
C LEU B 781 -43.89 -16.84 -1.38
N VAL B 782 -43.22 -17.66 -2.18
CA VAL B 782 -41.92 -17.31 -2.77
C VAL B 782 -42.09 -17.07 -4.25
N VAL B 783 -41.29 -16.14 -4.78
CA VAL B 783 -41.42 -15.64 -6.14
C VAL B 783 -40.04 -15.44 -6.74
N ARG B 784 -39.88 -15.83 -8.01
CA ARG B 784 -38.63 -15.62 -8.73
C ARG B 784 -38.56 -14.19 -9.23
N VAL B 785 -37.54 -13.45 -8.82
CA VAL B 785 -37.38 -12.04 -9.26
C VAL B 785 -36.52 -11.97 -10.52
N ALA B 786 -35.20 -11.98 -10.38
CA ALA B 786 -34.28 -11.96 -11.54
C ALA B 786 -32.95 -12.58 -11.14
N GLY B 787 -32.85 -13.89 -11.22
CA GLY B 787 -31.62 -14.60 -10.83
C GLY B 787 -31.76 -15.27 -9.48
N TYR B 788 -32.76 -14.87 -8.69
CA TYR B 788 -32.97 -15.43 -7.34
C TYR B 788 -34.47 -15.37 -6.99
N SER B 789 -34.84 -15.98 -5.86
CA SER B 789 -36.20 -16.01 -5.36
C SER B 789 -36.33 -15.10 -4.15
N ALA B 790 -37.54 -14.60 -3.93
CA ALA B 790 -37.82 -13.75 -2.79
C ALA B 790 -39.24 -14.00 -2.32
N PHE B 791 -39.49 -13.68 -1.05
CA PHE B 791 -40.84 -13.77 -0.50
C PHE B 791 -41.67 -12.60 -1.01
N PHE B 792 -42.81 -12.91 -1.62
CA PHE B 792 -43.60 -11.90 -2.31
C PHE B 792 -44.03 -10.80 -1.35
N THR B 793 -44.39 -11.15 -0.12
CA THR B 793 -44.85 -10.16 0.85
C THR B 793 -43.71 -9.35 1.45
N ALA B 794 -42.46 -9.77 1.26
CA ALA B 794 -41.31 -8.98 1.67
C ALA B 794 -40.86 -8.02 0.57
N LEU B 795 -41.52 -8.03 -0.59
CA LEU B 795 -41.21 -7.12 -1.68
C LEU B 795 -41.95 -5.80 -1.49
N SER B 796 -41.42 -4.75 -2.06
CA SER B 796 -42.13 -3.46 -2.04
C SER B 796 -43.16 -3.48 -3.17
N PRO B 797 -44.26 -2.72 -3.12
CA PRO B 797 -45.24 -2.70 -4.20
C PRO B 797 -44.66 -2.40 -5.59
N ASP B 798 -43.65 -1.54 -5.69
CA ASP B 798 -43.01 -1.28 -6.99
C ASP B 798 -42.50 -2.57 -7.63
N ALA B 799 -41.91 -3.48 -6.86
CA ALA B 799 -41.39 -4.72 -7.46
C ALA B 799 -42.52 -5.74 -7.58
N GLN B 800 -43.48 -5.68 -6.66
CA GLN B 800 -44.61 -6.63 -6.72
C GLN B 800 -45.29 -6.47 -8.07
N ASP B 801 -45.57 -5.23 -8.46
CA ASP B 801 -46.30 -4.99 -9.69
C ASP B 801 -45.47 -5.33 -10.91
N ASP B 802 -44.16 -5.01 -10.89
CA ASP B 802 -43.31 -5.31 -12.04
C ASP B 802 -43.32 -6.80 -12.35
N ILE B 803 -43.40 -7.65 -11.33
CA ILE B 803 -43.51 -9.08 -11.55
C ILE B 803 -44.91 -9.45 -12.04
N ILE B 804 -45.95 -8.80 -11.49
CA ILE B 804 -47.32 -9.07 -11.91
C ILE B 804 -47.50 -8.71 -13.38
N ALA B 805 -46.82 -7.67 -13.85
CA ALA B 805 -46.97 -7.22 -15.22
C ALA B 805 -46.24 -8.10 -16.23
N ARG B 806 -45.43 -9.05 -15.76
CA ARG B 806 -44.66 -9.88 -16.68
C ARG B 806 -45.58 -10.73 -17.54
N THR B 807 -45.10 -11.06 -18.74
CA THR B 807 -45.87 -11.88 -19.67
C THR B 807 -46.15 -13.26 -19.09
N GLU B 808 -47.42 -13.67 -19.15
CA GLU B 808 -47.81 -15.03 -18.79
C GLU B 808 -47.90 -15.85 -20.08
N HIS B 809 -47.11 -16.92 -20.15
CA HIS B 809 -47.01 -17.74 -21.38
C HIS B 809 -47.69 -19.10 -21.24
N THR B 810 -47.99 -19.72 -22.38
CA THR B 810 -48.60 -21.08 -22.40
C THR B 810 -47.73 -21.97 -23.29
N LEU B 811 -47.77 -23.27 -23.06
CA LEU B 811 -47.00 -24.24 -23.89
C LEU B 811 -47.97 -24.88 -24.88
C1 PEG C . -9.45 9.69 13.47
O1 PEG C . -10.73 9.27 13.18
C2 PEG C . -8.50 8.78 12.73
O2 PEG C . -8.07 7.79 13.57
C3 PEG C . -6.87 8.12 14.18
C4 PEG C . -6.91 7.61 15.60
O4 PEG C . -5.72 8.00 16.20
C1 EDO D . -3.38 5.63 -4.66
O1 EDO D . -2.15 5.17 -5.11
C2 EDO D . -4.04 4.59 -3.88
O2 EDO D . -3.84 4.75 -2.52
C1 EDO E . 3.28 -3.98 5.10
O1 EDO E . 2.19 -3.13 5.11
C2 EDO E . 2.96 -5.40 5.12
O2 EDO E . 2.52 -5.83 3.88
C1 EDO F . -25.95 -0.67 -7.85
O1 EDO F . -25.06 0.35 -8.34
C2 EDO F . -25.42 -2.04 -8.23
O2 EDO F . -24.11 -2.22 -7.70
C1 EDO G . -20.46 -30.95 -23.37
O1 EDO G . -20.44 -30.11 -22.23
C2 EDO G . -19.24 -30.66 -24.23
O2 EDO G . -18.06 -30.88 -23.45
#